data_5SWT
#
_entry.id   5SWT
#
_cell.length_a   114.449
_cell.length_b   115.944
_cell.length_c   149.265
_cell.angle_alpha   90.000
_cell.angle_beta   90.000
_cell.angle_gamma   90.000
#
_symmetry.space_group_name_H-M   'P 21 21 21'
#
loop_
_entity.id
_entity.type
_entity.pdbx_description
1 polymer 'Phosphatidylinositol 4,5-bisphosphate 3-kinase catalytic subunit alpha isoform'
2 polymer 'Phosphatidylinositol 3-kinase regulatory subunit alpha'
3 non-polymer pyridin-3-ol
4 non-polymer 3-fluoro-4-methoxyaniline
#
loop_
_entity_poly.entity_id
_entity_poly.type
_entity_poly.pdbx_seq_one_letter_code
_entity_poly.pdbx_strand_id
1 'polypeptide(L)'
;MSYYHHHHHHDYDIPTTENLYFQGAMGSMPPRPS(SEP)GELWGIHLMPPRILVECLLPNGMIVTLECLREATLITIKHE
LFKEARKYPLHQLLQDESSYIFVSVTQEAEREEFFDETRRLCDLRLFQPFLKVIEPVGNREEKILNREIGFAIGMPVCEF
DMVKDPEVQDFRRNILNVCKEAVDLRDLNSPHSRAMYVYPPNVESSPELPKHIYNKLDKGQIIVVIWVIVSPNNDKQKYT
LKINHDCVPEQVIAEAIRKKTRSMLLSSEQLKLCVLEYQGKYILKVCGCDEYFLEKYPLSQYKYIRSCIMLGRMPNLMLM
AKESLYSQLPMDCFTMPSYSRRISTATPYMNGETSTKSLWVINSALRIKILCATYVNVNIRDIDKIYVRTGIYHGGEPLC
DNVNTQRVPCSNPRWNEWLNYDIYIPDLPRAARLCLSICSVKGRKGAKEEHCPLAWGNINLFDYTDTLVSGKMALNLWPV
PHGLEDLLNPIGVTGSNPNKETPCLELEFDWFSSVVKFPDMSVIEEHANWSVSREAGFSYSHAGLSNRLARDNELRENDK
EQLKAISTRDPLSEITEQEKDFLWSHRHYCVTIPEILPKLLLSVKWNSRDEVAQMYCLVKDWPPIKPEQAMELLDCNYPD
PMVRGFAVRCLEKYLTDDKLSQYLIQLVQVLKYEQYLDNLLVRFLLKKALTNQRIGHFFFWHLKSEMHNKTVSQRFGLLL
ESYCRACGMYLKHLNRQVEAMEKLINLTDILKQEKKDETQKVQMKFLVEQMRRPDFMDALQGFLSPLNPAHQLGNLRLEE
CRIMSSAKRPLWLNWENPDIM(SEP)ELLFQNNEIIFKNGDDLRQDMLTLQIIRIMENIWQNQGLDLRMLPYGCLSIGDC
VGLIEVVRNSHTIMQIQCKGGLKGALQFNSHTLHQWLKDKNKGEIYDAAIDLFTRSCAGYCVATFILGIGDRHNSNIMVK
DDGQLFHIDFGHFLDHKKKKFGYKRERVPFVLTQDFLIVISKGAQECTKTREFERFQEMCYKAYLAIRQHANLFINLFSM
MLGSGMPELQSFDDIAYIRKTLALDKTEQEALEYFMKQMNDAHHGGWTTKMDWIFHTIKQHALN
;
A
2 'polypeptide(L)'
;MNNNMSLQDAEWYWGDISREEVNEKLRDTADGTFLVRDASTKMHGDYTLTLRKGGNNKLIKIFHRDGKYGFSDPLTFSSV
VELINHYRNESLAQYNPKLDVKLLYPVSKYQQDQVVKEDNIEAVGKKLHEYNTQFQEKSREYDRLYEEYTRTSQEIQMKR
TAIEAFNETIKIFEEQCQTQERYSKEYIEKFKREGNEKEIQRIMHNYDKLKSRISEIIDSRRRLEEDLKKQAAEYREIDK
RMNSIKPDLIQLRKTRDQYLMWLTQKGVRQKKLNEWLGN
;
B
#
loop_
_chem_comp.id
_chem_comp.type
_chem_comp.name
_chem_comp.formula
71A non-polymer pyridin-3-ol 'C5 H5 N O'
71B non-polymer 3-fluoro-4-methoxyaniline 'C7 H8 F N O'
#
# COMPACT_ATOMS: atom_id res chain seq x y z
N MET A 1 27.12 -38.06 22.23
CA MET A 1 28.04 -36.92 21.92
C MET A 1 28.77 -37.08 20.57
N SER A 2 29.13 -38.35 20.26
CA SER A 2 29.67 -38.84 18.95
C SER A 2 28.89 -38.44 17.70
N TYR A 3 27.66 -37.97 17.90
CA TYR A 3 26.89 -37.27 16.87
C TYR A 3 27.62 -35.98 16.43
N TYR A 4 28.05 -35.19 17.41
CA TYR A 4 28.60 -33.84 17.18
C TYR A 4 30.15 -33.70 17.24
N HIS A 5 30.89 -34.81 17.29
CA HIS A 5 32.36 -34.80 17.48
C HIS A 5 32.80 -34.07 18.78
N HIS A 6 31.98 -34.15 19.82
CA HIS A 6 32.26 -33.50 21.11
C HIS A 6 32.56 -31.99 21.02
N HIS A 7 32.19 -31.33 19.91
CA HIS A 7 32.54 -29.92 19.69
C HIS A 7 31.49 -29.04 20.34
N HIS A 8 31.86 -28.40 21.44
CA HIS A 8 30.94 -27.60 22.24
C HIS A 8 30.65 -26.29 21.52
N HIS A 9 29.56 -25.65 21.91
CA HIS A 9 29.32 -24.23 21.60
C HIS A 9 29.20 -23.52 22.92
N HIS A 10 30.24 -22.79 23.28
CA HIS A 10 30.33 -22.16 24.60
C HIS A 10 29.36 -20.97 24.72
N ASP A 11 29.30 -20.14 23.67
CA ASP A 11 28.40 -18.95 23.62
C ASP A 11 26.92 -19.23 23.93
N TYR A 12 26.41 -20.36 23.42
CA TYR A 12 25.01 -20.77 23.57
C TYR A 12 24.57 -20.89 25.04
N ASP A 13 23.38 -20.39 25.35
CA ASP A 13 22.79 -20.55 26.68
C ASP A 13 21.26 -20.58 26.53
N ILE A 14 20.60 -21.29 27.44
CA ILE A 14 19.11 -21.28 27.51
C ILE A 14 18.47 -20.59 28.74
N PRO A 15 19.26 -20.10 29.73
CA PRO A 15 18.65 -19.14 30.68
C PRO A 15 18.08 -17.88 29.99
N THR A 16 16.89 -18.04 29.42
CA THR A 16 16.27 -17.10 28.45
C THR A 16 17.30 -16.50 27.45
N THR A 17 18.10 -17.41 26.87
CA THR A 17 19.23 -17.11 25.97
C THR A 17 20.09 -15.91 26.37
N PHE A 22 15.28 -14.43 22.12
CA PHE A 22 14.76 -14.58 20.76
C PHE A 22 13.24 -14.71 20.78
N GLN A 23 12.59 -14.39 19.66
CA GLN A 23 11.18 -14.71 19.43
C GLN A 23 11.09 -15.81 18.37
N GLY A 24 11.95 -16.83 18.50
CA GLY A 24 11.86 -18.04 17.71
C GLY A 24 10.93 -19.02 18.40
N ALA A 25 11.24 -19.32 19.67
CA ALA A 25 10.43 -20.24 20.50
C ALA A 25 9.09 -19.60 20.88
N MET A 26 8.00 -20.19 20.38
CA MET A 26 6.66 -19.56 20.36
C MET A 26 6.70 -18.32 19.45
N GLY A 27 7.23 -18.52 18.25
CA GLY A 27 7.57 -17.43 17.32
C GLY A 27 6.44 -16.96 16.42
N SER A 28 5.74 -15.91 16.87
CA SER A 28 4.77 -15.19 16.05
C SER A 28 4.54 -13.79 16.60
N MET A 29 3.82 -12.99 15.82
CA MET A 29 3.20 -11.74 16.27
C MET A 29 4.14 -10.55 16.63
N PRO A 30 4.86 -9.99 15.63
CA PRO A 30 5.70 -8.81 15.90
C PRO A 30 5.22 -7.52 15.19
N PRO A 31 4.33 -6.73 15.83
CA PRO A 31 3.95 -5.39 15.35
C PRO A 31 4.29 -4.18 16.26
N ARG A 32 4.80 -4.41 17.46
CA ARG A 32 4.71 -3.44 18.59
C ARG A 32 5.45 -2.10 18.37
N PRO A 33 5.19 -1.06 19.17
CA PRO A 33 4.09 -0.95 20.15
C PRO A 33 3.26 0.32 19.91
N SER A 34 2.15 0.44 20.64
CA SER A 34 1.28 1.62 20.56
C SER A 34 0.36 1.65 21.78
N SEP A 35 0.34 2.77 22.49
CA SEP A 35 -0.31 2.81 23.81
CB SEP A 35 0.51 3.61 24.82
OG SEP A 35 0.68 2.85 26.04
C SEP A 35 -1.74 3.20 23.76
O SEP A 35 -2.20 3.91 22.85
P SEP A 35 1.20 1.31 26.14
O1P SEP A 35 2.02 1.06 24.89
O2P SEP A 35 -0.06 0.49 26.25
O3P SEP A 35 2.02 1.24 27.40
N GLY A 36 -2.46 2.74 24.79
CA GLY A 36 -3.90 2.60 24.76
C GLY A 36 -4.65 3.74 25.38
N GLU A 37 -5.29 3.45 26.52
CA GLU A 37 -6.29 4.37 27.12
C GLU A 37 -5.71 5.47 27.99
N LEU A 38 -4.56 5.19 28.60
CA LEU A 38 -3.82 6.17 29.39
C LEU A 38 -2.34 5.97 29.03
N TRP A 39 -1.47 6.89 29.46
CA TRP A 39 -0.06 6.78 29.14
C TRP A 39 0.55 5.58 29.88
N GLY A 40 1.22 4.73 29.13
CA GLY A 40 1.96 3.62 29.70
C GLY A 40 1.12 2.46 30.22
N ILE A 41 -0.19 2.48 29.96
CA ILE A 41 -1.10 1.42 30.40
C ILE A 41 -2.22 1.20 29.34
N HIS A 42 -2.40 -0.04 28.88
CA HIS A 42 -3.35 -0.36 27.77
C HIS A 42 -4.82 -0.11 28.08
N LEU A 43 -5.19 -0.34 29.33
CA LEU A 43 -6.59 -0.42 29.73
C LEU A 43 -6.69 0.18 31.11
N MET A 44 -7.36 1.33 31.25
CA MET A 44 -7.33 2.01 32.54
C MET A 44 -8.10 1.20 33.59
N PRO A 45 -7.61 1.20 34.84
CA PRO A 45 -8.25 0.53 35.95
C PRO A 45 -9.77 0.79 36.04
N PRO A 46 -10.56 -0.24 36.41
CA PRO A 46 -12.03 -0.17 36.42
C PRO A 46 -12.63 0.87 37.37
N ARG A 47 -11.89 1.20 38.43
CA ARG A 47 -12.19 2.31 39.31
C ARG A 47 -10.88 3.10 39.44
N ILE A 48 -10.93 4.39 39.09
CA ILE A 48 -9.73 5.24 38.99
C ILE A 48 -9.95 6.61 39.63
N LEU A 49 -8.87 7.15 40.20
CA LEU A 49 -8.91 8.51 40.73
C LEU A 49 -8.48 9.52 39.67
N VAL A 50 -9.23 10.62 39.56
CA VAL A 50 -8.93 11.69 38.60
C VAL A 50 -8.91 13.10 39.23
N GLU A 51 -7.79 13.81 39.05
CA GLU A 51 -7.65 15.18 39.52
C GLU A 51 -8.57 16.09 38.73
N CYS A 52 -9.41 16.84 39.45
CA CYS A 52 -10.28 17.84 38.84
C CYS A 52 -9.84 19.22 39.25
N LEU A 53 -9.10 19.87 38.36
CA LEU A 53 -8.65 21.26 38.55
C LEU A 53 -9.84 22.19 38.24
N LEU A 54 -10.16 23.06 39.20
CA LEU A 54 -11.29 23.98 39.11
C LEU A 54 -10.83 25.40 38.72
N PRO A 55 -11.80 26.32 38.43
CA PRO A 55 -11.46 27.74 38.19
C PRO A 55 -10.98 28.46 39.45
N ASN A 56 -11.56 28.09 40.60
CA ASN A 56 -11.12 28.60 41.90
C ASN A 56 -9.74 28.10 42.37
N GLY A 57 -9.11 27.19 41.61
CA GLY A 57 -7.74 26.74 41.89
C GLY A 57 -7.63 25.51 42.77
N MET A 58 -8.79 24.96 43.16
CA MET A 58 -8.88 23.80 44.05
C MET A 58 -8.76 22.50 43.26
N ILE A 59 -7.92 21.58 43.75
CA ILE A 59 -7.83 20.24 43.21
C ILE A 59 -8.65 19.30 44.10
N VAL A 60 -9.69 18.71 43.51
CA VAL A 60 -10.43 17.61 44.12
C VAL A 60 -10.21 16.37 43.26
N THR A 61 -9.73 15.28 43.86
CA THR A 61 -9.61 14.01 43.14
C THR A 61 -10.81 13.19 43.52
N LEU A 62 -11.55 12.70 42.55
CA LEU A 62 -12.69 11.83 42.85
C LEU A 62 -12.58 10.54 42.07
N GLU A 63 -12.87 9.43 42.75
CA GLU A 63 -12.82 8.13 42.13
C GLU A 63 -13.97 8.06 41.12
N CYS A 64 -13.62 7.72 39.87
CA CYS A 64 -14.59 7.50 38.81
C CYS A 64 -14.45 6.07 38.37
N LEU A 65 -15.53 5.51 37.86
CA LEU A 65 -15.42 4.28 37.11
C LEU A 65 -14.80 4.62 35.73
N ARG A 66 -13.94 3.75 35.21
CA ARG A 66 -13.28 3.99 33.91
C ARG A 66 -14.24 4.35 32.77
N GLU A 67 -15.44 3.78 32.83
CA GLU A 67 -16.43 3.91 31.75
C GLU A 67 -17.41 5.08 31.94
N ALA A 68 -17.19 5.93 32.96
CA ALA A 68 -18.10 7.02 33.30
C ALA A 68 -18.06 8.19 32.31
N THR A 69 -19.24 8.66 31.91
CA THR A 69 -19.33 9.80 31.01
C THR A 69 -18.95 11.11 31.69
N LEU A 70 -18.57 12.09 30.89
CA LEU A 70 -18.21 13.42 31.42
C LEU A 70 -19.41 14.16 32.05
N ILE A 71 -20.62 13.89 31.57
CA ILE A 71 -21.83 14.43 32.20
C ILE A 71 -21.98 13.86 33.59
N THR A 72 -21.69 12.56 33.75
CA THR A 72 -21.70 11.94 35.08
C THR A 72 -20.63 12.57 35.99
N ILE A 73 -19.42 12.74 35.46
CA ILE A 73 -18.28 13.28 36.24
C ILE A 73 -18.44 14.76 36.60
N LYS A 74 -18.91 15.57 35.65
CA LYS A 74 -19.13 17.00 35.93
C LYS A 74 -20.17 17.13 37.04
N HIS A 75 -21.30 16.46 36.85
CA HIS A 75 -22.43 16.46 37.80
C HIS A 75 -21.98 16.08 39.23
N GLU A 76 -21.10 15.10 39.34
CA GLU A 76 -20.54 14.71 40.64
C GLU A 76 -19.46 15.68 41.12
N LEU A 77 -18.66 16.22 40.21
CA LEU A 77 -17.61 17.17 40.57
C LEU A 77 -18.18 18.41 41.26
N PHE A 78 -19.26 18.96 40.69
CA PHE A 78 -19.93 20.14 41.29
C PHE A 78 -20.88 19.81 42.45
N LYS A 79 -21.01 18.54 42.81
CA LYS A 79 -21.52 18.16 44.13
C LYS A 79 -20.34 18.10 45.10
N GLU A 80 -19.26 17.42 44.70
CA GLU A 80 -18.08 17.27 45.58
C GLU A 80 -17.26 18.56 45.76
N ALA A 81 -17.42 19.53 44.86
CA ALA A 81 -16.75 20.83 45.00
C ALA A 81 -17.39 21.73 46.07
N ARG A 82 -18.64 21.44 46.45
CA ARG A 82 -19.29 22.14 47.57
C ARG A 82 -18.56 21.95 48.90
N LYS A 83 -18.05 20.76 49.14
CA LYS A 83 -17.35 20.43 50.39
C LYS A 83 -15.94 21.01 50.44
N TYR A 84 -15.42 21.44 49.30
CA TYR A 84 -14.13 22.15 49.20
C TYR A 84 -14.32 23.68 49.30
N PRO A 85 -13.23 24.44 49.59
CA PRO A 85 -13.41 25.87 49.86
C PRO A 85 -13.54 26.70 48.59
N LEU A 86 -13.95 27.95 48.76
CA LEU A 86 -14.19 28.88 47.66
C LEU A 86 -15.32 28.41 46.71
N HIS A 87 -16.35 27.75 47.27
CA HIS A 87 -17.51 27.28 46.51
C HIS A 87 -18.33 28.41 45.84
N GLN A 88 -18.38 29.57 46.48
CA GLN A 88 -19.07 30.75 45.91
C GLN A 88 -18.38 31.33 44.67
N LEU A 89 -17.09 31.01 44.48
CA LEU A 89 -16.35 31.43 43.27
C LEU A 89 -16.65 30.57 42.01
N LEU A 90 -17.47 29.51 42.13
CA LEU A 90 -17.86 28.70 40.97
C LEU A 90 -19.20 29.15 40.40
N GLN A 91 -19.32 29.11 39.08
CA GLN A 91 -20.60 29.31 38.38
C GLN A 91 -21.39 28.01 38.41
N ASP A 92 -22.61 28.01 37.86
CA ASP A 92 -23.33 26.74 37.61
C ASP A 92 -22.47 25.85 36.70
N GLU A 93 -22.61 24.53 36.85
CA GLU A 93 -21.84 23.57 36.04
C GLU A 93 -22.04 23.76 34.54
N SER A 94 -23.24 24.20 34.14
CA SER A 94 -23.52 24.50 32.72
C SER A 94 -22.62 25.57 32.10
N SER A 95 -22.03 26.45 32.92
CA SER A 95 -21.05 27.45 32.45
C SER A 95 -19.62 26.90 32.28
N TYR A 96 -19.49 25.59 32.03
CA TYR A 96 -18.19 24.94 32.06
C TYR A 96 -18.06 23.74 31.11
N ILE A 97 -16.81 23.45 30.76
CA ILE A 97 -16.45 22.39 29.84
C ILE A 97 -15.15 21.76 30.33
N PHE A 98 -14.92 20.48 30.04
CA PHE A 98 -13.68 19.84 30.45
C PHE A 98 -12.57 20.05 29.43
N VAL A 99 -11.34 20.00 29.91
CA VAL A 99 -10.15 19.95 29.04
C VAL A 99 -9.01 19.23 29.75
N SER A 100 -8.13 18.62 28.96
CA SER A 100 -6.92 17.98 29.50
C SER A 100 -5.94 17.75 28.39
N VAL A 101 -4.70 17.45 28.77
CA VAL A 101 -3.67 17.06 27.81
C VAL A 101 -3.90 15.60 27.44
N THR A 102 -3.99 15.34 26.12
CA THR A 102 -4.17 13.99 25.55
C THR A 102 -2.82 13.32 25.27
N GLN A 103 -2.87 12.08 24.81
CA GLN A 103 -1.66 11.33 24.46
C GLN A 103 -0.90 11.92 23.27
N GLU A 104 -1.59 12.67 22.41
CA GLU A 104 -0.94 13.39 21.32
C GLU A 104 -0.32 14.75 21.76
N ALA A 105 -0.26 15.02 23.06
CA ALA A 105 0.35 16.22 23.63
C ALA A 105 -0.40 17.54 23.34
N GLU A 106 -1.64 17.47 22.85
CA GLU A 106 -2.49 18.65 22.65
C GLU A 106 -3.53 18.68 23.75
N ARG A 107 -4.05 19.88 24.03
CA ARG A 107 -5.00 20.09 25.13
C ARG A 107 -6.44 20.09 24.59
N GLU A 108 -6.97 18.90 24.37
CA GLU A 108 -8.29 18.72 23.73
C GLU A 108 -9.45 19.14 24.63
N GLU A 109 -10.20 20.16 24.20
CA GLU A 109 -11.41 20.57 24.90
C GLU A 109 -12.50 19.52 24.64
N PHE A 110 -13.16 19.07 25.70
CA PHE A 110 -14.11 17.95 25.63
C PHE A 110 -15.56 18.43 25.51
N PHE A 111 -15.97 18.68 24.26
CA PHE A 111 -17.26 19.32 23.94
C PHE A 111 -18.40 18.32 24.04
N ASP A 112 -18.23 17.14 23.45
CA ASP A 112 -19.20 16.04 23.53
C ASP A 112 -19.04 15.38 24.90
N GLU A 113 -19.88 15.79 25.85
CA GLU A 113 -19.78 15.31 27.23
C GLU A 113 -20.46 13.96 27.47
N THR A 114 -20.98 13.35 26.38
CA THR A 114 -21.42 11.95 26.41
C THR A 114 -20.25 10.95 26.37
N ARG A 115 -19.04 11.42 26.01
CA ARG A 115 -17.86 10.56 25.92
C ARG A 115 -17.40 10.04 27.28
N ARG A 116 -16.78 8.87 27.29
CA ARG A 116 -16.36 8.22 28.54
C ARG A 116 -14.86 8.38 28.80
N LEU A 117 -14.52 8.46 30.08
CA LEU A 117 -13.16 8.67 30.57
C LEU A 117 -12.06 7.82 29.87
N CYS A 118 -12.37 6.55 29.60
CA CYS A 118 -11.45 5.65 28.89
C CYS A 118 -11.26 6.00 27.40
N ASP A 119 -12.33 6.49 26.79
CA ASP A 119 -12.33 6.83 25.38
C ASP A 119 -11.61 8.15 25.03
N LEU A 120 -11.19 8.93 26.04
CA LEU A 120 -10.63 10.28 25.81
C LEU A 120 -9.16 10.32 25.39
N ARG A 121 -8.41 9.25 25.62
CA ARG A 121 -6.98 9.18 25.28
C ARG A 121 -6.19 10.21 26.09
N LEU A 122 -6.25 10.05 27.41
CA LEU A 122 -5.94 11.12 28.33
C LEU A 122 -4.49 11.36 28.71
N PHE A 123 -3.60 10.40 28.49
CA PHE A 123 -2.19 10.50 28.95
C PHE A 123 -2.04 10.44 30.49
N GLN A 124 -2.49 11.47 31.21
CA GLN A 124 -2.50 11.46 32.67
C GLN A 124 -3.93 11.69 33.15
N PRO A 125 -4.42 10.90 34.14
CA PRO A 125 -5.84 10.96 34.50
C PRO A 125 -6.19 12.23 35.29
N PHE A 126 -6.39 13.34 34.58
CA PHE A 126 -6.80 14.61 35.20
C PHE A 126 -7.60 15.49 34.24
N LEU A 127 -8.51 16.26 34.81
CA LEU A 127 -9.42 17.13 34.07
C LEU A 127 -9.34 18.54 34.62
N LYS A 128 -9.38 19.53 33.74
CA LYS A 128 -9.45 20.93 34.15
C LYS A 128 -10.76 21.55 33.67
N VAL A 129 -11.34 22.39 34.53
CA VAL A 129 -12.61 23.03 34.26
C VAL A 129 -12.41 24.48 33.86
N ILE A 130 -13.12 24.89 32.81
CA ILE A 130 -12.99 26.21 32.17
C ILE A 130 -14.31 26.60 31.51
N GLU A 131 -14.54 27.89 31.27
CA GLU A 131 -15.72 28.32 30.51
C GLU A 131 -15.36 28.21 29.00
N PRO A 132 -16.32 27.79 28.13
CA PRO A 132 -15.99 27.48 26.71
C PRO A 132 -15.36 28.63 25.93
N VAL A 133 -14.11 28.47 25.52
CA VAL A 133 -13.30 29.61 25.05
C VAL A 133 -13.69 30.16 23.66
N GLY A 134 -13.74 29.32 22.63
CA GLY A 134 -13.98 29.78 21.25
C GLY A 134 -15.46 29.92 20.97
N ASN A 135 -15.88 31.10 20.52
CA ASN A 135 -17.32 31.40 20.25
C ASN A 135 -17.95 30.44 19.23
N ARG A 136 -17.12 29.91 18.33
CA ARG A 136 -17.51 28.83 17.42
C ARG A 136 -17.08 27.49 18.05
N GLU A 137 -17.99 26.95 18.86
CA GLU A 137 -17.97 25.56 19.32
C GLU A 137 -18.00 24.60 18.14
N GLU A 138 -18.72 25.00 17.08
CA GLU A 138 -18.82 24.27 15.81
C GLU A 138 -17.48 24.13 15.12
N LYS A 139 -16.71 25.20 15.09
CA LYS A 139 -15.45 25.22 14.35
C LYS A 139 -14.43 24.27 14.93
N ILE A 140 -14.51 24.00 16.24
CA ILE A 140 -13.55 23.12 16.90
C ILE A 140 -14.13 21.68 16.96
N LEU A 141 -14.77 21.27 15.85
CA LEU A 141 -14.93 19.85 15.49
C LEU A 141 -14.10 19.61 14.20
N ASN A 142 -12.81 19.94 14.37
CA ASN A 142 -11.68 19.35 13.69
C ASN A 142 -11.17 18.20 14.57
N ARG A 143 -11.69 18.05 15.79
CA ARG A 143 -11.40 16.86 16.61
C ARG A 143 -11.93 15.65 15.87
N GLU A 144 -13.14 15.78 15.32
CA GLU A 144 -13.69 14.78 14.42
C GLU A 144 -12.67 14.40 13.34
N ILE A 145 -12.21 15.41 12.60
CA ILE A 145 -11.23 15.21 11.53
C ILE A 145 -9.91 14.59 12.06
N GLY A 146 -9.36 15.13 13.11
CA GLY A 146 -8.10 14.63 13.67
C GLY A 146 -8.21 13.31 14.42
N PHE A 147 -9.43 12.89 14.73
CA PHE A 147 -9.64 11.55 15.27
C PHE A 147 -9.66 10.54 14.13
N ALA A 148 -10.41 10.88 13.08
CA ALA A 148 -10.42 10.12 11.85
C ALA A 148 -9.01 9.95 11.26
N ILE A 149 -8.23 11.02 11.27
CA ILE A 149 -6.88 11.01 10.69
C ILE A 149 -5.88 10.36 11.63
N GLY A 150 -6.07 10.56 12.94
CA GLY A 150 -5.16 10.01 13.95
C GLY A 150 -4.03 10.93 14.42
N MET A 151 -3.92 12.10 13.80
CA MET A 151 -3.07 13.19 14.30
C MET A 151 -3.94 14.42 14.36
N PRO A 152 -3.73 15.29 15.37
CA PRO A 152 -4.65 16.39 15.58
C PRO A 152 -4.44 17.46 14.51
N VAL A 153 -5.51 18.17 14.16
CA VAL A 153 -5.45 19.08 13.00
C VAL A 153 -4.53 20.26 13.27
N CYS A 154 -4.61 20.84 14.47
CA CYS A 154 -3.69 21.91 14.91
C CYS A 154 -2.19 21.65 14.61
N GLU A 155 -1.80 20.37 14.59
CA GLU A 155 -0.44 19.95 14.26
C GLU A 155 0.03 20.44 12.88
N PHE A 156 -0.88 20.56 11.92
CA PHE A 156 -0.55 21.19 10.62
C PHE A 156 -0.36 22.71 10.74
N ASP A 157 -1.27 23.38 11.46
CA ASP A 157 -1.29 24.85 11.53
C ASP A 157 0.05 25.47 11.94
N MET A 158 0.81 24.78 12.78
CA MET A 158 2.17 25.23 13.16
C MET A 158 3.25 24.46 12.40
N VAL A 159 3.02 24.23 11.10
CA VAL A 159 4.06 23.81 10.15
C VAL A 159 4.48 25.06 9.39
N LYS A 160 5.79 25.22 9.19
CA LYS A 160 6.34 26.44 8.60
C LYS A 160 6.32 26.43 7.07
N ASP A 161 6.86 25.36 6.49
CA ASP A 161 6.85 25.08 5.02
C ASP A 161 5.72 25.78 4.21
N PRO A 162 6.09 26.62 3.23
CA PRO A 162 5.03 27.27 2.44
C PRO A 162 4.24 26.34 1.54
N GLU A 163 4.83 25.22 1.12
CA GLU A 163 4.16 24.25 0.25
C GLU A 163 2.94 23.61 0.95
N VAL A 164 3.16 23.16 2.18
CA VAL A 164 2.13 22.49 2.96
C VAL A 164 0.94 23.41 3.14
N GLN A 165 1.21 24.65 3.58
CA GLN A 165 0.16 25.68 3.72
C GLN A 165 -0.52 26.01 2.40
N ASP A 166 0.27 26.03 1.32
CA ASP A 166 -0.25 26.21 -0.03
C ASP A 166 -1.09 25.02 -0.49
N PHE A 167 -0.70 23.79 -0.13
CA PHE A 167 -1.57 22.63 -0.39
C PHE A 167 -2.90 22.79 0.31
N ARG A 168 -2.86 23.10 1.60
CA ARG A 168 -4.07 23.14 2.43
C ARG A 168 -5.09 24.17 1.93
N ARG A 169 -4.62 25.35 1.55
CA ARG A 169 -5.49 26.40 1.03
C ARG A 169 -5.95 26.15 -0.41
N ASN A 170 -5.05 25.70 -1.28
CA ASN A 170 -5.38 25.50 -2.69
C ASN A 170 -6.30 24.29 -2.97
N ILE A 171 -6.10 23.20 -2.24
CA ILE A 171 -6.83 21.95 -2.51
C ILE A 171 -8.35 22.11 -2.27
N LEU A 172 -8.75 23.08 -1.45
CA LEU A 172 -10.16 23.38 -1.25
C LEU A 172 -10.90 23.71 -2.56
N ASN A 173 -10.19 24.21 -3.57
CA ASN A 173 -10.71 24.32 -4.93
C ASN A 173 -11.51 23.06 -5.26
N VAL A 174 -10.86 21.91 -5.08
CA VAL A 174 -11.45 20.58 -5.40
C VAL A 174 -12.63 20.22 -4.52
N CYS A 175 -12.52 20.48 -3.22
CA CYS A 175 -13.54 20.16 -2.22
C CYS A 175 -14.86 20.88 -2.49
N LYS A 176 -14.77 22.18 -2.73
CA LYS A 176 -15.94 23.00 -3.07
C LYS A 176 -16.54 22.53 -4.40
N GLU A 177 -15.69 22.28 -5.40
CA GLU A 177 -16.15 21.79 -6.71
C GLU A 177 -16.88 20.43 -6.67
N ALA A 178 -16.52 19.59 -5.69
CA ALA A 178 -17.16 18.28 -5.52
C ALA A 178 -18.53 18.47 -4.92
N VAL A 179 -18.60 19.15 -3.77
CA VAL A 179 -19.87 19.39 -3.07
C VAL A 179 -20.90 20.01 -4.04
N ASP A 180 -20.42 20.88 -4.93
CA ASP A 180 -21.28 21.52 -5.94
C ASP A 180 -21.91 20.56 -6.95
N LEU A 181 -21.28 19.41 -7.19
CA LEU A 181 -21.91 18.31 -7.93
C LEU A 181 -22.95 17.53 -7.09
N ARG A 182 -22.64 17.29 -5.83
CA ARG A 182 -23.55 16.58 -4.92
C ARG A 182 -24.93 17.24 -4.81
N ASP A 183 -24.97 18.52 -4.43
CA ASP A 183 -26.23 19.23 -4.18
C ASP A 183 -26.75 19.92 -5.44
N LEU A 184 -26.69 19.19 -6.56
CA LEU A 184 -27.04 19.73 -7.87
C LEU A 184 -28.48 19.37 -8.21
N ASN A 185 -28.80 18.06 -8.18
CA ASN A 185 -30.17 17.58 -8.32
C ASN A 185 -30.58 16.84 -7.05
N SER A 186 -30.34 17.48 -5.90
CA SER A 186 -30.73 16.92 -4.60
C SER A 186 -32.26 16.81 -4.50
N PRO A 187 -32.81 15.79 -3.85
CA PRO A 187 -32.08 14.83 -3.04
C PRO A 187 -31.55 13.61 -3.80
N HIS A 188 -31.83 13.51 -5.10
CA HIS A 188 -31.40 12.35 -5.88
C HIS A 188 -29.87 12.20 -5.95
N SER A 189 -29.19 13.27 -6.33
CA SER A 189 -27.74 13.24 -6.51
C SER A 189 -26.97 13.09 -5.19
N ARG A 190 -27.57 13.51 -4.08
CA ARG A 190 -27.04 13.18 -2.75
C ARG A 190 -27.07 11.67 -2.50
N ALA A 191 -28.24 11.08 -2.69
CA ALA A 191 -28.42 9.61 -2.64
C ALA A 191 -27.47 8.88 -3.57
N MET A 192 -27.17 9.50 -4.70
CA MET A 192 -26.18 8.98 -5.62
C MET A 192 -24.72 9.00 -5.10
N TYR A 193 -24.36 10.05 -4.34
CA TYR A 193 -23.03 10.13 -3.70
C TYR A 193 -22.95 9.06 -2.61
N VAL A 194 -24.00 8.95 -1.80
CA VAL A 194 -24.01 8.04 -0.66
C VAL A 194 -24.11 6.58 -1.07
N TYR A 195 -24.99 6.28 -2.02
CA TYR A 195 -25.34 4.92 -2.40
C TYR A 195 -25.12 4.65 -3.89
N PRO A 196 -23.90 4.94 -4.39
CA PRO A 196 -23.65 4.84 -5.82
C PRO A 196 -23.92 3.44 -6.36
N PRO A 197 -24.36 3.33 -7.62
CA PRO A 197 -24.85 2.07 -8.10
C PRO A 197 -23.72 1.07 -8.30
N ASN A 198 -23.85 -0.12 -7.71
CA ASN A 198 -22.78 -1.12 -7.70
C ASN A 198 -22.88 -1.99 -8.96
N VAL A 199 -22.06 -1.65 -9.95
CA VAL A 199 -22.32 -1.97 -11.34
C VAL A 199 -21.04 -2.46 -12.01
N GLU A 200 -21.16 -3.50 -12.84
CA GLU A 200 -20.03 -4.00 -13.64
C GLU A 200 -19.64 -2.99 -14.69
N SER A 201 -18.48 -3.20 -15.30
CA SER A 201 -17.96 -2.26 -16.32
C SER A 201 -18.74 -2.39 -17.62
N SER A 202 -19.18 -3.62 -17.94
CA SER A 202 -19.81 -3.95 -19.22
C SER A 202 -21.30 -4.24 -19.07
N PRO A 203 -22.14 -3.68 -19.97
CA PRO A 203 -23.51 -4.20 -20.10
C PRO A 203 -23.54 -5.56 -20.81
N GLU A 204 -22.76 -5.71 -21.88
CA GLU A 204 -22.55 -7.02 -22.56
C GLU A 204 -22.31 -8.17 -21.57
N LEU A 205 -22.86 -9.34 -21.88
CA LEU A 205 -22.90 -10.47 -20.96
C LEU A 205 -22.09 -11.66 -21.52
N PRO A 206 -21.29 -12.32 -20.68
CA PRO A 206 -20.62 -13.58 -21.07
C PRO A 206 -21.60 -14.67 -21.49
N LYS A 207 -21.17 -15.52 -22.42
CA LYS A 207 -22.05 -16.55 -22.99
C LYS A 207 -22.47 -17.58 -21.95
N HIS A 208 -21.55 -17.95 -21.06
CA HIS A 208 -21.84 -18.89 -19.98
C HIS A 208 -22.81 -18.33 -18.90
N ILE A 209 -22.81 -17.01 -18.71
CA ILE A 209 -23.84 -16.37 -17.88
C ILE A 209 -25.16 -16.39 -18.67
N TYR A 210 -25.12 -15.97 -19.94
CA TYR A 210 -26.34 -15.88 -20.78
C TYR A 210 -27.09 -17.20 -20.85
N ASN A 211 -26.35 -18.30 -21.03
CA ASN A 211 -26.96 -19.65 -21.10
C ASN A 211 -27.64 -20.15 -19.81
N LYS A 212 -27.38 -19.50 -18.67
CA LYS A 212 -28.17 -19.73 -17.43
C LYS A 212 -29.49 -18.94 -17.39
N LEU A 213 -29.79 -18.16 -18.43
CA LEU A 213 -30.95 -17.25 -18.43
C LEU A 213 -32.20 -17.74 -19.21
N ASP A 214 -32.13 -18.89 -19.89
CA ASP A 214 -33.14 -19.27 -20.91
C ASP A 214 -33.67 -18.09 -21.76
N LYS A 215 -32.86 -17.71 -22.74
CA LYS A 215 -33.20 -16.69 -23.74
C LYS A 215 -33.49 -15.33 -23.09
N GLY A 216 -32.60 -14.96 -22.17
CA GLY A 216 -32.58 -13.63 -21.56
C GLY A 216 -33.71 -13.31 -20.59
N GLN A 217 -33.96 -14.20 -19.63
CA GLN A 217 -34.88 -13.90 -18.53
C GLN A 217 -34.38 -14.46 -17.20
N ILE A 218 -34.67 -13.74 -16.12
CA ILE A 218 -34.36 -14.17 -14.75
C ILE A 218 -35.69 -14.23 -14.00
N ILE A 219 -35.76 -15.03 -12.94
CA ILE A 219 -36.86 -14.92 -11.99
C ILE A 219 -36.34 -14.06 -10.84
N VAL A 220 -36.98 -12.92 -10.62
CA VAL A 220 -36.65 -11.97 -9.56
C VAL A 220 -37.68 -12.17 -8.43
N VAL A 221 -37.49 -11.52 -7.31
CA VAL A 221 -38.51 -11.43 -6.26
C VAL A 221 -38.51 -10.00 -5.75
N ILE A 222 -39.63 -9.29 -5.87
CA ILE A 222 -39.75 -7.97 -5.23
C ILE A 222 -40.52 -8.06 -3.90
N TRP A 223 -39.95 -7.48 -2.84
CA TRP A 223 -40.58 -7.52 -1.53
C TRP A 223 -41.07 -6.15 -1.16
N VAL A 224 -42.18 -6.11 -0.42
CA VAL A 224 -42.85 -4.85 -0.06
C VAL A 224 -43.33 -4.96 1.39
N ILE A 225 -43.57 -3.81 2.04
CA ILE A 225 -44.12 -3.76 3.41
C ILE A 225 -45.32 -2.78 3.45
N VAL A 226 -46.34 -3.05 4.28
CA VAL A 226 -47.56 -2.18 4.36
C VAL A 226 -48.00 -1.71 5.77
N SER A 227 -48.23 -2.62 6.72
CA SER A 227 -48.65 -2.21 8.10
C SER A 227 -48.40 -3.25 9.23
N PRO A 228 -47.89 -2.81 10.40
CA PRO A 228 -47.34 -1.46 10.64
C PRO A 228 -45.97 -1.37 9.95
N ASN A 229 -45.02 -2.14 10.44
CA ASN A 229 -43.92 -2.67 9.65
C ASN A 229 -43.88 -4.14 10.01
N ASN A 230 -43.04 -4.92 9.34
CA ASN A 230 -42.70 -6.32 9.68
C ASN A 230 -43.43 -7.40 8.87
N ASP A 231 -44.62 -7.12 8.34
CA ASP A 231 -45.29 -8.06 7.41
C ASP A 231 -44.94 -7.69 5.97
N LYS A 232 -44.44 -8.68 5.24
CA LYS A 232 -43.80 -8.48 3.95
C LYS A 232 -44.43 -9.39 2.92
N GLN A 233 -44.43 -8.97 1.66
CA GLN A 233 -45.11 -9.70 0.60
C GLN A 233 -44.29 -9.90 -0.68
N LYS A 234 -44.05 -11.17 -1.02
CA LYS A 234 -43.33 -11.55 -2.24
C LYS A 234 -44.14 -11.13 -3.45
N TYR A 235 -43.44 -10.86 -4.56
CA TYR A 235 -44.06 -10.59 -5.86
C TYR A 235 -43.05 -11.02 -6.90
N THR A 236 -43.05 -12.33 -7.17
CA THR A 236 -42.02 -12.98 -7.98
C THR A 236 -42.24 -12.72 -9.46
N LEU A 237 -41.30 -12.01 -10.08
CA LEU A 237 -41.38 -11.65 -11.50
C LEU A 237 -40.70 -12.69 -12.39
N LYS A 238 -40.67 -12.41 -13.68
CA LYS A 238 -39.82 -13.14 -14.59
C LYS A 238 -39.50 -12.20 -15.75
N ILE A 239 -38.69 -11.20 -15.43
CA ILE A 239 -38.38 -10.10 -16.33
C ILE A 239 -37.19 -10.38 -17.24
N ASN A 240 -36.97 -9.52 -18.24
CA ASN A 240 -35.78 -9.60 -19.09
C ASN A 240 -34.51 -9.20 -18.34
N HIS A 241 -33.42 -9.91 -18.61
CA HIS A 241 -32.14 -9.63 -17.95
C HIS A 241 -31.69 -8.18 -18.17
N ASP A 242 -31.90 -7.66 -19.39
CA ASP A 242 -31.49 -6.31 -19.78
C ASP A 242 -32.62 -5.27 -19.71
N CYS A 243 -33.54 -5.41 -18.75
CA CYS A 243 -34.51 -4.34 -18.46
C CYS A 243 -34.04 -3.55 -17.23
N VAL A 244 -34.48 -2.29 -17.14
CA VAL A 244 -33.95 -1.33 -16.15
C VAL A 244 -34.75 -1.36 -14.84
N PRO A 245 -34.22 -0.74 -13.75
CA PRO A 245 -34.94 -0.83 -12.47
C PRO A 245 -36.37 -0.33 -12.57
N GLU A 246 -36.57 0.84 -13.19
CA GLU A 246 -37.89 1.45 -13.36
C GLU A 246 -38.92 0.48 -13.94
N GLN A 247 -38.53 -0.30 -14.96
CA GLN A 247 -39.41 -1.30 -15.57
C GLN A 247 -39.74 -2.44 -14.59
N VAL A 248 -38.74 -2.85 -13.80
CA VAL A 248 -38.92 -3.90 -12.79
C VAL A 248 -39.82 -3.41 -11.65
N ILE A 249 -39.70 -2.11 -11.33
CA ILE A 249 -40.53 -1.48 -10.30
C ILE A 249 -42.00 -1.43 -10.71
N ALA A 250 -42.26 -1.20 -12.00
CA ALA A 250 -43.63 -1.16 -12.51
C ALA A 250 -44.29 -2.52 -12.37
N GLU A 251 -43.63 -3.56 -12.90
CA GLU A 251 -44.14 -4.95 -12.82
C GLU A 251 -44.52 -5.39 -11.41
N ALA A 252 -43.66 -5.08 -10.45
CA ALA A 252 -43.94 -5.39 -9.06
C ALA A 252 -45.21 -4.69 -8.60
N ILE A 253 -45.36 -3.43 -9.00
CA ILE A 253 -46.56 -2.65 -8.67
C ILE A 253 -47.75 -3.18 -9.46
N ARG A 254 -47.56 -3.43 -10.76
CA ARG A 254 -48.62 -4.03 -11.59
C ARG A 254 -49.19 -5.23 -10.85
N LYS A 255 -48.33 -6.19 -10.55
CA LYS A 255 -48.76 -7.44 -9.93
C LYS A 255 -49.26 -7.26 -8.50
N LYS A 256 -48.69 -6.28 -7.78
CA LYS A 256 -49.20 -5.90 -6.45
C LYS A 256 -50.64 -5.40 -6.54
N THR A 257 -50.91 -4.59 -7.57
CA THR A 257 -52.16 -3.84 -7.72
C THR A 257 -53.06 -4.24 -8.91
N ARG A 258 -52.92 -5.47 -9.44
CA ARG A 258 -54.00 -6.05 -10.26
C ARG A 258 -55.10 -6.39 -9.27
N SER A 259 -56.34 -6.52 -9.75
CA SER A 259 -57.49 -6.70 -8.86
C SER A 259 -58.76 -6.93 -9.65
N MET A 260 -59.72 -7.58 -9.00
CA MET A 260 -61.04 -7.82 -9.60
C MET A 260 -61.97 -6.58 -9.53
N LEU A 261 -61.58 -5.56 -8.80
CA LEU A 261 -62.29 -4.29 -8.81
C LEU A 261 -61.39 -3.23 -9.43
N LEU A 262 -60.77 -3.55 -10.56
CA LEU A 262 -59.92 -2.61 -11.28
C LEU A 262 -59.79 -3.01 -12.74
N SER A 263 -60.34 -2.19 -13.62
CA SER A 263 -60.23 -2.43 -15.06
C SER A 263 -58.78 -2.39 -15.48
N SER A 264 -58.50 -2.90 -16.67
CA SER A 264 -57.15 -2.84 -17.21
C SER A 264 -56.63 -1.38 -17.19
N GLU A 265 -57.43 -0.46 -17.72
CA GLU A 265 -57.05 0.96 -17.79
C GLU A 265 -56.94 1.60 -16.41
N GLN A 266 -57.85 1.28 -15.50
CA GLN A 266 -57.77 1.74 -14.09
C GLN A 266 -56.46 1.35 -13.41
N LEU A 267 -55.93 0.17 -13.76
CA LEU A 267 -54.65 -0.30 -13.23
C LEU A 267 -53.52 0.58 -13.78
N LYS A 268 -53.49 0.75 -15.11
CA LYS A 268 -52.49 1.60 -15.78
C LYS A 268 -52.30 2.99 -15.17
N LEU A 269 -53.39 3.61 -14.74
CA LEU A 269 -53.35 4.93 -14.10
C LEU A 269 -52.91 4.83 -12.63
N CYS A 270 -53.24 3.74 -11.95
CA CYS A 270 -52.71 3.46 -10.61
C CYS A 270 -51.20 3.14 -10.64
N VAL A 271 -50.71 2.58 -11.74
CA VAL A 271 -49.27 2.31 -11.92
C VAL A 271 -48.46 3.60 -12.04
N LEU A 272 -48.93 4.54 -12.85
CA LEU A 272 -48.18 5.77 -13.12
C LEU A 272 -47.98 6.62 -11.87
N GLU A 273 -49.05 6.84 -11.10
CA GLU A 273 -48.95 7.56 -9.81
C GLU A 273 -48.03 6.87 -8.80
N TYR A 274 -48.00 5.54 -8.79
CA TYR A 274 -47.16 4.74 -7.87
C TYR A 274 -45.69 4.50 -8.33
N GLN A 275 -45.47 4.41 -9.65
CA GLN A 275 -44.19 3.93 -10.22
C GLN A 275 -42.97 4.78 -9.85
N GLY A 276 -43.12 6.10 -9.95
CA GLY A 276 -42.04 7.05 -9.67
C GLY A 276 -41.71 7.27 -8.21
N LYS A 277 -42.57 6.80 -7.30
CA LYS A 277 -42.39 7.00 -5.85
C LYS A 277 -41.40 6.04 -5.20
N TYR A 278 -40.97 5.00 -5.91
CA TYR A 278 -40.12 3.97 -5.34
C TYR A 278 -38.79 3.81 -6.07
N ILE A 279 -37.83 3.19 -5.38
CA ILE A 279 -36.59 2.66 -6.00
C ILE A 279 -36.17 1.33 -5.36
N LEU A 280 -35.37 0.56 -6.09
CA LEU A 280 -35.02 -0.82 -5.70
C LEU A 280 -33.80 -0.91 -4.78
N LYS A 281 -34.03 -1.51 -3.62
CA LYS A 281 -32.98 -1.86 -2.65
C LYS A 281 -32.55 -3.31 -2.88
N VAL A 282 -31.35 -3.70 -2.44
CA VAL A 282 -30.99 -5.11 -2.30
C VAL A 282 -31.40 -5.55 -0.90
N CYS A 283 -32.17 -6.63 -0.79
CA CYS A 283 -32.56 -7.11 0.55
C CYS A 283 -31.32 -7.60 1.30
N GLY A 284 -31.07 -7.00 2.47
CA GLY A 284 -30.04 -7.46 3.42
C GLY A 284 -28.74 -6.67 3.54
N CYS A 285 -28.68 -5.52 2.85
CA CYS A 285 -27.49 -4.66 2.88
C CYS A 285 -27.81 -3.35 2.18
N ASP A 286 -27.18 -2.27 2.58
CA ASP A 286 -27.48 -0.96 1.99
C ASP A 286 -26.86 -0.79 0.61
N GLU A 287 -27.42 -1.52 -0.36
CA GLU A 287 -27.12 -1.36 -1.78
C GLU A 287 -28.43 -0.96 -2.45
N TYR A 288 -28.35 -0.25 -3.57
CA TYR A 288 -29.55 0.21 -4.31
C TYR A 288 -29.35 0.21 -5.83
N PHE A 289 -30.46 0.38 -6.55
CA PHE A 289 -30.48 0.43 -8.02
C PHE A 289 -31.01 1.78 -8.47
N LEU A 290 -30.10 2.75 -8.50
CA LEU A 290 -30.51 4.15 -8.61
C LEU A 290 -30.38 4.77 -10.00
N GLU A 291 -29.79 4.09 -10.97
CA GLU A 291 -29.88 4.59 -12.33
C GLU A 291 -30.02 3.50 -13.39
N LYS A 292 -30.43 3.97 -14.57
CA LYS A 292 -30.67 3.13 -15.75
C LYS A 292 -29.43 2.35 -16.18
N TYR A 293 -29.27 1.19 -15.58
CA TYR A 293 -28.42 0.16 -16.13
C TYR A 293 -29.31 -1.05 -16.31
N PRO A 294 -29.00 -1.89 -17.30
CA PRO A 294 -29.52 -3.26 -17.29
C PRO A 294 -29.37 -3.92 -15.91
N LEU A 295 -30.41 -4.58 -15.39
CA LEU A 295 -30.30 -5.31 -14.10
C LEU A 295 -29.05 -6.19 -14.03
N SER A 296 -28.75 -6.91 -15.11
CA SER A 296 -27.58 -7.78 -15.20
C SER A 296 -26.26 -7.05 -14.96
N GLN A 297 -26.20 -5.78 -15.35
CA GLN A 297 -25.02 -4.96 -15.16
C GLN A 297 -24.73 -4.61 -13.70
N TYR A 298 -25.74 -4.59 -12.82
CA TYR A 298 -25.50 -4.46 -11.37
C TYR A 298 -24.86 -5.75 -10.87
N LYS A 299 -23.93 -5.62 -9.94
CA LYS A 299 -23.12 -6.76 -9.53
C LYS A 299 -23.96 -7.85 -8.90
N TYR A 300 -24.81 -7.45 -7.96
CA TYR A 300 -25.72 -8.38 -7.25
C TYR A 300 -26.52 -9.33 -8.13
N ILE A 301 -27.04 -8.82 -9.24
CA ILE A 301 -27.80 -9.64 -10.18
C ILE A 301 -26.84 -10.67 -10.78
N ARG A 302 -25.80 -10.17 -11.45
CA ARG A 302 -24.82 -11.02 -12.14
C ARG A 302 -24.22 -12.11 -11.23
N SER A 303 -24.09 -11.85 -9.94
CA SER A 303 -23.68 -12.88 -8.96
C SER A 303 -24.81 -13.84 -8.63
N CYS A 304 -26.02 -13.29 -8.47
CA CYS A 304 -27.20 -14.13 -8.26
C CYS A 304 -27.38 -15.15 -9.39
N ILE A 305 -27.12 -14.73 -10.65
CA ILE A 305 -27.13 -15.66 -11.79
C ILE A 305 -26.08 -16.77 -11.63
N MET A 306 -24.86 -16.38 -11.28
CA MET A 306 -23.73 -17.31 -11.24
C MET A 306 -23.88 -18.36 -10.16
N LEU A 307 -24.23 -17.92 -8.96
CA LEU A 307 -24.45 -18.83 -7.83
C LEU A 307 -25.75 -19.66 -7.94
N GLY A 308 -26.59 -19.38 -8.95
CA GLY A 308 -27.86 -20.08 -9.10
C GLY A 308 -28.82 -19.62 -8.02
N ARG A 309 -28.94 -18.30 -7.88
CA ARG A 309 -29.85 -17.69 -6.91
C ARG A 309 -30.88 -16.79 -7.60
N MET A 310 -31.94 -16.52 -6.84
CA MET A 310 -33.08 -15.73 -7.27
C MET A 310 -32.88 -14.39 -6.57
N PRO A 311 -32.63 -13.31 -7.32
CA PRO A 311 -32.41 -12.01 -6.67
C PRO A 311 -33.57 -11.62 -5.76
N ASN A 312 -33.25 -11.10 -4.58
CA ASN A 312 -34.26 -10.57 -3.64
C ASN A 312 -34.06 -9.06 -3.39
N LEU A 313 -34.83 -8.26 -4.14
CA LEU A 313 -34.81 -6.81 -4.06
C LEU A 313 -35.99 -6.34 -3.22
N MET A 314 -35.92 -5.11 -2.71
CA MET A 314 -37.01 -4.51 -1.93
C MET A 314 -37.50 -3.27 -2.64
N LEU A 315 -38.81 -3.00 -2.57
CA LEU A 315 -39.37 -1.75 -3.07
C LEU A 315 -39.34 -0.75 -1.94
N MET A 316 -38.50 0.26 -2.10
CA MET A 316 -38.26 1.27 -1.09
C MET A 316 -38.79 2.59 -1.59
N ALA A 317 -39.62 3.20 -0.73
CA ALA A 317 -40.13 4.54 -0.91
C ALA A 317 -38.98 5.54 -0.92
N LYS A 318 -39.00 6.47 -1.86
CA LYS A 318 -37.95 7.47 -1.98
C LYS A 318 -37.88 8.41 -0.79
N GLU A 319 -39.01 8.68 -0.15
CA GLU A 319 -39.00 9.55 1.03
C GLU A 319 -38.53 8.86 2.31
N SER A 320 -38.74 7.55 2.44
CA SER A 320 -38.11 6.80 3.54
C SER A 320 -36.59 6.69 3.33
N LEU A 321 -36.13 6.84 2.08
CA LEU A 321 -34.70 6.94 1.78
C LEU A 321 -34.16 8.34 2.00
N TYR A 322 -34.77 9.33 1.35
CA TYR A 322 -34.38 10.75 1.55
C TYR A 322 -34.62 11.25 3.00
N SER A 323 -35.33 10.46 3.79
CA SER A 323 -35.26 10.55 5.26
C SER A 323 -33.84 10.30 5.74
N GLN A 324 -33.35 9.10 5.46
CA GLN A 324 -32.08 8.60 6.02
C GLN A 324 -30.81 9.28 5.48
N LEU A 325 -30.92 10.04 4.38
CA LEU A 325 -29.82 10.90 3.93
C LEU A 325 -29.85 12.18 4.75
N PRO A 326 -28.67 12.71 5.09
CA PRO A 326 -28.62 13.96 5.84
C PRO A 326 -28.28 15.12 4.91
N MET A 327 -28.03 16.29 5.48
CA MET A 327 -27.45 17.39 4.72
C MET A 327 -25.94 17.28 4.86
N ASP A 328 -25.24 17.22 3.72
CA ASP A 328 -23.78 17.10 3.68
C ASP A 328 -23.03 18.38 4.12
N CYS A 329 -23.63 19.55 3.84
CA CYS A 329 -23.29 20.83 4.47
C CYS A 329 -21.79 21.15 4.58
N PHE A 330 -21.17 21.55 3.46
CA PHE A 330 -19.75 21.93 3.45
C PHE A 330 -19.51 23.26 4.12
N THR A 331 -18.32 23.41 4.72
CA THR A 331 -17.90 24.65 5.37
C THR A 331 -16.42 24.91 5.12
N MET A 332 -16.10 26.05 4.52
CA MET A 332 -14.71 26.51 4.35
C MET A 332 -14.04 26.65 5.71
N PRO A 333 -12.78 26.24 5.82
CA PRO A 333 -12.08 26.31 7.10
C PRO A 333 -11.62 27.72 7.48
N SER A 334 -11.09 27.85 8.70
CA SER A 334 -10.47 29.08 9.18
C SER A 334 -9.40 29.64 8.24
N TYR A 335 -8.56 28.76 7.71
CA TYR A 335 -7.46 29.15 6.80
C TYR A 335 -7.99 29.54 5.38
N SER A 336 -8.80 30.59 5.33
CA SER A 336 -9.59 31.00 4.14
C SER A 336 -10.09 29.85 3.27
N GLY A 348 5.69 32.64 -5.71
CA GLY A 348 5.91 33.48 -6.89
C GLY A 348 5.48 34.91 -6.67
N GLU A 349 6.40 35.73 -6.14
CA GLU A 349 6.13 37.11 -5.73
C GLU A 349 6.71 38.17 -6.69
N THR A 350 7.98 38.01 -7.10
CA THR A 350 8.68 38.98 -7.97
C THR A 350 9.24 38.34 -9.25
N SER A 351 9.82 39.15 -10.13
CA SER A 351 10.44 38.69 -11.38
C SER A 351 11.80 38.00 -11.15
N THR A 352 12.28 37.27 -12.17
CA THR A 352 13.37 36.28 -12.01
C THR A 352 14.19 36.06 -13.28
N LYS A 353 15.26 35.27 -13.13
CA LYS A 353 16.17 34.91 -14.23
C LYS A 353 15.98 33.47 -14.73
N SER A 354 15.29 33.30 -15.87
CA SER A 354 15.05 31.99 -16.53
C SER A 354 16.26 31.05 -16.54
N LEU A 355 16.01 29.76 -16.30
CA LEU A 355 17.06 28.74 -16.25
C LEU A 355 17.92 28.70 -17.51
N TRP A 356 17.31 28.99 -18.66
CA TRP A 356 18.02 28.92 -19.94
C TRP A 356 19.07 30.05 -20.16
N VAL A 357 19.00 31.09 -19.34
CA VAL A 357 20.01 32.14 -19.30
C VAL A 357 21.31 31.70 -18.59
N ILE A 358 21.23 30.73 -17.67
CA ILE A 358 22.36 30.42 -16.76
C ILE A 358 23.46 29.66 -17.52
N ASN A 359 24.55 30.37 -17.80
CA ASN A 359 25.65 29.83 -18.58
C ASN A 359 26.70 29.24 -17.65
N SER A 360 26.37 28.10 -17.03
CA SER A 360 27.33 27.37 -16.19
C SER A 360 26.93 25.92 -15.98
N ALA A 361 27.89 25.09 -15.58
CA ALA A 361 27.66 23.70 -15.24
C ALA A 361 27.02 23.57 -13.85
N LEU A 362 26.52 22.39 -13.53
CA LEU A 362 26.01 22.14 -12.19
C LEU A 362 27.17 21.76 -11.30
N ARG A 363 27.19 22.39 -10.13
CA ARG A 363 28.05 21.97 -9.05
C ARG A 363 27.32 22.07 -7.72
N ILE A 364 27.69 21.18 -6.80
CA ILE A 364 27.00 21.01 -5.53
C ILE A 364 28.04 20.86 -4.39
N LYS A 365 27.94 21.72 -3.38
CA LYS A 365 28.88 21.70 -2.24
C LYS A 365 28.38 20.79 -1.11
N ILE A 366 29.15 19.74 -0.84
CA ILE A 366 28.84 18.77 0.21
C ILE A 366 29.63 19.17 1.46
N LEU A 367 28.95 19.67 2.50
CA LEU A 367 29.64 20.25 3.68
C LEU A 367 30.04 19.24 4.78
N CYS A 368 29.07 18.63 5.45
CA CYS A 368 29.36 17.63 6.49
C CYS A 368 28.13 16.83 6.90
N ALA A 369 28.35 15.54 7.17
CA ALA A 369 27.37 14.69 7.85
C ALA A 369 27.78 14.62 9.30
N THR A 370 26.80 14.65 10.20
CA THR A 370 27.03 14.84 11.63
C THR A 370 26.89 13.54 12.42
N TYR A 371 25.70 12.92 12.33
CA TYR A 371 25.29 11.84 13.23
C TYR A 371 25.52 10.47 12.56
N VAL A 372 26.79 10.16 12.26
CA VAL A 372 27.15 8.92 11.53
C VAL A 372 27.68 7.82 12.46
N ASN A 373 27.01 6.67 12.50
CA ASN A 373 27.29 5.58 13.45
C ASN A 373 27.98 4.39 12.79
N VAL A 374 29.31 4.38 12.84
CA VAL A 374 30.14 3.39 12.14
C VAL A 374 31.27 2.89 13.05
N ASN A 375 31.58 1.60 12.96
CA ASN A 375 32.76 1.04 13.60
C ASN A 375 34.05 1.45 12.90
N ILE A 376 34.95 2.12 13.63
CA ILE A 376 36.27 2.46 13.11
C ILE A 376 37.11 1.19 12.98
N ARG A 377 36.85 0.22 13.86
CA ARG A 377 37.55 -1.08 13.84
C ARG A 377 37.18 -1.92 12.61
N ASP A 378 35.98 -1.71 12.07
CA ASP A 378 35.47 -2.50 10.96
C ASP A 378 35.75 -1.75 9.66
N ILE A 379 35.17 -0.55 9.54
CA ILE A 379 35.22 0.25 8.31
C ILE A 379 36.51 1.08 8.26
N ASP A 380 37.09 1.21 7.06
CA ASP A 380 38.32 1.99 6.86
C ASP A 380 37.96 3.46 6.66
N LYS A 381 37.22 3.74 5.60
CA LYS A 381 37.01 5.08 5.08
C LYS A 381 35.61 5.25 4.53
N ILE A 382 35.04 6.45 4.71
CA ILE A 382 33.67 6.76 4.25
C ILE A 382 33.63 8.01 3.38
N TYR A 383 32.67 8.04 2.45
CA TYR A 383 32.51 9.13 1.47
C TYR A 383 31.06 9.33 1.05
N VAL A 384 30.76 10.49 0.46
CA VAL A 384 29.44 10.77 -0.11
C VAL A 384 29.39 10.53 -1.61
N ARG A 385 28.59 9.54 -2.01
CA ARG A 385 28.26 9.35 -3.41
C ARG A 385 27.09 10.27 -3.75
N THR A 386 27.05 10.73 -5.01
CA THR A 386 25.98 11.63 -5.50
C THR A 386 25.66 11.28 -6.97
N GLY A 387 24.60 11.88 -7.50
CA GLY A 387 24.15 11.66 -8.88
C GLY A 387 22.88 12.45 -9.16
N ILE A 388 22.71 12.92 -10.39
CA ILE A 388 21.45 13.56 -10.77
C ILE A 388 20.62 12.47 -11.45
N TYR A 389 19.29 12.54 -11.27
CA TYR A 389 18.35 11.52 -11.82
C TYR A 389 17.06 12.12 -12.42
N HIS A 390 16.35 11.24 -13.14
CA HIS A 390 14.99 11.47 -13.69
C HIS A 390 14.17 10.14 -13.55
N GLY A 391 14.42 9.33 -12.51
CA GLY A 391 14.20 7.86 -12.57
C GLY A 391 15.47 7.13 -13.05
N GLY A 392 15.94 7.43 -14.26
CA GLY A 392 17.33 7.12 -14.73
C GLY A 392 18.23 8.39 -14.75
N GLU A 393 19.56 8.24 -14.89
CA GLU A 393 20.52 9.35 -14.59
C GLU A 393 20.97 10.24 -15.78
N PRO A 394 20.73 11.59 -15.73
CA PRO A 394 21.24 12.51 -16.78
C PRO A 394 22.75 12.80 -16.89
N LEU A 395 23.63 12.08 -16.19
CA LEU A 395 25.11 12.26 -16.34
C LEU A 395 25.94 11.16 -15.66
N CYS A 396 27.26 11.27 -15.77
CA CYS A 396 28.18 10.41 -15.01
C CYS A 396 28.00 10.62 -13.51
N ASP A 397 27.76 9.52 -12.81
CA ASP A 397 27.58 9.51 -11.37
C ASP A 397 28.94 9.73 -10.71
N ASN A 398 29.04 10.74 -9.84
CA ASN A 398 30.30 11.03 -9.14
C ASN A 398 30.19 10.93 -7.62
N VAL A 399 31.36 10.90 -6.98
CA VAL A 399 31.49 10.76 -5.54
C VAL A 399 32.13 12.05 -5.03
N ASN A 400 32.61 12.01 -3.79
CA ASN A 400 33.68 12.91 -3.35
C ASN A 400 34.82 12.06 -2.81
N THR A 401 35.94 12.69 -2.44
CA THR A 401 37.09 11.93 -1.91
C THR A 401 36.76 11.38 -0.53
N GLN A 402 37.57 10.40 -0.10
CA GLN A 402 37.30 9.59 1.10
C GLN A 402 37.81 10.26 2.39
N ARG A 403 37.51 11.55 2.54
CA ARG A 403 38.16 12.41 3.52
C ARG A 403 37.53 12.31 4.93
N VAL A 404 38.33 12.75 5.91
CA VAL A 404 38.13 12.53 7.37
C VAL A 404 37.29 11.29 7.71
N PRO A 405 37.81 10.09 7.33
CA PRO A 405 37.13 8.80 7.52
C PRO A 405 36.49 8.58 8.90
N CYS A 406 35.35 7.90 8.90
CA CYS A 406 34.58 7.54 10.10
C CYS A 406 34.42 8.66 11.17
N SER A 407 35.49 9.02 11.87
CA SER A 407 35.43 10.07 12.89
C SER A 407 35.15 11.44 12.25
N ASN A 408 34.22 12.19 12.84
CA ASN A 408 33.77 13.52 12.36
C ASN A 408 34.01 13.81 10.86
N PRO A 409 33.20 13.20 9.98
CA PRO A 409 33.40 13.30 8.54
C PRO A 409 32.96 14.66 7.99
N ARG A 410 33.93 15.37 7.41
CA ARG A 410 33.75 16.74 6.97
C ARG A 410 34.55 16.89 5.68
N TRP A 411 33.85 17.01 4.57
CA TRP A 411 34.43 17.32 3.25
C TRP A 411 33.88 18.69 2.96
N ASN A 412 34.69 19.60 2.43
CA ASN A 412 34.16 20.90 2.03
C ASN A 412 34.50 21.11 0.57
N GLU A 413 33.87 20.25 -0.23
CA GLU A 413 34.14 20.09 -1.65
C GLU A 413 32.96 20.58 -2.46
N TRP A 414 33.25 21.09 -3.66
CA TRP A 414 32.25 21.28 -4.71
C TRP A 414 32.34 20.10 -5.67
N LEU A 415 31.25 19.36 -5.84
CA LEU A 415 31.20 18.31 -6.84
C LEU A 415 30.77 18.93 -8.16
N ASN A 416 31.49 18.58 -9.24
CA ASN A 416 31.25 19.12 -10.58
C ASN A 416 30.62 18.05 -11.48
N TYR A 417 29.36 18.29 -11.88
CA TYR A 417 28.57 17.37 -12.71
C TYR A 417 28.60 17.84 -14.15
N ASP A 418 29.02 16.96 -15.08
CA ASP A 418 29.03 17.31 -16.51
C ASP A 418 27.61 17.37 -17.12
N ILE A 419 26.92 18.48 -16.81
CA ILE A 419 25.63 18.82 -17.38
C ILE A 419 25.52 20.33 -17.32
N TYR A 420 25.03 20.96 -18.39
CA TYR A 420 24.75 22.40 -18.34
C TYR A 420 23.43 22.60 -17.59
N ILE A 421 23.37 23.67 -16.80
CA ILE A 421 22.19 24.01 -16.01
C ILE A 421 20.91 24.15 -16.85
N PRO A 422 20.99 24.73 -18.06
CA PRO A 422 19.78 24.77 -18.94
C PRO A 422 19.23 23.39 -19.37
N ASP A 423 20.12 22.40 -19.48
CA ASP A 423 19.73 21.02 -19.81
C ASP A 423 19.19 20.17 -18.61
N LEU A 424 19.03 20.79 -17.43
CA LEU A 424 18.29 20.15 -16.34
C LEU A 424 16.80 20.09 -16.68
N PRO A 425 16.18 18.89 -16.58
CA PRO A 425 14.73 18.79 -16.77
C PRO A 425 13.95 19.24 -15.55
N ARG A 426 12.71 19.70 -15.75
CA ARG A 426 11.83 20.11 -14.64
C ARG A 426 11.78 19.11 -13.48
N ALA A 427 11.76 17.83 -13.83
CA ALA A 427 11.70 16.76 -12.84
C ALA A 427 13.07 16.24 -12.39
N ALA A 428 14.08 17.10 -12.36
CA ALA A 428 15.42 16.63 -11.99
C ALA A 428 15.55 16.51 -10.48
N ARG A 429 16.35 15.54 -10.05
CA ARG A 429 16.54 15.22 -8.62
C ARG A 429 17.95 14.72 -8.32
N LEU A 430 18.59 15.36 -7.33
CA LEU A 430 19.86 14.90 -6.74
C LEU A 430 19.62 13.72 -5.77
N CYS A 431 20.28 12.59 -6.03
CA CYS A 431 20.19 11.39 -5.20
C CYS A 431 21.56 11.10 -4.61
N LEU A 432 21.72 11.33 -3.31
CA LEU A 432 23.00 11.16 -2.65
C LEU A 432 22.96 10.03 -1.62
N SER A 433 24.13 9.66 -1.12
CA SER A 433 24.29 8.57 -0.16
C SER A 433 25.69 8.57 0.46
N ILE A 434 25.77 8.35 1.77
CA ILE A 434 27.05 8.16 2.45
C ILE A 434 27.39 6.66 2.40
N CYS A 435 28.62 6.33 2.01
CA CYS A 435 29.04 4.93 1.84
C CYS A 435 30.33 4.55 2.60
N SER A 436 30.56 3.25 2.74
CA SER A 436 31.76 2.67 3.36
C SER A 436 32.63 1.94 2.34
N VAL A 437 33.95 2.01 2.52
CA VAL A 437 34.90 1.15 1.80
C VAL A 437 35.90 0.58 2.81
N GLU A 445 37.31 -3.52 -3.06
CA GLU A 445 35.88 -3.31 -3.26
C GLU A 445 35.07 -3.75 -2.04
N GLU A 446 34.99 -2.85 -1.05
CA GLU A 446 34.19 -3.01 0.17
C GLU A 446 32.99 -2.04 0.15
N HIS A 447 32.47 -1.76 -1.05
CA HIS A 447 31.51 -0.67 -1.27
C HIS A 447 30.15 -0.97 -0.68
N CYS A 448 29.62 -0.03 0.10
CA CYS A 448 28.57 -0.33 1.06
C CYS A 448 27.86 0.92 1.63
N PRO A 449 26.56 1.12 1.33
CA PRO A 449 25.88 2.34 1.74
C PRO A 449 25.53 2.38 3.23
N LEU A 450 25.64 3.56 3.83
CA LEU A 450 25.23 3.79 5.21
C LEU A 450 23.80 4.33 5.23
N ALA A 451 23.63 5.50 4.63
CA ALA A 451 22.36 6.25 4.61
C ALA A 451 22.11 6.77 3.19
N TRP A 452 20.96 7.41 2.99
CA TRP A 452 20.62 7.99 1.69
C TRP A 452 19.58 9.07 1.85
N GLY A 453 19.45 9.92 0.84
CA GLY A 453 18.41 10.94 0.80
C GLY A 453 18.47 11.70 -0.50
N ASN A 454 17.32 12.08 -1.03
CA ASN A 454 17.29 12.78 -2.33
C ASN A 454 16.51 14.10 -2.20
N ILE A 455 16.83 15.05 -3.09
CA ILE A 455 16.13 16.34 -3.14
C ILE A 455 15.76 16.66 -4.58
N ASN A 456 14.58 17.27 -4.74
CA ASN A 456 14.17 17.84 -6.02
C ASN A 456 15.01 19.08 -6.29
N LEU A 457 15.65 19.14 -7.45
CA LEU A 457 16.53 20.28 -7.82
C LEU A 457 15.74 21.55 -8.05
N PHE A 458 14.43 21.42 -8.27
CA PHE A 458 13.52 22.56 -8.28
C PHE A 458 12.51 22.41 -7.15
N ASP A 459 11.95 23.54 -6.71
CA ASP A 459 10.88 23.55 -5.70
C ASP A 459 9.50 23.55 -6.37
N TYR A 460 8.46 23.44 -5.56
CA TYR A 460 7.08 23.39 -6.06
C TYR A 460 6.65 24.64 -6.84
N THR A 461 7.30 25.79 -6.62
CA THR A 461 7.09 27.01 -7.43
C THR A 461 8.03 27.14 -8.66
N ASP A 462 8.57 26.00 -9.13
CA ASP A 462 9.47 25.92 -10.32
C ASP A 462 10.88 26.51 -10.14
N THR A 463 11.25 26.88 -8.90
CA THR A 463 12.49 27.60 -8.63
C THR A 463 13.70 26.72 -8.37
N LEU A 464 14.65 26.70 -9.31
CA LEU A 464 15.94 26.02 -9.14
C LEU A 464 16.47 26.27 -7.73
N VAL A 465 16.84 25.19 -7.06
CA VAL A 465 17.20 25.25 -5.65
C VAL A 465 18.65 25.75 -5.46
N SER A 466 18.79 26.88 -4.76
CA SER A 466 20.08 27.50 -4.46
C SER A 466 20.20 27.77 -2.96
N GLY A 467 21.42 27.98 -2.49
CA GLY A 467 21.67 28.31 -1.09
C GLY A 467 22.01 27.11 -0.22
N LYS A 468 21.76 27.23 1.08
CA LYS A 468 22.09 26.17 2.05
C LYS A 468 20.89 25.28 2.36
N MET A 469 21.16 23.98 2.49
CA MET A 469 20.14 22.95 2.74
C MET A 469 20.68 21.93 3.74
N ALA A 470 19.82 21.49 4.67
CA ALA A 470 20.13 20.40 5.60
C ALA A 470 19.21 19.22 5.31
N LEU A 471 19.79 18.03 5.18
CA LEU A 471 19.06 16.84 4.76
C LEU A 471 19.27 15.72 5.78
N ASN A 472 18.21 15.40 6.53
CA ASN A 472 18.23 14.27 7.47
C ASN A 472 17.99 13.01 6.64
N LEU A 473 18.86 12.00 6.77
CA LEU A 473 18.82 10.87 5.84
C LEU A 473 17.96 9.67 6.29
N TRP A 474 17.80 8.71 5.39
CA TRP A 474 17.02 7.49 5.60
C TRP A 474 17.95 6.27 5.65
N PRO A 475 17.60 5.24 6.42
CA PRO A 475 18.43 4.03 6.46
C PRO A 475 18.17 3.13 5.27
N VAL A 476 19.21 2.43 4.82
CA VAL A 476 19.07 1.51 3.70
C VAL A 476 18.14 0.37 4.10
N PRO A 477 17.12 0.07 3.25
CA PRO A 477 16.22 -1.04 3.59
C PRO A 477 16.81 -2.41 3.27
N HIS A 478 15.99 -3.45 3.43
CA HIS A 478 16.41 -4.85 3.35
C HIS A 478 17.01 -5.23 2.00
N GLY A 479 16.20 -5.14 0.95
CA GLY A 479 16.55 -5.65 -0.38
C GLY A 479 17.58 -4.86 -1.17
N LEU A 480 17.82 -3.61 -0.78
CA LEU A 480 18.80 -2.76 -1.47
C LEU A 480 20.23 -3.17 -1.18
N GLU A 481 20.92 -3.68 -2.21
CA GLU A 481 22.38 -3.76 -2.24
C GLU A 481 23.00 -2.51 -2.89
N ASP A 482 22.24 -1.83 -3.73
CA ASP A 482 22.73 -0.67 -4.49
C ASP A 482 23.17 0.49 -3.61
N LEU A 483 24.02 1.34 -4.18
CA LEU A 483 24.64 2.43 -3.44
C LEU A 483 23.72 3.61 -3.16
N LEU A 484 22.83 3.92 -4.11
CA LEU A 484 22.15 5.23 -4.14
C LEU A 484 20.63 5.29 -3.91
N ASN A 485 19.89 4.31 -4.43
CA ASN A 485 18.43 4.26 -4.23
C ASN A 485 17.70 5.56 -4.67
N PRO A 486 17.57 5.77 -6.00
CA PRO A 486 16.81 6.89 -6.53
C PRO A 486 15.27 6.70 -6.55
N ILE A 487 14.79 5.46 -6.50
CA ILE A 487 13.34 5.18 -6.37
C ILE A 487 12.82 5.72 -5.03
N GLY A 488 13.68 5.70 -4.01
CA GLY A 488 13.35 6.24 -2.68
C GLY A 488 12.77 7.64 -2.65
N VAL A 489 12.03 7.95 -1.58
CA VAL A 489 11.25 9.17 -1.53
C VAL A 489 12.09 10.45 -1.54
N THR A 490 11.69 11.37 -2.43
CA THR A 490 12.25 12.71 -2.48
C THR A 490 11.92 13.47 -1.19
N GLY A 491 12.96 13.91 -0.48
CA GLY A 491 12.80 14.79 0.67
C GLY A 491 13.61 14.33 1.84
N SER A 492 13.78 15.24 2.81
CA SER A 492 14.47 14.93 4.07
C SER A 492 13.64 13.99 4.93
N ASN A 493 14.32 13.30 5.84
CA ASN A 493 13.66 12.48 6.85
C ASN A 493 13.06 13.37 7.94
N PRO A 494 11.85 13.02 8.42
CA PRO A 494 11.36 13.73 9.60
C PRO A 494 12.13 13.42 10.88
N ASN A 495 12.49 12.15 11.08
CA ASN A 495 13.27 11.75 12.27
C ASN A 495 14.62 12.49 12.34
N LYS A 496 14.80 13.28 13.40
CA LYS A 496 15.98 14.13 13.58
C LYS A 496 17.24 13.32 13.82
N GLU A 497 17.20 12.42 14.82
CA GLU A 497 18.37 11.59 15.18
C GLU A 497 18.70 10.56 14.08
N THR A 498 19.27 11.09 12.99
CA THR A 498 19.74 10.34 11.83
C THR A 498 20.78 11.22 11.14
N PRO A 499 21.69 10.61 10.35
CA PRO A 499 22.70 11.36 9.61
C PRO A 499 22.16 12.61 8.90
N CYS A 500 22.51 13.79 9.44
CA CYS A 500 22.11 15.06 8.85
C CYS A 500 23.23 15.58 7.97
N LEU A 501 23.27 15.10 6.73
CA LEU A 501 24.23 15.60 5.74
C LEU A 501 23.73 16.93 5.18
N GLU A 502 24.37 18.02 5.60
CA GLU A 502 24.05 19.38 5.09
C GLU A 502 24.95 19.76 3.92
N LEU A 503 24.53 20.75 3.14
CA LEU A 503 25.15 21.04 1.84
C LEU A 503 24.74 22.42 1.29
N GLU A 504 25.37 22.82 0.18
CA GLU A 504 25.13 24.13 -0.43
C GLU A 504 25.00 24.04 -1.96
N PHE A 505 24.04 24.80 -2.48
CA PHE A 505 23.75 24.89 -3.91
C PHE A 505 24.17 26.26 -4.45
N ASP A 506 24.61 26.25 -5.71
CA ASP A 506 25.18 27.44 -6.35
C ASP A 506 24.09 28.51 -6.58
N TRP A 507 24.32 29.70 -6.00
CA TRP A 507 23.38 30.82 -6.05
C TRP A 507 23.83 31.82 -7.12
N PHE A 508 22.92 32.16 -8.03
CA PHE A 508 23.27 32.95 -9.23
C PHE A 508 22.62 34.33 -9.20
N SER A 509 22.84 35.05 -8.10
CA SER A 509 22.46 36.47 -7.97
C SER A 509 21.03 36.82 -8.43
N SER A 510 20.12 35.86 -8.25
CA SER A 510 18.74 35.93 -8.72
C SER A 510 18.15 34.54 -8.50
N VAL A 511 16.91 34.46 -8.04
CA VAL A 511 16.24 33.15 -7.93
C VAL A 511 15.89 32.68 -9.35
N VAL A 512 16.46 31.55 -9.73
CA VAL A 512 16.37 31.01 -11.08
C VAL A 512 15.15 30.13 -11.20
N LYS A 513 14.21 30.52 -12.08
CA LYS A 513 13.01 29.73 -12.31
C LYS A 513 13.04 28.92 -13.63
N PHE A 514 12.18 27.90 -13.69
CA PHE A 514 12.11 27.03 -14.86
C PHE A 514 11.27 27.72 -15.93
N PRO A 515 11.71 27.66 -17.22
CA PRO A 515 11.02 28.24 -18.38
C PRO A 515 9.52 28.02 -18.44
N ASP A 516 8.79 28.97 -19.01
CA ASP A 516 7.34 28.82 -19.24
C ASP A 516 7.09 27.80 -20.36
N MET A 517 5.84 27.34 -20.50
CA MET A 517 5.50 26.42 -21.60
C MET A 517 5.47 27.14 -22.93
N SER A 518 4.96 28.39 -22.94
CA SER A 518 5.06 29.27 -24.11
C SER A 518 6.50 29.44 -24.63
N VAL A 519 7.47 29.48 -23.73
CA VAL A 519 8.88 29.55 -24.10
C VAL A 519 9.37 28.24 -24.65
N ILE A 520 8.97 27.14 -24.01
CA ILE A 520 9.42 25.81 -24.45
C ILE A 520 8.84 25.49 -25.83
N GLU A 521 7.58 25.86 -26.04
CA GLU A 521 6.92 25.74 -27.36
C GLU A 521 7.71 26.41 -28.48
N GLU A 522 8.17 27.64 -28.24
CA GLU A 522 8.93 28.41 -29.25
C GLU A 522 10.30 27.80 -29.54
N HIS A 523 11.03 27.44 -28.49
CA HIS A 523 12.33 26.82 -28.64
C HIS A 523 12.22 25.44 -29.28
N ALA A 524 11.10 24.75 -29.05
CA ALA A 524 10.82 23.50 -29.74
C ALA A 524 10.58 23.76 -31.23
N ASN A 525 9.60 24.62 -31.54
CA ASN A 525 9.27 25.00 -32.94
C ASN A 525 10.46 25.54 -33.72
N TRP A 526 11.40 26.16 -33.03
CA TRP A 526 12.71 26.48 -33.59
C TRP A 526 13.56 25.22 -33.79
N SER A 527 13.74 24.40 -32.75
CA SER A 527 14.55 23.17 -32.86
C SER A 527 14.16 22.30 -34.06
N VAL A 528 12.86 22.28 -34.38
CA VAL A 528 12.31 21.56 -35.53
C VAL A 528 12.84 22.14 -36.85
N SER A 529 12.56 23.43 -37.09
CA SER A 529 12.98 24.13 -38.33
C SER A 529 14.51 24.20 -38.51
N ARG A 530 15.25 24.20 -37.41
CA ARG A 530 16.71 24.08 -37.44
C ARG A 530 17.16 22.68 -37.96
N GLU A 531 16.43 21.63 -37.58
CA GLU A 531 16.67 20.26 -38.11
C GLU A 531 16.39 20.15 -39.60
N ALA A 532 15.40 20.91 -40.10
CA ALA A 532 15.04 20.92 -41.52
C ALA A 532 16.16 21.38 -42.50
N GLY A 533 17.17 22.10 -42.00
CA GLY A 533 18.32 22.54 -42.81
C GLY A 533 19.65 21.84 -42.55
N PHE A 534 19.68 20.92 -41.57
CA PHE A 534 20.83 20.02 -41.35
C PHE A 534 20.95 19.16 -42.60
N SER A 535 22.17 18.84 -43.00
CA SER A 535 22.43 18.54 -44.41
C SER A 535 22.78 17.10 -44.77
N TYR A 536 22.43 16.77 -46.02
CA TYR A 536 22.59 15.45 -46.67
C TYR A 536 23.01 14.28 -45.78
N SER A 537 24.28 14.28 -45.35
CA SER A 537 24.86 13.16 -44.61
C SER A 537 24.87 13.56 -43.14
N HIS A 538 24.34 12.67 -42.30
CA HIS A 538 24.49 12.78 -40.88
C HIS A 538 24.61 11.40 -40.25
N ALA A 539 25.87 10.95 -40.09
CA ALA A 539 26.23 9.71 -39.41
C ALA A 539 25.89 9.80 -37.93
N GLY A 540 25.55 8.66 -37.34
CA GLY A 540 24.74 8.66 -36.14
C GLY A 540 23.42 9.31 -36.51
N LEU A 541 22.78 8.77 -37.55
CA LEU A 541 21.49 9.27 -38.06
C LEU A 541 20.47 9.21 -36.94
N SER A 542 20.47 8.07 -36.22
CA SER A 542 19.85 7.90 -34.90
C SER A 542 19.00 9.06 -34.37
N ASN A 543 19.65 10.20 -34.16
CA ASN A 543 18.95 11.44 -33.76
C ASN A 543 17.87 11.91 -34.75
N ARG A 544 18.22 12.11 -36.02
CA ARG A 544 17.27 12.58 -37.04
C ARG A 544 17.05 11.58 -38.19
N LEU A 545 15.91 11.72 -38.86
CA LEU A 545 15.32 10.65 -39.66
C LEU A 545 16.07 10.47 -40.98
N ALA A 546 16.18 11.56 -41.75
CA ALA A 546 16.64 11.52 -43.15
C ALA A 546 15.71 10.69 -44.06
N ARG A 547 14.44 10.56 -43.65
CA ARG A 547 13.41 9.79 -44.37
C ARG A 547 12.42 10.68 -45.12
N ASP A 548 12.14 11.86 -44.55
CA ASP A 548 11.12 12.79 -45.07
C ASP A 548 9.72 12.27 -44.70
N ASN A 549 8.68 12.77 -45.36
CA ASN A 549 7.29 12.30 -45.15
C ASN A 549 7.05 10.83 -45.50
N GLU A 550 7.94 10.24 -46.30
CA GLU A 550 7.85 8.82 -46.69
C GLU A 550 8.90 7.97 -45.96
N LEU A 551 8.43 7.13 -45.03
CA LEU A 551 9.27 6.13 -44.36
C LEU A 551 9.19 4.80 -45.12
N ARG A 552 9.87 3.78 -44.63
CA ARG A 552 9.86 2.44 -45.24
C ARG A 552 8.87 1.56 -44.48
N GLU A 553 8.25 0.62 -45.18
CA GLU A 553 7.25 -0.28 -44.61
C GLU A 553 7.83 -1.22 -43.54
N ASN A 554 9.10 -1.60 -43.68
CA ASN A 554 9.77 -2.47 -42.71
C ASN A 554 9.93 -1.84 -41.32
N ASP A 555 10.13 -0.52 -41.30
CA ASP A 555 10.22 0.24 -40.05
C ASP A 555 8.86 0.36 -39.37
N LYS A 556 7.87 0.85 -40.12
CA LYS A 556 6.49 0.95 -39.62
C LYS A 556 5.95 -0.38 -39.09
N GLU A 557 6.48 -1.50 -39.60
CA GLU A 557 6.21 -2.83 -39.04
C GLU A 557 7.00 -3.08 -37.75
N GLN A 558 8.28 -2.68 -37.72
CA GLN A 558 9.12 -2.80 -36.51
C GLN A 558 8.63 -1.96 -35.33
N LEU A 559 8.04 -0.80 -35.61
CA LEU A 559 7.58 0.11 -34.53
C LEU A 559 6.39 -0.43 -33.74
N LYS A 560 5.47 -1.13 -34.41
CA LYS A 560 4.36 -1.79 -33.73
C LYS A 560 4.85 -3.00 -32.92
N ALA A 561 5.95 -3.61 -33.36
CA ALA A 561 6.59 -4.72 -32.62
C ALA A 561 7.16 -4.24 -31.29
N ILE A 562 7.76 -3.05 -31.31
CA ILE A 562 8.26 -2.41 -30.10
C ILE A 562 7.08 -2.07 -29.19
N SER A 563 6.04 -1.46 -29.76
CA SER A 563 4.82 -1.09 -29.04
C SER A 563 4.27 -2.22 -28.15
N THR A 564 4.22 -3.42 -28.70
CA THR A 564 3.61 -4.57 -28.05
C THR A 564 4.42 -5.10 -26.88
N ARG A 565 5.75 -4.94 -26.95
CA ARG A 565 6.64 -5.40 -25.90
C ARG A 565 6.34 -4.76 -24.55
N ASP A 566 6.39 -5.57 -23.48
CA ASP A 566 6.00 -5.14 -22.14
C ASP A 566 6.94 -4.05 -21.59
N PRO A 567 6.54 -3.38 -20.49
CA PRO A 567 7.41 -2.40 -19.84
C PRO A 567 8.81 -2.87 -19.51
N LEU A 568 8.97 -4.08 -18.97
CA LEU A 568 10.29 -4.58 -18.52
C LEU A 568 11.26 -5.06 -19.61
N SER A 569 10.78 -5.31 -20.83
CA SER A 569 11.67 -5.60 -21.96
C SER A 569 12.42 -4.33 -22.35
N GLU A 570 13.52 -4.08 -21.64
CA GLU A 570 14.35 -2.88 -21.81
C GLU A 570 14.70 -2.62 -23.29
N ILE A 571 14.73 -1.34 -23.65
CA ILE A 571 14.90 -0.91 -25.05
C ILE A 571 16.38 -0.63 -25.30
N THR A 572 16.88 -1.04 -26.47
CA THR A 572 18.30 -0.84 -26.82
C THR A 572 18.56 0.61 -27.17
N GLU A 573 19.83 0.99 -27.19
CA GLU A 573 20.23 2.35 -27.57
C GLU A 573 19.90 2.59 -29.05
N GLN A 574 20.03 1.54 -29.86
CA GLN A 574 19.55 1.57 -31.25
C GLN A 574 18.06 1.88 -31.28
N GLU A 575 17.26 0.98 -30.71
CA GLU A 575 15.79 1.11 -30.72
C GLU A 575 15.32 2.45 -30.19
N LYS A 576 16.01 2.93 -29.15
CA LYS A 576 15.71 4.24 -28.54
C LYS A 576 15.83 5.32 -29.60
N ASP A 577 17.01 5.40 -30.21
CA ASP A 577 17.29 6.43 -31.20
C ASP A 577 16.32 6.32 -32.39
N PHE A 578 16.22 5.09 -32.92
CA PHE A 578 15.21 4.72 -33.92
C PHE A 578 13.82 5.24 -33.57
N LEU A 579 13.38 4.99 -32.33
CA LEU A 579 12.12 5.54 -31.84
C LEU A 579 12.14 7.08 -31.88
N TRP A 580 13.13 7.68 -31.20
CA TRP A 580 13.21 9.14 -31.05
C TRP A 580 13.27 9.86 -32.40
N SER A 581 13.93 9.27 -33.40
CA SER A 581 13.89 9.83 -34.75
C SER A 581 12.45 9.85 -35.26
N HIS A 582 11.84 8.68 -35.36
CA HIS A 582 10.49 8.58 -35.93
C HIS A 582 9.35 9.03 -34.98
N ARG A 583 9.70 9.75 -33.90
CA ARG A 583 8.74 10.31 -32.91
C ARG A 583 7.44 10.88 -33.48
N HIS A 584 7.52 11.45 -34.68
CA HIS A 584 6.35 12.03 -35.35
C HIS A 584 5.42 10.98 -35.99
N TYR A 585 5.97 9.86 -36.46
CA TYR A 585 5.13 8.70 -36.83
C TYR A 585 4.58 7.99 -35.59
N CYS A 586 5.36 7.98 -34.50
CA CYS A 586 4.92 7.39 -33.22
C CYS A 586 3.58 7.92 -32.69
N VAL A 587 3.16 9.10 -33.14
CA VAL A 587 1.80 9.61 -32.86
C VAL A 587 0.66 8.73 -33.41
N THR A 588 0.90 8.07 -34.55
CA THR A 588 -0.10 7.15 -35.14
C THR A 588 -0.28 5.86 -34.34
N ILE A 589 0.75 5.51 -33.57
CA ILE A 589 0.70 4.37 -32.66
C ILE A 589 0.84 4.95 -31.25
N PRO A 590 -0.24 5.55 -30.69
CA PRO A 590 -0.20 6.12 -29.34
C PRO A 590 0.42 5.21 -28.27
N GLU A 591 0.07 3.92 -28.32
CA GLU A 591 0.49 2.92 -27.33
C GLU A 591 2.02 2.77 -27.17
N ILE A 592 2.78 3.28 -28.14
CA ILE A 592 4.24 3.37 -28.04
C ILE A 592 4.70 4.34 -26.95
N LEU A 593 3.88 5.36 -26.59
CA LEU A 593 4.34 6.52 -25.81
C LEU A 593 5.26 6.24 -24.61
N PRO A 594 4.90 5.27 -23.75
CA PRO A 594 5.83 4.85 -22.68
C PRO A 594 7.25 4.58 -23.15
N LYS A 595 7.37 3.90 -24.28
CA LYS A 595 8.67 3.49 -24.84
C LYS A 595 9.38 4.72 -25.42
N LEU A 596 8.63 5.54 -26.16
CA LEU A 596 9.14 6.76 -26.76
C LEU A 596 9.76 7.62 -25.68
N LEU A 597 8.96 7.98 -24.67
CA LEU A 597 9.39 8.82 -23.55
C LEU A 597 10.69 8.35 -22.90
N LEU A 598 10.82 7.03 -22.69
CA LEU A 598 12.05 6.45 -22.14
C LEU A 598 13.24 6.55 -23.09
N SER A 599 12.96 6.83 -24.37
CA SER A 599 13.97 7.04 -25.41
C SER A 599 14.35 8.51 -25.65
N VAL A 600 13.74 9.44 -24.91
CA VAL A 600 14.14 10.84 -24.95
C VAL A 600 15.45 11.01 -24.18
N LYS A 601 16.31 11.88 -24.67
CA LYS A 601 17.47 12.33 -23.91
C LYS A 601 16.95 13.48 -23.06
N TRP A 602 16.69 13.20 -21.78
CA TRP A 602 16.18 14.22 -20.84
C TRP A 602 17.25 15.25 -20.47
N ASN A 603 18.53 14.83 -20.53
CA ASN A 603 19.69 15.75 -20.54
C ASN A 603 19.91 16.60 -21.80
N SER A 604 18.98 16.61 -22.77
CA SER A 604 19.00 17.58 -23.87
C SER A 604 17.66 18.30 -23.93
N ARG A 605 17.65 19.55 -23.47
CA ARG A 605 16.43 20.37 -23.44
C ARG A 605 15.81 20.59 -24.82
N ASP A 606 16.64 20.54 -25.87
CA ASP A 606 16.18 20.58 -27.25
C ASP A 606 15.18 19.47 -27.50
N GLU A 607 15.57 18.24 -27.12
CA GLU A 607 14.70 17.06 -27.21
C GLU A 607 13.46 17.15 -26.28
N VAL A 608 13.71 17.38 -25.00
CA VAL A 608 12.65 17.51 -23.98
C VAL A 608 11.60 18.59 -24.33
N ALA A 609 12.06 19.69 -24.93
CA ALA A 609 11.16 20.75 -25.40
C ALA A 609 10.25 20.25 -26.51
N GLN A 610 10.81 19.45 -27.41
CA GLN A 610 10.03 18.86 -28.49
C GLN A 610 9.06 17.81 -27.93
N MET A 611 9.50 17.02 -26.96
CA MET A 611 8.64 15.99 -26.35
C MET A 611 7.41 16.62 -25.70
N TYR A 612 7.60 17.71 -24.96
CA TYR A 612 6.48 18.50 -24.40
C TYR A 612 5.41 18.90 -25.44
N CYS A 613 5.85 19.17 -26.67
CA CYS A 613 4.92 19.53 -27.76
C CYS A 613 4.13 18.34 -28.30
N LEU A 614 4.72 17.16 -28.30
CA LEU A 614 4.01 15.93 -28.70
C LEU A 614 2.97 15.55 -27.64
N VAL A 615 3.45 15.39 -26.42
CA VAL A 615 2.60 15.02 -25.27
C VAL A 615 1.42 15.99 -25.06
N LYS A 616 1.64 17.28 -25.33
CA LYS A 616 0.58 18.31 -25.27
C LYS A 616 -0.72 17.91 -25.98
N ASP A 617 -0.59 17.33 -27.17
CA ASP A 617 -1.74 16.90 -27.98
C ASP A 617 -1.53 15.49 -28.55
N TRP A 618 -1.04 14.61 -27.69
CA TRP A 618 -0.90 13.19 -28.02
C TRP A 618 -2.25 12.53 -27.85
N PRO A 619 -2.56 11.49 -28.67
CA PRO A 619 -3.87 10.86 -28.56
C PRO A 619 -4.09 10.16 -27.22
N PRO A 620 -5.27 10.35 -26.61
CA PRO A 620 -5.57 9.66 -25.36
C PRO A 620 -5.42 8.16 -25.50
N ILE A 621 -4.93 7.53 -24.44
CA ILE A 621 -4.75 6.09 -24.41
C ILE A 621 -5.54 5.44 -23.27
N LYS A 622 -5.63 4.11 -23.32
CA LYS A 622 -6.44 3.37 -22.39
C LYS A 622 -5.78 3.42 -20.99
N PRO A 623 -6.58 3.60 -19.93
CA PRO A 623 -6.09 3.70 -18.55
C PRO A 623 -5.11 2.61 -18.10
N GLU A 624 -5.35 1.38 -18.53
CA GLU A 624 -4.47 0.26 -18.18
C GLU A 624 -3.08 0.38 -18.83
N GLN A 625 -3.00 1.20 -19.89
CA GLN A 625 -1.75 1.57 -20.57
C GLN A 625 -1.18 2.91 -20.07
N ALA A 626 -2.08 3.83 -19.71
CA ALA A 626 -1.69 5.13 -19.14
C ALA A 626 -1.21 5.07 -17.69
N MET A 627 -1.58 4.05 -16.94
CA MET A 627 -1.07 3.88 -15.56
C MET A 627 0.42 3.60 -15.46
N GLU A 628 1.02 3.08 -16.54
CA GLU A 628 2.48 2.94 -16.62
C GLU A 628 3.13 4.32 -16.42
N LEU A 629 2.52 5.36 -17.00
CA LEU A 629 3.05 6.73 -16.96
C LEU A 629 3.04 7.41 -15.58
N LEU A 630 2.43 6.78 -14.57
CA LEU A 630 2.51 7.30 -13.19
C LEU A 630 3.45 6.50 -12.25
N ASP A 631 4.22 5.54 -12.78
CA ASP A 631 5.26 4.88 -11.95
C ASP A 631 6.53 5.74 -11.89
N CYS A 632 7.55 5.24 -11.20
CA CYS A 632 8.79 6.01 -10.96
C CYS A 632 9.67 6.25 -12.19
N ASN A 633 9.45 5.52 -13.28
CA ASN A 633 10.18 5.78 -14.53
C ASN A 633 9.65 6.94 -15.37
N TYR A 634 8.54 7.56 -14.94
CA TYR A 634 7.95 8.69 -15.65
C TYR A 634 7.58 9.80 -14.65
N PRO A 635 8.59 10.57 -14.18
CA PRO A 635 8.38 11.57 -13.13
C PRO A 635 8.03 12.96 -13.65
N ASP A 636 7.98 13.15 -14.97
CA ASP A 636 7.78 14.49 -15.53
C ASP A 636 6.33 14.98 -15.39
N PRO A 637 6.13 16.27 -15.03
CA PRO A 637 4.76 16.76 -14.89
C PRO A 637 3.92 16.67 -16.16
N MET A 638 4.51 17.02 -17.29
CA MET A 638 3.78 17.02 -18.56
C MET A 638 3.26 15.65 -18.93
N VAL A 639 4.11 14.64 -18.74
CA VAL A 639 3.75 13.25 -19.02
C VAL A 639 2.62 12.84 -18.08
N ARG A 640 2.89 12.90 -16.78
CA ARG A 640 1.91 12.52 -15.76
C ARG A 640 0.60 13.28 -15.91
N GLY A 641 0.66 14.51 -16.39
CA GLY A 641 -0.55 15.22 -16.82
C GLY A 641 -1.35 14.43 -17.85
N PHE A 642 -0.75 14.18 -19.01
CA PHE A 642 -1.36 13.37 -20.07
C PHE A 642 -1.94 12.09 -19.50
N ALA A 643 -1.19 11.44 -18.61
CA ALA A 643 -1.63 10.22 -17.95
C ALA A 643 -2.93 10.41 -17.14
N VAL A 644 -3.02 11.50 -16.38
CA VAL A 644 -4.27 11.83 -15.67
C VAL A 644 -5.36 12.27 -16.67
N ARG A 645 -4.97 12.96 -17.74
CA ARG A 645 -5.94 13.30 -18.81
C ARG A 645 -6.57 12.03 -19.39
N CYS A 646 -5.76 10.98 -19.55
CA CYS A 646 -6.27 9.67 -19.98
C CYS A 646 -7.33 9.14 -19.02
N LEU A 647 -7.04 9.21 -17.71
CA LEU A 647 -7.97 8.74 -16.67
C LEU A 647 -9.28 9.53 -16.62
N GLU A 648 -9.18 10.85 -16.75
CA GLU A 648 -10.36 11.71 -16.68
C GLU A 648 -11.33 11.38 -17.79
N LYS A 649 -10.81 11.00 -18.97
CA LYS A 649 -11.65 10.55 -20.07
C LYS A 649 -12.19 9.15 -19.82
N TYR A 650 -11.32 8.15 -19.83
CA TYR A 650 -11.77 6.75 -19.89
C TYR A 650 -12.09 6.14 -18.49
N LEU A 651 -11.13 6.16 -17.57
CA LEU A 651 -11.27 5.44 -16.28
C LEU A 651 -12.60 5.67 -15.55
N THR A 652 -13.45 4.66 -15.63
CA THR A 652 -14.77 4.69 -15.01
C THR A 652 -14.67 4.57 -13.49
N ASP A 653 -15.73 4.98 -12.79
CA ASP A 653 -15.78 4.80 -11.32
C ASP A 653 -15.65 3.36 -10.85
N ASP A 654 -16.05 2.40 -11.70
CA ASP A 654 -15.84 0.98 -11.42
C ASP A 654 -14.37 0.67 -11.55
N LYS A 655 -13.83 0.92 -12.74
CA LYS A 655 -12.46 0.54 -13.05
C LYS A 655 -11.45 1.29 -12.16
N LEU A 656 -11.82 2.48 -11.66
CA LEU A 656 -10.99 3.24 -10.71
C LEU A 656 -10.81 2.50 -9.40
N SER A 657 -11.92 2.13 -8.78
CA SER A 657 -11.86 1.44 -7.47
C SER A 657 -11.21 0.05 -7.59
N GLN A 658 -11.22 -0.54 -8.78
CA GLN A 658 -10.44 -1.76 -9.06
C GLN A 658 -8.97 -1.52 -8.77
N TYR A 659 -8.47 -0.41 -9.33
CA TYR A 659 -7.06 -0.02 -9.27
C TYR A 659 -6.72 1.08 -8.22
N LEU A 660 -7.59 1.31 -7.24
CA LEU A 660 -7.39 2.39 -6.28
C LEU A 660 -6.14 2.20 -5.45
N ILE A 661 -5.86 0.96 -5.05
CA ILE A 661 -4.65 0.62 -4.25
C ILE A 661 -3.40 1.08 -4.99
N GLN A 662 -3.32 0.74 -6.28
CA GLN A 662 -2.21 1.18 -7.14
C GLN A 662 -2.10 2.70 -7.33
N LEU A 663 -3.24 3.40 -7.43
CA LEU A 663 -3.22 4.87 -7.63
C LEU A 663 -2.85 5.69 -6.37
N VAL A 664 -3.23 5.21 -5.20
CA VAL A 664 -2.82 5.81 -3.94
C VAL A 664 -1.32 5.63 -3.74
N GLN A 665 -0.79 4.46 -4.09
CA GLN A 665 0.65 4.19 -3.97
C GLN A 665 1.51 5.01 -4.92
N VAL A 666 0.92 5.36 -6.06
CA VAL A 666 1.63 6.08 -7.10
C VAL A 666 1.77 7.58 -6.74
N LEU A 667 0.96 8.07 -5.78
CA LEU A 667 1.11 9.43 -5.20
C LEU A 667 2.50 9.69 -4.62
N LYS A 668 3.09 8.65 -4.01
CA LYS A 668 4.44 8.72 -3.46
C LYS A 668 5.51 9.21 -4.46
N TYR A 669 5.35 8.85 -5.73
CA TYR A 669 6.30 9.26 -6.75
C TYR A 669 6.05 10.65 -7.35
N GLU A 670 4.99 11.33 -6.92
CA GLU A 670 4.81 12.72 -7.35
C GLU A 670 5.82 13.63 -6.60
N GLN A 671 6.39 14.60 -7.31
CA GLN A 671 7.42 15.51 -6.75
C GLN A 671 6.90 16.43 -5.65
N TYR A 672 5.64 16.85 -5.78
CA TYR A 672 5.07 17.88 -4.90
C TYR A 672 3.69 17.45 -4.38
N LEU A 673 3.30 17.98 -3.22
CA LEU A 673 1.96 17.74 -2.64
C LEU A 673 0.82 18.04 -3.60
N ASP A 674 0.94 19.20 -4.23
CA ASP A 674 -0.10 19.78 -5.06
C ASP A 674 0.22 19.44 -6.49
N ASN A 675 -0.64 18.61 -7.09
CA ASN A 675 -0.45 18.02 -8.43
C ASN A 675 -1.79 17.56 -8.99
N LEU A 676 -1.81 17.22 -10.27
CA LEU A 676 -3.07 16.85 -10.98
C LEU A 676 -3.71 15.53 -10.54
N LEU A 677 -2.88 14.51 -10.31
CA LEU A 677 -3.34 13.23 -9.79
C LEU A 677 -4.03 13.36 -8.42
N VAL A 678 -3.45 14.08 -7.46
CA VAL A 678 -4.09 14.20 -6.13
C VAL A 678 -5.46 14.85 -6.26
N ARG A 679 -5.53 15.87 -7.11
CA ARG A 679 -6.79 16.59 -7.39
C ARG A 679 -7.85 15.71 -8.07
N PHE A 680 -7.39 14.77 -8.89
CA PHE A 680 -8.27 13.80 -9.57
C PHE A 680 -8.91 12.84 -8.57
N LEU A 681 -8.04 12.15 -7.82
CA LEU A 681 -8.47 11.15 -6.85
C LEU A 681 -9.35 11.80 -5.77
N LEU A 682 -8.84 12.87 -5.16
CA LEU A 682 -9.60 13.58 -4.13
C LEU A 682 -11.00 13.89 -4.62
N LYS A 683 -11.11 14.43 -5.84
CA LYS A 683 -12.42 14.82 -6.35
C LYS A 683 -13.33 13.61 -6.48
N LYS A 684 -12.80 12.53 -7.09
CA LYS A 684 -13.55 11.28 -7.28
C LYS A 684 -14.10 10.76 -5.97
N ALA A 685 -13.22 10.67 -4.97
CA ALA A 685 -13.58 10.29 -3.58
C ALA A 685 -14.72 11.10 -2.94
N LEU A 686 -14.81 12.37 -3.32
CA LEU A 686 -15.88 13.27 -2.88
C LEU A 686 -17.13 13.26 -3.81
N THR A 687 -16.98 12.74 -5.03
CA THR A 687 -18.11 12.42 -5.93
C THR A 687 -18.78 11.06 -5.63
N ASN A 688 -18.02 10.12 -5.08
CA ASN A 688 -18.48 8.75 -4.86
C ASN A 688 -18.04 8.24 -3.48
N GLN A 689 -18.98 7.95 -2.60
CA GLN A 689 -18.66 7.57 -1.21
C GLN A 689 -18.13 6.12 -1.06
N ARG A 690 -18.35 5.27 -2.06
CA ARG A 690 -17.74 3.95 -2.08
C ARG A 690 -16.25 4.07 -2.41
N ILE A 691 -15.89 5.05 -3.24
CA ILE A 691 -14.47 5.35 -3.50
C ILE A 691 -13.88 6.01 -2.26
N GLY A 692 -14.55 7.05 -1.80
CA GLY A 692 -14.18 7.75 -0.57
C GLY A 692 -13.84 6.78 0.54
N HIS A 693 -14.68 5.76 0.73
CA HIS A 693 -14.51 4.83 1.83
C HIS A 693 -13.17 4.11 1.78
N PHE A 694 -12.81 3.63 0.60
CA PHE A 694 -11.53 2.93 0.45
C PHE A 694 -10.37 3.89 0.25
N PHE A 695 -10.66 5.06 -0.29
CA PHE A 695 -9.66 6.12 -0.38
C PHE A 695 -9.20 6.51 1.02
N PHE A 696 -10.13 6.58 1.97
CA PHE A 696 -9.78 6.89 3.36
C PHE A 696 -8.88 5.83 3.95
N TRP A 697 -9.32 4.58 3.85
CA TRP A 697 -8.67 3.47 4.53
C TRP A 697 -7.29 3.07 4.00
N HIS A 698 -7.02 3.30 2.72
CA HIS A 698 -5.67 3.04 2.19
C HIS A 698 -4.69 4.12 2.61
N LEU A 699 -5.17 5.37 2.65
CA LEU A 699 -4.39 6.49 3.16
C LEU A 699 -4.14 6.32 4.65
N LYS A 700 -5.22 6.09 5.39
CA LYS A 700 -5.17 5.87 6.84
C LYS A 700 -4.24 4.72 7.23
N SER A 701 -4.29 3.63 6.45
CA SER A 701 -3.40 2.48 6.63
C SER A 701 -1.93 2.87 6.72
N GLU A 702 -1.50 3.74 5.81
CA GLU A 702 -0.09 4.10 5.67
C GLU A 702 0.34 5.28 6.53
N MET A 703 -0.58 5.87 7.29
CA MET A 703 -0.27 7.03 8.15
C MET A 703 0.85 6.81 9.15
N HIS A 704 1.01 5.57 9.61
CA HIS A 704 2.15 5.19 10.45
C HIS A 704 3.53 5.35 9.77
N ASN A 705 3.58 5.38 8.44
CA ASN A 705 4.85 5.43 7.72
C ASN A 705 5.34 6.86 7.45
N LYS A 706 6.43 7.23 8.11
CA LYS A 706 6.95 8.62 8.09
C LYS A 706 7.40 9.13 6.70
N THR A 707 7.60 8.22 5.75
CA THR A 707 7.73 8.62 4.36
C THR A 707 6.54 9.48 3.92
N VAL A 708 5.34 9.13 4.39
CA VAL A 708 4.10 9.77 3.91
C VAL A 708 3.14 10.36 4.95
N SER A 709 3.44 10.18 6.24
CA SER A 709 2.59 10.73 7.32
C SER A 709 2.10 12.14 7.02
N GLN A 710 3.03 13.04 6.70
CA GLN A 710 2.72 14.43 6.37
C GLN A 710 1.82 14.53 5.14
N ARG A 711 2.21 13.86 4.05
CA ARG A 711 1.44 13.97 2.82
C ARG A 711 0.00 13.48 2.96
N PHE A 712 -0.13 12.25 3.45
CA PHE A 712 -1.43 11.58 3.54
C PHE A 712 -2.34 12.18 4.59
N GLY A 713 -1.77 12.72 5.67
CA GLY A 713 -2.54 13.48 6.65
C GLY A 713 -3.22 14.68 6.00
N LEU A 714 -2.44 15.44 5.24
CA LEU A 714 -2.94 16.64 4.55
C LEU A 714 -4.10 16.29 3.62
N LEU A 715 -3.91 15.21 2.86
CA LEU A 715 -4.93 14.73 1.93
C LEU A 715 -6.15 14.20 2.65
N LEU A 716 -5.92 13.45 3.74
CA LEU A 716 -7.00 12.96 4.61
C LEU A 716 -7.74 14.10 5.31
N GLU A 717 -7.06 15.20 5.60
CA GLU A 717 -7.73 16.40 6.10
C GLU A 717 -8.74 16.92 5.07
N SER A 718 -8.26 17.05 3.82
CA SER A 718 -9.06 17.52 2.69
C SER A 718 -10.30 16.67 2.51
N TYR A 719 -10.10 15.35 2.49
CA TYR A 719 -11.21 14.41 2.37
C TYR A 719 -12.19 14.59 3.54
N CYS A 720 -11.67 14.49 4.76
CA CYS A 720 -12.50 14.51 5.97
C CYS A 720 -13.32 15.77 6.09
N ARG A 721 -12.74 16.89 5.71
CA ARG A 721 -13.43 18.18 5.77
C ARG A 721 -14.58 18.30 4.75
N ALA A 722 -14.48 17.60 3.62
CA ALA A 722 -15.44 17.71 2.52
C ALA A 722 -16.41 16.52 2.34
N CYS A 723 -16.16 15.39 2.99
CA CYS A 723 -16.95 14.15 2.78
C CYS A 723 -18.39 14.13 3.36
N GLY A 724 -18.79 15.19 4.05
CA GLY A 724 -20.14 15.28 4.57
C GLY A 724 -20.26 14.42 5.81
N MET A 725 -21.40 13.75 5.97
CA MET A 725 -21.67 12.96 7.19
C MET A 725 -20.92 11.64 7.28
N TYR A 726 -20.34 11.18 6.18
CA TYR A 726 -19.54 9.96 6.25
C TYR A 726 -18.37 10.07 7.21
N LEU A 727 -17.89 11.30 7.45
CA LEU A 727 -16.89 11.53 8.49
C LEU A 727 -17.33 10.92 9.81
N LYS A 728 -18.60 11.13 10.16
CA LYS A 728 -19.16 10.57 11.40
C LYS A 728 -19.30 9.04 11.38
N HIS A 729 -19.55 8.49 10.21
CA HIS A 729 -19.48 7.04 10.01
C HIS A 729 -18.05 6.47 10.11
N LEU A 730 -17.10 7.13 9.46
CA LEU A 730 -15.71 6.73 9.58
C LEU A 730 -15.20 6.86 11.02
N ASN A 731 -15.66 7.88 11.74
CA ASN A 731 -15.26 8.07 13.14
C ASN A 731 -15.70 6.94 14.06
N ARG A 732 -16.84 6.33 13.74
CA ARG A 732 -17.25 5.12 14.43
C ARG A 732 -16.40 3.91 14.02
N GLN A 733 -16.18 3.73 12.73
CA GLN A 733 -15.34 2.63 12.26
C GLN A 733 -13.98 2.73 12.94
N VAL A 734 -13.39 3.91 12.89
CA VAL A 734 -12.06 4.16 13.48
C VAL A 734 -12.05 3.78 14.97
N GLU A 735 -13.05 4.24 15.71
CA GLU A 735 -13.16 3.96 17.15
C GLU A 735 -13.29 2.46 17.43
N ALA A 736 -14.04 1.76 16.60
CA ALA A 736 -14.18 0.31 16.70
C ALA A 736 -12.88 -0.43 16.44
N MET A 737 -12.07 0.06 15.51
CA MET A 737 -10.76 -0.57 15.27
C MET A 737 -9.80 -0.32 16.44
N GLU A 738 -9.77 0.90 16.95
CA GLU A 738 -8.88 1.22 18.07
C GLU A 738 -9.20 0.40 19.30
N LYS A 739 -10.48 0.13 19.55
CA LYS A 739 -10.91 -0.79 20.62
C LYS A 739 -10.25 -2.16 20.47
N LEU A 740 -10.37 -2.71 19.26
CA LEU A 740 -9.80 -4.01 18.92
C LEU A 740 -8.29 -4.01 18.91
N ILE A 741 -7.66 -2.88 18.56
CA ILE A 741 -6.19 -2.80 18.53
C ILE A 741 -5.63 -2.91 19.95
N ASN A 742 -6.31 -2.27 20.90
CA ASN A 742 -5.90 -2.40 22.30
C ASN A 742 -6.12 -3.82 22.79
N LEU A 743 -7.37 -4.27 22.67
CA LEU A 743 -7.77 -5.57 23.21
C LEU A 743 -6.75 -6.64 22.81
N THR A 744 -6.45 -6.73 21.52
CA THR A 744 -5.43 -7.65 21.03
C THR A 744 -4.02 -7.35 21.57
N ASP A 745 -3.64 -6.07 21.59
CA ASP A 745 -2.35 -5.69 22.19
C ASP A 745 -2.21 -6.11 23.67
N ILE A 746 -3.33 -6.17 24.42
CA ILE A 746 -3.28 -6.65 25.81
C ILE A 746 -3.10 -8.17 25.78
N LEU A 747 -3.95 -8.84 24.98
CA LEU A 747 -3.86 -10.28 24.75
C LEU A 747 -2.48 -10.76 24.29
N LYS A 748 -1.75 -9.95 23.54
CA LYS A 748 -0.48 -10.38 22.99
C LYS A 748 0.73 -10.10 23.87
N GLN A 749 0.53 -9.31 24.94
CA GLN A 749 1.60 -8.97 25.86
C GLN A 749 1.40 -9.66 27.19
N GLU A 750 0.42 -9.19 27.96
CA GLU A 750 0.29 -9.62 29.35
C GLU A 750 -0.48 -10.92 29.50
N LYS A 751 -1.45 -11.15 28.62
CA LYS A 751 -2.26 -12.38 28.64
C LYS A 751 -1.73 -13.51 27.72
N LYS A 752 -0.49 -13.37 27.22
CA LYS A 752 0.26 -14.52 26.70
C LYS A 752 0.72 -15.32 27.93
N ASP A 753 1.16 -16.56 27.71
CA ASP A 753 1.45 -17.49 28.81
C ASP A 753 0.23 -17.60 29.76
N GLU A 754 -0.92 -17.85 29.13
CA GLU A 754 -2.20 -18.13 29.79
C GLU A 754 -2.89 -19.17 28.95
N THR A 755 -3.91 -19.83 29.50
CA THR A 755 -4.76 -20.72 28.70
C THR A 755 -5.69 -19.88 27.83
N GLN A 756 -6.10 -20.45 26.69
CA GLN A 756 -7.21 -19.92 25.92
C GLN A 756 -8.35 -19.64 26.89
N LYS A 757 -8.66 -20.64 27.72
CA LYS A 757 -9.67 -20.54 28.78
C LYS A 757 -9.61 -19.22 29.54
N VAL A 758 -8.41 -18.88 30.01
CA VAL A 758 -8.17 -17.65 30.77
C VAL A 758 -8.31 -16.41 29.88
N GLN A 759 -7.62 -16.42 28.73
CA GLN A 759 -7.71 -15.36 27.71
C GLN A 759 -9.16 -15.06 27.32
N MET A 760 -9.91 -16.07 26.87
CA MET A 760 -11.32 -15.91 26.46
C MET A 760 -12.20 -15.37 27.58
N LYS A 761 -11.87 -15.70 28.83
CA LYS A 761 -12.59 -15.14 29.98
C LYS A 761 -12.30 -13.65 30.11
N PHE A 762 -11.06 -13.25 29.82
CA PHE A 762 -10.68 -11.83 29.75
C PHE A 762 -11.35 -11.08 28.59
N LEU A 763 -11.38 -11.70 27.41
CA LEU A 763 -12.01 -11.10 26.22
C LEU A 763 -13.48 -10.77 26.45
N VAL A 764 -14.23 -11.75 26.94
CA VAL A 764 -15.68 -11.59 27.10
C VAL A 764 -15.98 -10.60 28.22
N GLU A 765 -15.22 -10.61 29.30
CA GLU A 765 -15.36 -9.58 30.33
C GLU A 765 -15.30 -8.21 29.67
N GLN A 766 -14.20 -7.96 28.95
CA GLN A 766 -13.91 -6.64 28.35
C GLN A 766 -14.97 -6.20 27.38
N MET A 767 -15.35 -7.09 26.48
CA MET A 767 -16.34 -6.75 25.47
C MET A 767 -17.72 -6.43 26.05
N ARG A 768 -18.03 -6.95 27.24
CA ARG A 768 -19.33 -6.64 27.89
C ARG A 768 -19.40 -5.26 28.55
N ARG A 769 -18.25 -4.66 28.86
CA ARG A 769 -18.25 -3.31 29.42
C ARG A 769 -18.91 -2.33 28.45
N PRO A 770 -19.52 -1.24 28.97
CA PRO A 770 -20.35 -0.38 28.11
C PRO A 770 -19.56 0.44 27.08
N ASP A 771 -18.32 0.82 27.39
CA ASP A 771 -17.46 1.49 26.41
C ASP A 771 -17.13 0.63 25.20
N PHE A 772 -17.03 -0.69 25.40
CA PHE A 772 -16.86 -1.67 24.32
C PHE A 772 -18.17 -1.96 23.63
N MET A 773 -19.24 -2.02 24.42
CA MET A 773 -20.58 -2.26 23.87
C MET A 773 -21.07 -1.09 23.01
N ASP A 774 -20.77 0.13 23.43
CA ASP A 774 -21.00 1.33 22.60
C ASP A 774 -20.17 1.32 21.31
N ALA A 775 -18.88 1.02 21.46
CA ALA A 775 -17.89 1.27 20.41
C ALA A 775 -17.83 0.21 19.31
N LEU A 776 -18.20 -1.03 19.62
CA LEU A 776 -18.10 -2.15 18.67
C LEU A 776 -19.41 -2.61 18.07
N GLN A 777 -20.53 -1.95 18.36
CA GLN A 777 -21.82 -2.45 17.89
C GLN A 777 -22.35 -1.74 16.64
N GLY A 778 -23.12 -0.66 16.77
CA GLY A 778 -23.76 -0.06 15.59
C GLY A 778 -22.77 0.70 14.73
N PHE A 779 -22.28 0.07 13.67
CA PHE A 779 -21.33 0.72 12.71
C PHE A 779 -21.19 -0.06 11.38
N LEU A 780 -20.41 0.46 10.43
CA LEU A 780 -20.27 -0.14 9.10
C LEU A 780 -19.02 -1.00 8.97
N SER A 781 -19.12 -2.17 8.35
CA SER A 781 -17.92 -2.96 8.04
C SER A 781 -16.97 -2.13 7.15
N PRO A 782 -15.71 -1.98 7.56
CA PRO A 782 -14.70 -1.39 6.67
C PRO A 782 -14.39 -2.23 5.43
N LEU A 783 -14.57 -3.54 5.53
CA LEU A 783 -14.44 -4.44 4.38
C LEU A 783 -15.46 -4.16 3.31
N ASN A 784 -16.70 -3.86 3.70
CA ASN A 784 -17.70 -3.38 2.74
C ASN A 784 -18.82 -2.60 3.41
N PRO A 785 -18.75 -1.25 3.37
CA PRO A 785 -19.62 -0.41 4.18
C PRO A 785 -21.11 -0.53 3.84
N ALA A 786 -21.41 -1.21 2.73
CA ALA A 786 -22.76 -1.72 2.48
C ALA A 786 -23.27 -2.54 3.65
N HIS A 787 -22.46 -3.49 4.09
CA HIS A 787 -22.90 -4.33 5.20
C HIS A 787 -22.84 -3.49 6.45
N GLN A 788 -23.95 -3.50 7.19
CA GLN A 788 -23.97 -2.94 8.52
C GLN A 788 -23.60 -4.02 9.51
N LEU A 789 -23.09 -3.56 10.64
CA LEU A 789 -22.78 -4.42 11.78
C LEU A 789 -23.66 -3.91 12.94
N GLY A 790 -24.48 -4.79 13.53
CA GLY A 790 -25.44 -4.38 14.55
C GLY A 790 -24.96 -4.67 15.95
N ASN A 791 -25.75 -5.42 16.71
CA ASN A 791 -25.30 -5.94 17.99
C ASN A 791 -24.24 -7.02 17.79
N LEU A 792 -23.31 -7.08 18.75
CA LEU A 792 -22.35 -8.15 18.87
C LEU A 792 -23.02 -9.37 19.47
N ARG A 793 -22.85 -10.52 18.81
CA ARG A 793 -23.19 -11.80 19.37
C ARG A 793 -21.90 -12.40 19.95
N LEU A 794 -21.75 -12.30 21.27
CA LEU A 794 -20.49 -12.63 21.96
C LEU A 794 -20.22 -14.14 22.11
N GLU A 795 -21.24 -14.95 21.96
CA GLU A 795 -21.10 -16.38 22.15
C GLU A 795 -20.41 -16.96 20.93
N GLU A 796 -20.76 -16.43 19.76
CA GLU A 796 -20.08 -16.75 18.52
C GLU A 796 -18.82 -15.88 18.26
N CYS A 797 -18.55 -14.89 19.12
CA CYS A 797 -17.25 -14.17 19.13
C CYS A 797 -16.21 -14.96 19.92
N ARG A 798 -15.00 -15.03 19.38
CA ARG A 798 -13.91 -15.77 20.04
C ARG A 798 -12.53 -15.49 19.44
N ILE A 799 -11.49 -15.87 20.21
CA ILE A 799 -10.11 -15.80 19.77
C ILE A 799 -9.75 -17.10 19.06
N MET A 800 -9.12 -16.99 17.90
CA MET A 800 -8.66 -18.18 17.20
C MET A 800 -7.40 -18.80 17.83
N SER A 801 -7.09 -20.01 17.35
CA SER A 801 -5.96 -20.77 17.85
C SER A 801 -4.62 -20.22 17.40
N SER A 802 -4.58 -19.36 16.37
CA SER A 802 -3.32 -18.80 15.91
C SER A 802 -2.57 -18.10 17.04
N ALA A 803 -1.25 -18.11 16.94
CA ALA A 803 -0.39 -17.43 17.91
C ALA A 803 -0.55 -15.91 17.91
N LYS A 804 -0.99 -15.35 16.78
CA LYS A 804 -1.15 -13.91 16.61
C LYS A 804 -2.36 -13.38 17.40
N ARG A 805 -3.19 -14.30 17.92
CA ARG A 805 -4.40 -13.96 18.66
C ARG A 805 -5.31 -13.09 17.77
N PRO A 806 -5.75 -13.64 16.63
CA PRO A 806 -6.78 -12.96 15.87
C PRO A 806 -8.14 -13.15 16.53
N LEU A 807 -9.05 -12.21 16.30
CA LEU A 807 -10.37 -12.26 16.86
C LEU A 807 -11.36 -12.63 15.79
N TRP A 808 -12.08 -13.72 16.03
CA TRP A 808 -13.25 -14.10 15.25
C TRP A 808 -14.45 -13.32 15.79
N LEU A 809 -14.86 -12.28 15.06
CA LEU A 809 -15.90 -11.37 15.50
C LEU A 809 -17.19 -11.55 14.70
N ASN A 810 -18.33 -11.32 15.36
CA ASN A 810 -19.66 -11.67 14.84
C ASN A 810 -20.69 -10.60 15.21
N TRP A 811 -21.46 -10.16 14.21
CA TRP A 811 -22.45 -9.11 14.37
C TRP A 811 -23.79 -9.54 13.79
N GLU A 812 -24.87 -9.08 14.41
CA GLU A 812 -26.21 -9.28 13.85
C GLU A 812 -26.36 -8.30 12.69
N ASN A 813 -26.71 -8.79 11.50
CA ASN A 813 -27.08 -7.90 10.40
C ASN A 813 -28.39 -7.22 10.77
N PRO A 814 -28.36 -5.90 11.02
CA PRO A 814 -29.57 -5.25 11.49
C PRO A 814 -30.49 -4.77 10.36
N ASP A 815 -30.26 -5.23 9.13
CA ASP A 815 -31.16 -4.92 8.02
C ASP A 815 -32.60 -5.33 8.33
N ILE A 816 -33.55 -4.75 7.61
CA ILE A 816 -34.94 -5.20 7.64
C ILE A 816 -35.01 -6.66 7.19
N MET A 817 -34.28 -6.96 6.11
CA MET A 817 -34.23 -8.27 5.46
C MET A 817 -32.95 -9.06 5.75
N SEP A 818 -32.48 -9.03 7.00
CA SEP A 818 -31.39 -9.90 7.45
CB SEP A 818 -31.35 -10.07 8.99
OG SEP A 818 -31.88 -8.95 9.70
C SEP A 818 -31.59 -11.26 6.86
O SEP A 818 -30.71 -11.78 6.16
P SEP A 818 -32.73 -9.13 11.08
O1P SEP A 818 -32.37 -7.91 11.88
O2P SEP A 818 -34.15 -9.16 10.55
O3P SEP A 818 -32.27 -10.43 11.72
N GLU A 819 -32.77 -11.81 7.12
CA GLU A 819 -33.11 -13.19 6.78
C GLU A 819 -32.76 -13.54 5.34
N LEU A 820 -33.09 -12.66 4.42
CA LEU A 820 -32.89 -12.92 2.99
C LEU A 820 -31.42 -12.99 2.53
N LEU A 821 -30.49 -12.34 3.26
CA LEU A 821 -29.06 -12.26 2.85
C LEU A 821 -28.13 -13.00 3.80
N PHE A 822 -27.99 -12.50 5.03
CA PHE A 822 -27.32 -13.28 6.08
C PHE A 822 -27.70 -12.66 7.40
N GLN A 823 -28.20 -13.48 8.32
CA GLN A 823 -28.56 -13.00 9.66
C GLN A 823 -27.32 -12.65 10.48
N ASN A 824 -26.18 -13.24 10.14
CA ASN A 824 -24.92 -12.97 10.81
C ASN A 824 -23.78 -12.62 9.85
N ASN A 825 -23.28 -11.39 10.02
CA ASN A 825 -22.02 -10.94 9.44
C ASN A 825 -20.92 -11.31 10.40
N GLU A 826 -19.77 -11.73 9.87
CA GLU A 826 -18.63 -12.06 10.71
C GLU A 826 -17.33 -11.97 9.95
N ILE A 827 -16.34 -11.32 10.57
CA ILE A 827 -15.09 -10.93 9.91
C ILE A 827 -13.95 -10.99 10.91
N ILE A 828 -12.76 -11.39 10.44
CA ILE A 828 -11.64 -11.66 11.35
C ILE A 828 -10.78 -10.43 11.42
N PHE A 829 -10.40 -10.07 12.64
CA PHE A 829 -9.51 -8.95 12.93
C PHE A 829 -8.19 -9.54 13.41
N LYS A 830 -7.09 -9.27 12.71
CA LYS A 830 -5.79 -9.88 13.04
C LYS A 830 -4.71 -8.82 13.31
N ASN A 831 -4.48 -8.55 14.59
CA ASN A 831 -3.35 -7.72 14.97
C ASN A 831 -2.11 -8.54 14.78
N GLY A 832 -1.14 -7.94 14.09
CA GLY A 832 0.24 -8.41 14.08
C GLY A 832 0.76 -9.11 12.85
N ASP A 833 0.15 -8.84 11.71
CA ASP A 833 0.48 -9.56 10.49
C ASP A 833 0.25 -8.61 9.35
N ASP A 834 1.24 -8.45 8.48
CA ASP A 834 1.15 -7.40 7.45
C ASP A 834 0.23 -7.83 6.29
N LEU A 835 -1.00 -7.32 6.30
CA LEU A 835 -2.03 -7.77 5.37
C LEU A 835 -1.84 -7.35 3.91
N ARG A 836 -0.99 -6.36 3.65
CA ARG A 836 -0.93 -5.74 2.31
C ARG A 836 -0.32 -6.56 1.18
N GLN A 837 0.46 -7.58 1.51
CA GLN A 837 0.90 -8.56 0.51
C GLN A 837 -0.29 -9.36 0.03
N ASP A 838 -1.01 -9.96 0.97
CA ASP A 838 -2.23 -10.73 0.69
C ASP A 838 -3.24 -9.86 -0.07
N MET A 839 -3.56 -8.71 0.50
CA MET A 839 -4.36 -7.66 -0.14
C MET A 839 -4.09 -7.54 -1.65
N LEU A 840 -2.81 -7.49 -2.03
CA LEU A 840 -2.41 -7.28 -3.42
C LEU A 840 -2.65 -8.53 -4.27
N THR A 841 -2.21 -9.69 -3.81
CA THR A 841 -2.45 -10.96 -4.55
C THR A 841 -3.98 -11.24 -4.75
N LEU A 842 -4.75 -11.10 -3.68
CA LEU A 842 -6.22 -11.17 -3.75
C LEU A 842 -6.81 -10.15 -4.73
N GLN A 843 -6.19 -8.98 -4.82
CA GLN A 843 -6.54 -8.01 -5.86
C GLN A 843 -6.17 -8.53 -7.25
N ILE A 844 -4.96 -9.10 -7.38
CA ILE A 844 -4.50 -9.59 -8.69
C ILE A 844 -5.40 -10.74 -9.17
N ILE A 845 -5.73 -11.64 -8.24
CA ILE A 845 -6.71 -12.74 -8.49
C ILE A 845 -8.08 -12.22 -8.99
N ARG A 846 -8.63 -11.23 -8.31
CA ARG A 846 -9.88 -10.58 -8.72
C ARG A 846 -9.78 -10.01 -10.14
N ILE A 847 -8.61 -9.49 -10.51
CA ILE A 847 -8.38 -8.92 -11.85
C ILE A 847 -8.18 -10.03 -12.87
N MET A 848 -7.48 -11.11 -12.50
CA MET A 848 -7.37 -12.29 -13.38
C MET A 848 -8.72 -12.93 -13.68
N GLU A 849 -9.59 -12.98 -12.66
CA GLU A 849 -10.89 -13.61 -12.80
C GLU A 849 -11.71 -12.84 -13.81
N ASN A 850 -11.82 -11.52 -13.62
CA ASN A 850 -12.53 -10.64 -14.56
C ASN A 850 -11.97 -10.75 -15.97
N ILE A 851 -10.64 -10.79 -16.08
CA ILE A 851 -9.99 -10.97 -17.38
C ILE A 851 -10.45 -12.25 -18.08
N TRP A 852 -10.44 -13.37 -17.37
CA TRP A 852 -10.89 -14.64 -17.95
C TRP A 852 -12.38 -14.59 -18.30
N GLN A 853 -13.19 -14.22 -17.31
CA GLN A 853 -14.64 -14.38 -17.40
C GLN A 853 -15.25 -13.44 -18.43
N ASN A 854 -14.84 -12.17 -18.40
CA ASN A 854 -15.31 -11.18 -19.38
C ASN A 854 -14.84 -11.49 -20.81
N GLN A 855 -13.79 -12.30 -20.93
CA GLN A 855 -13.36 -12.88 -22.22
C GLN A 855 -13.86 -14.34 -22.35
N GLY A 856 -15.06 -14.62 -21.83
CA GLY A 856 -15.74 -15.89 -22.02
C GLY A 856 -15.03 -17.20 -21.67
N LEU A 857 -14.59 -17.37 -20.42
CA LEU A 857 -14.23 -18.70 -19.88
C LEU A 857 -14.23 -18.70 -18.35
N ASP A 858 -15.00 -19.64 -17.79
CA ASP A 858 -15.57 -19.52 -16.44
C ASP A 858 -14.77 -20.25 -15.36
N LEU A 859 -13.56 -19.80 -15.13
CA LEU A 859 -12.80 -20.25 -13.97
C LEU A 859 -13.30 -19.43 -12.77
N ARG A 860 -13.40 -20.05 -11.60
CA ARG A 860 -14.01 -19.38 -10.44
C ARG A 860 -13.06 -19.28 -9.25
N MET A 861 -12.49 -18.08 -9.13
CA MET A 861 -11.65 -17.69 -8.02
C MET A 861 -12.57 -17.14 -6.95
N LEU A 862 -12.12 -17.20 -5.71
CA LEU A 862 -12.81 -16.61 -4.57
C LEU A 862 -11.81 -15.64 -3.93
N PRO A 863 -11.68 -14.44 -4.53
CA PRO A 863 -10.80 -13.45 -3.97
C PRO A 863 -11.53 -12.84 -2.79
N TYR A 864 -11.42 -13.50 -1.65
CA TYR A 864 -12.05 -13.03 -0.44
C TYR A 864 -11.54 -11.64 -0.04
N GLY A 865 -12.34 -10.91 0.70
CA GLY A 865 -11.97 -9.57 1.13
C GLY A 865 -10.86 -9.53 2.17
N CYS A 866 -9.99 -8.53 2.01
CA CYS A 866 -8.91 -8.25 2.96
C CYS A 866 -8.64 -6.75 2.97
N LEU A 867 -8.46 -6.17 4.16
CA LEU A 867 -8.16 -4.73 4.30
C LEU A 867 -7.20 -4.46 5.42
N SER A 868 -6.04 -3.86 5.10
CA SER A 868 -5.09 -3.41 6.11
C SER A 868 -5.48 -2.01 6.51
N ILE A 869 -5.54 -1.78 7.82
CA ILE A 869 -6.05 -0.52 8.39
C ILE A 869 -4.99 0.21 9.23
N GLY A 870 -3.74 -0.22 9.11
CA GLY A 870 -2.69 0.26 9.99
C GLY A 870 -1.46 -0.59 9.90
N ASP A 871 -0.60 -0.46 10.89
CA ASP A 871 0.69 -1.13 10.89
C ASP A 871 0.50 -2.58 11.32
N CYS A 872 0.46 -3.47 10.33
CA CYS A 872 0.19 -4.89 10.56
C CYS A 872 -1.08 -5.10 11.37
N VAL A 873 -2.15 -4.44 10.95
CA VAL A 873 -3.50 -4.65 11.52
C VAL A 873 -4.53 -4.60 10.40
N GLY A 874 -5.46 -5.56 10.38
CA GLY A 874 -6.39 -5.68 9.25
C GLY A 874 -7.57 -6.61 9.41
N LEU A 875 -8.38 -6.68 8.36
CA LEU A 875 -9.65 -7.37 8.37
C LEU A 875 -9.75 -8.38 7.24
N ILE A 876 -10.18 -9.60 7.56
CA ILE A 876 -10.34 -10.65 6.57
C ILE A 876 -11.76 -11.20 6.57
N GLU A 877 -12.40 -11.13 5.39
CA GLU A 877 -13.73 -11.68 5.15
C GLU A 877 -13.73 -13.15 5.53
N VAL A 878 -14.69 -13.56 6.36
CA VAL A 878 -14.96 -14.98 6.59
C VAL A 878 -15.79 -15.50 5.43
N VAL A 879 -15.38 -16.65 4.90
CA VAL A 879 -16.19 -17.39 3.97
C VAL A 879 -16.81 -18.52 4.77
N ARG A 880 -18.13 -18.48 4.91
CA ARG A 880 -18.89 -19.51 5.64
C ARG A 880 -18.93 -20.80 4.83
N ASN A 881 -18.93 -21.93 5.53
CA ASN A 881 -19.02 -23.26 4.92
C ASN A 881 -17.84 -23.55 3.99
N SER A 882 -16.65 -23.49 4.57
CA SER A 882 -15.44 -23.86 3.86
C SER A 882 -14.44 -24.36 4.88
N HIS A 883 -13.62 -25.31 4.47
CA HIS A 883 -12.73 -26.02 5.39
C HIS A 883 -11.39 -26.25 4.75
N THR A 884 -10.35 -26.27 5.57
CA THR A 884 -9.02 -26.61 5.12
C THR A 884 -9.02 -28.08 4.73
N ILE A 885 -8.33 -28.41 3.64
CA ILE A 885 -8.19 -29.80 3.22
C ILE A 885 -7.87 -30.64 4.45
N MET A 886 -6.94 -30.15 5.29
CA MET A 886 -6.58 -30.82 6.55
C MET A 886 -7.78 -31.28 7.38
N GLN A 887 -8.76 -30.40 7.57
CA GLN A 887 -9.99 -30.76 8.30
C GLN A 887 -10.78 -31.84 7.61
N ILE A 888 -11.02 -31.66 6.31
CA ILE A 888 -11.65 -32.71 5.50
C ILE A 888 -11.07 -34.10 5.85
N GLN A 889 -9.75 -34.15 5.93
CA GLN A 889 -9.03 -35.39 6.23
C GLN A 889 -9.06 -35.75 7.70
N CYS A 890 -9.00 -34.76 8.60
CA CYS A 890 -9.15 -35.00 10.05
C CYS A 890 -10.51 -35.60 10.43
N LYS A 891 -11.57 -35.01 9.89
CA LYS A 891 -12.93 -35.48 10.15
C LYS A 891 -13.21 -36.85 9.49
N GLY A 892 -12.60 -37.10 8.33
CA GLY A 892 -12.71 -38.39 7.63
C GLY A 892 -11.65 -39.46 7.94
N GLY A 893 -10.87 -39.25 9.00
CA GLY A 893 -9.84 -40.22 9.42
C GLY A 893 -10.46 -41.35 10.21
N LEU A 894 -10.09 -42.59 9.86
CA LEU A 894 -10.73 -43.79 10.40
C LEU A 894 -10.05 -44.30 11.67
N LYS A 895 -10.85 -44.50 12.72
CA LYS A 895 -10.47 -45.21 13.97
C LYS A 895 -8.98 -45.09 14.38
N GLY A 896 -8.19 -46.15 14.17
CA GLY A 896 -6.78 -46.19 14.56
C GLY A 896 -5.98 -45.33 13.59
N ALA A 897 -5.08 -44.52 14.13
CA ALA A 897 -4.39 -43.50 13.34
C ALA A 897 -3.27 -44.11 12.46
N LEU A 898 -3.64 -44.73 11.34
CA LEU A 898 -2.66 -45.33 10.39
C LEU A 898 -2.15 -44.32 9.35
N GLN A 899 -3.02 -43.95 8.40
CA GLN A 899 -2.73 -42.98 7.33
C GLN A 899 -4.06 -42.33 6.93
N PHE A 900 -3.98 -41.14 6.34
CA PHE A 900 -5.19 -40.49 5.79
C PHE A 900 -5.41 -40.96 4.36
N ASN A 901 -6.69 -41.17 4.04
CA ASN A 901 -7.11 -41.64 2.73
C ASN A 901 -7.08 -40.51 1.68
N SER A 902 -6.61 -40.80 0.47
CA SER A 902 -6.68 -39.83 -0.65
C SER A 902 -8.11 -39.54 -1.08
N HIS A 903 -8.95 -40.56 -1.01
CA HIS A 903 -10.34 -40.46 -1.38
C HIS A 903 -11.18 -39.59 -0.42
N THR A 904 -10.80 -39.46 0.86
CA THR A 904 -11.67 -38.75 1.84
C THR A 904 -12.15 -37.37 1.38
N LEU A 905 -11.34 -36.65 0.60
CA LEU A 905 -11.80 -35.38 0.01
C LEU A 905 -12.98 -35.66 -0.89
N HIS A 906 -12.76 -36.56 -1.84
CA HIS A 906 -13.82 -37.01 -2.71
C HIS A 906 -15.04 -37.54 -1.96
N GLN A 907 -14.80 -38.35 -0.93
CA GLN A 907 -15.88 -38.91 -0.10
C GLN A 907 -16.65 -37.79 0.61
N TRP A 908 -15.91 -36.81 1.13
CA TRP A 908 -16.50 -35.66 1.81
C TRP A 908 -17.28 -34.75 0.87
N LEU A 909 -16.79 -34.59 -0.36
CA LEU A 909 -17.45 -33.75 -1.35
C LEU A 909 -18.77 -34.39 -1.82
N LYS A 910 -18.76 -35.70 -2.08
CA LYS A 910 -19.99 -36.52 -2.33
C LYS A 910 -21.02 -36.46 -1.21
N ASP A 911 -20.55 -36.47 0.03
CA ASP A 911 -21.42 -36.37 1.20
C ASP A 911 -22.22 -35.04 1.22
N LYS A 912 -21.67 -34.00 0.58
CA LYS A 912 -22.33 -32.68 0.44
C LYS A 912 -23.14 -32.50 -0.85
N ASN A 913 -22.73 -33.15 -1.93
CA ASN A 913 -23.39 -33.00 -3.25
C ASN A 913 -23.79 -34.35 -3.83
N LYS A 914 -25.10 -34.58 -3.95
CA LYS A 914 -25.66 -35.88 -4.37
C LYS A 914 -26.75 -35.70 -5.41
N GLY A 915 -26.63 -36.42 -6.52
CA GLY A 915 -27.59 -36.34 -7.63
C GLY A 915 -26.94 -35.65 -8.81
N GLU A 916 -27.73 -34.85 -9.55
CA GLU A 916 -27.17 -33.98 -10.61
C GLU A 916 -26.28 -32.88 -10.00
N ILE A 917 -26.55 -32.58 -8.72
CA ILE A 917 -25.76 -31.66 -7.91
C ILE A 917 -24.28 -32.10 -7.85
N TYR A 918 -24.03 -33.40 -7.67
CA TYR A 918 -22.65 -33.94 -7.70
C TYR A 918 -21.89 -33.57 -8.98
N ASP A 919 -22.49 -33.85 -10.14
CA ASP A 919 -21.86 -33.56 -11.44
C ASP A 919 -21.39 -32.10 -11.51
N ALA A 920 -22.26 -31.20 -11.05
CA ALA A 920 -22.01 -29.77 -11.09
C ALA A 920 -20.96 -29.33 -10.08
N ALA A 921 -20.90 -30.00 -8.93
CA ALA A 921 -19.87 -29.72 -7.90
C ALA A 921 -18.46 -30.03 -8.41
N ILE A 922 -18.33 -31.11 -9.17
CA ILE A 922 -17.03 -31.48 -9.75
C ILE A 922 -16.63 -30.44 -10.81
N ASP A 923 -17.56 -30.06 -11.68
CA ASP A 923 -17.33 -28.99 -12.65
C ASP A 923 -16.77 -27.72 -11.99
N LEU A 924 -17.39 -27.31 -10.89
CA LEU A 924 -16.96 -26.15 -10.09
C LEU A 924 -15.56 -26.33 -9.50
N PHE A 925 -15.37 -27.46 -8.82
CA PHE A 925 -14.06 -27.85 -8.28
C PHE A 925 -13.00 -27.84 -9.34
N THR A 926 -13.32 -28.37 -10.51
CA THR A 926 -12.39 -28.44 -11.62
C THR A 926 -12.19 -27.08 -12.28
N ARG A 927 -13.24 -26.28 -12.33
CA ARG A 927 -13.11 -24.89 -12.77
C ARG A 927 -12.27 -24.02 -11.79
N SER A 928 -12.49 -24.19 -10.49
CA SER A 928 -11.70 -23.47 -9.49
C SER A 928 -10.28 -24.01 -9.32
N CYS A 929 -10.07 -25.29 -9.62
CA CYS A 929 -8.74 -25.88 -9.49
C CYS A 929 -7.83 -25.39 -10.61
N ALA A 930 -8.40 -25.23 -11.80
CA ALA A 930 -7.65 -24.77 -12.97
C ALA A 930 -7.27 -23.29 -12.87
N GLY A 931 -8.19 -22.48 -12.36
CA GLY A 931 -7.92 -21.05 -12.18
C GLY A 931 -6.82 -20.82 -11.16
N TYR A 932 -7.01 -21.36 -9.96
CA TYR A 932 -6.05 -21.19 -8.88
C TYR A 932 -4.69 -21.81 -9.16
N CYS A 933 -4.60 -22.81 -10.05
CA CYS A 933 -3.30 -23.38 -10.44
C CYS A 933 -2.48 -22.38 -11.26
N VAL A 934 -3.13 -21.76 -12.25
CA VAL A 934 -2.49 -20.80 -13.17
C VAL A 934 -2.12 -19.48 -12.50
N ALA A 935 -3.02 -18.91 -11.71
CA ALA A 935 -2.73 -17.70 -10.94
C ALA A 935 -1.54 -17.93 -10.02
N THR A 936 -1.67 -18.96 -9.18
CA THR A 936 -0.64 -19.36 -8.23
C THR A 936 0.75 -19.54 -8.85
N PHE A 937 0.83 -20.37 -9.89
CA PHE A 937 2.08 -20.54 -10.66
C PHE A 937 2.63 -19.21 -11.21
N ILE A 938 1.78 -18.42 -11.88
CA ILE A 938 2.18 -17.11 -12.44
C ILE A 938 2.71 -16.14 -11.38
N LEU A 939 1.96 -15.97 -10.28
CA LEU A 939 2.37 -15.08 -9.19
C LEU A 939 3.45 -15.67 -8.30
N GLY A 940 3.67 -16.98 -8.37
CA GLY A 940 4.71 -17.64 -7.59
C GLY A 940 4.50 -17.60 -6.08
N ILE A 941 3.25 -17.45 -5.64
CA ILE A 941 2.86 -17.35 -4.22
C ILE A 941 3.42 -18.52 -3.37
N GLY A 942 3.33 -18.40 -2.05
CA GLY A 942 3.96 -19.40 -1.16
C GLY A 942 3.50 -20.82 -1.44
N ASP A 943 4.39 -21.79 -1.27
CA ASP A 943 4.07 -23.22 -1.46
C ASP A 943 2.70 -23.56 -0.83
N ARG A 944 1.85 -24.27 -1.58
CA ARG A 944 0.51 -24.68 -1.12
C ARG A 944 0.55 -26.01 -0.37
N HIS A 945 -0.27 -26.16 0.67
CA HIS A 945 -0.37 -27.44 1.39
C HIS A 945 -1.64 -27.50 2.24
N ASN A 946 -1.98 -28.72 2.68
CA ASN A 946 -3.23 -29.05 3.38
C ASN A 946 -3.93 -27.95 4.19
N SER A 947 -3.15 -27.19 4.95
CA SER A 947 -3.69 -26.17 5.86
C SER A 947 -3.85 -24.74 5.26
N ASN A 948 -3.40 -24.52 4.04
CA ASN A 948 -3.68 -23.23 3.36
C ASN A 948 -4.54 -23.35 2.08
N ILE A 949 -5.08 -24.54 1.81
CA ILE A 949 -6.02 -24.75 0.70
C ILE A 949 -7.38 -25.07 1.30
N MET A 950 -8.43 -24.52 0.69
CA MET A 950 -9.77 -24.67 1.21
C MET A 950 -10.79 -25.06 0.14
N VAL A 951 -11.70 -25.94 0.55
CA VAL A 951 -12.79 -26.42 -0.29
C VAL A 951 -14.09 -26.13 0.42
N LYS A 952 -15.11 -25.79 -0.39
CA LYS A 952 -16.43 -25.41 0.11
C LYS A 952 -17.40 -26.54 -0.11
N ASP A 953 -18.50 -26.51 0.65
CA ASP A 953 -19.54 -27.55 0.57
C ASP A 953 -20.06 -27.75 -0.86
N ASP A 954 -20.30 -26.65 -1.57
CA ASP A 954 -20.70 -26.73 -2.99
C ASP A 954 -19.62 -27.21 -3.98
N GLY A 955 -18.36 -27.23 -3.56
CA GLY A 955 -17.27 -27.82 -4.36
C GLY A 955 -16.23 -26.86 -4.92
N GLN A 956 -16.39 -25.56 -4.71
CA GLN A 956 -15.40 -24.56 -5.10
C GLN A 956 -14.22 -24.63 -4.15
N LEU A 957 -13.02 -24.59 -4.73
CA LEU A 957 -11.76 -24.55 -4.00
C LEU A 957 -11.10 -23.17 -4.12
N PHE A 958 -10.29 -22.84 -3.11
CA PHE A 958 -9.59 -21.56 -3.06
C PHE A 958 -8.48 -21.58 -2.02
N HIS A 959 -7.46 -20.75 -2.24
CA HIS A 959 -6.27 -20.66 -1.38
C HIS A 959 -6.40 -19.51 -0.38
N ILE A 960 -5.75 -19.68 0.77
CA ILE A 960 -5.62 -18.63 1.80
C ILE A 960 -4.14 -18.47 2.15
N ASP A 961 -3.83 -17.53 3.07
CA ASP A 961 -2.48 -17.33 3.63
C ASP A 961 -1.41 -17.47 2.56
N PHE A 962 -1.35 -16.49 1.67
CA PHE A 962 -0.49 -16.58 0.50
C PHE A 962 1.00 -16.42 0.82
N GLY A 963 1.30 -15.72 1.92
CA GLY A 963 2.68 -15.42 2.31
C GLY A 963 3.36 -14.43 1.38
N HIS A 964 4.39 -14.90 0.68
CA HIS A 964 5.24 -14.06 -0.14
C HIS A 964 4.92 -14.27 -1.60
N PHE A 965 4.57 -13.21 -2.32
CA PHE A 965 4.09 -13.36 -3.72
C PHE A 965 5.18 -13.69 -4.76
N LEU A 966 6.07 -12.77 -5.14
CA LEU A 966 6.91 -13.00 -6.35
C LEU A 966 8.13 -13.93 -6.15
N ASP A 967 7.98 -14.92 -5.28
CA ASP A 967 9.02 -15.88 -4.91
C ASP A 967 10.09 -15.17 -4.10
N HIS A 968 9.69 -14.70 -2.91
CA HIS A 968 10.60 -13.98 -2.02
C HIS A 968 11.57 -14.90 -1.28
N LYS A 969 11.26 -16.20 -1.21
CA LYS A 969 12.21 -17.20 -0.71
C LYS A 969 13.36 -17.54 -1.69
N LYS A 970 13.30 -17.05 -2.93
CA LYS A 970 14.44 -17.14 -3.88
C LYS A 970 15.56 -16.12 -3.56
N LYS A 971 15.29 -15.14 -2.67
CA LYS A 971 16.30 -14.21 -2.15
C LYS A 971 17.42 -14.94 -1.39
N LYS A 972 17.10 -16.13 -0.87
CA LYS A 972 18.10 -17.14 -0.52
C LYS A 972 18.22 -18.03 -1.77
N PHE A 973 19.44 -18.35 -2.17
CA PHE A 973 19.74 -19.10 -3.42
C PHE A 973 18.98 -18.75 -4.72
N GLY A 974 17.69 -19.09 -4.79
CA GLY A 974 16.86 -18.87 -5.99
C GLY A 974 17.35 -19.55 -7.24
N LYS A 976 16.98 -19.75 -11.12
CA LYS A 976 16.00 -20.16 -12.13
C LYS A 976 15.15 -21.30 -11.56
N ARG A 977 14.52 -21.03 -10.43
CA ARG A 977 13.72 -22.03 -9.71
C ARG A 977 12.32 -22.22 -10.32
N GLU A 978 11.75 -21.13 -10.87
CA GLU A 978 10.41 -21.11 -11.49
C GLU A 978 9.45 -22.12 -10.86
N ARG A 979 9.14 -21.87 -9.59
CA ARG A 979 8.50 -22.86 -8.73
C ARG A 979 7.03 -23.12 -9.09
N VAL A 980 6.56 -24.32 -8.78
CA VAL A 980 5.14 -24.66 -8.80
C VAL A 980 4.65 -24.73 -7.36
N PRO A 981 3.82 -23.74 -6.93
CA PRO A 981 3.32 -23.74 -5.56
C PRO A 981 2.09 -24.60 -5.34
N PHE A 982 1.15 -24.64 -6.30
CA PHE A 982 0.00 -25.55 -6.24
C PHE A 982 0.39 -26.81 -7.00
N VAL A 983 0.71 -27.86 -6.24
CA VAL A 983 1.05 -29.18 -6.78
C VAL A 983 -0.09 -30.12 -6.43
N LEU A 984 -0.72 -30.68 -7.46
CA LEU A 984 -1.94 -31.45 -7.30
C LEU A 984 -1.61 -32.87 -6.89
N THR A 985 -1.72 -33.14 -5.59
CA THR A 985 -1.64 -34.51 -5.10
C THR A 985 -2.79 -35.33 -5.70
N GLN A 986 -2.73 -36.64 -5.51
CA GLN A 986 -3.77 -37.55 -6.05
C GLN A 986 -5.16 -37.11 -5.60
N ASP A 987 -5.28 -36.77 -4.31
CA ASP A 987 -6.53 -36.25 -3.71
C ASP A 987 -7.38 -35.44 -4.67
N PHE A 988 -6.72 -34.47 -5.30
CA PHE A 988 -7.39 -33.51 -6.18
C PHE A 988 -7.76 -34.14 -7.50
N LEU A 989 -6.85 -34.96 -8.05
CA LEU A 989 -7.09 -35.61 -9.34
C LEU A 989 -8.20 -36.66 -9.26
N ILE A 990 -8.29 -37.36 -8.13
CA ILE A 990 -9.40 -38.28 -7.88
C ILE A 990 -10.71 -37.51 -8.09
N VAL A 991 -10.83 -36.38 -7.38
CA VAL A 991 -12.03 -35.54 -7.41
C VAL A 991 -12.28 -34.95 -8.81
N ILE A 992 -11.22 -34.53 -9.49
CA ILE A 992 -11.30 -34.03 -10.87
C ILE A 992 -11.88 -35.06 -11.85
N SER A 993 -11.44 -36.32 -11.74
CA SER A 993 -11.94 -37.39 -12.62
C SER A 993 -12.81 -38.41 -11.88
N LYS A 994 -13.89 -37.90 -11.28
CA LYS A 994 -14.89 -38.68 -10.52
C LYS A 994 -14.28 -39.68 -9.52
N GLY A 995 -14.00 -40.91 -9.94
CA GLY A 995 -13.34 -41.88 -9.05
C GLY A 995 -12.26 -42.77 -9.62
N ALA A 996 -11.91 -42.59 -10.90
CA ALA A 996 -11.15 -43.63 -11.64
C ALA A 996 -9.73 -43.86 -11.12
N GLN A 997 -9.32 -45.13 -11.11
CA GLN A 997 -7.91 -45.49 -10.94
C GLN A 997 -7.15 -44.95 -12.14
N GLU A 998 -5.98 -44.38 -11.89
CA GLU A 998 -5.15 -43.70 -12.91
C GLU A 998 -5.91 -42.53 -13.57
N CYS A 999 -6.17 -41.55 -12.73
CA CYS A 999 -6.91 -40.31 -13.03
C CYS A 999 -6.32 -39.53 -14.18
N THR A 1000 -4.99 -39.49 -14.22
CA THR A 1000 -4.19 -38.83 -15.26
C THR A 1000 -4.61 -39.04 -16.73
N LYS A 1001 -5.48 -40.02 -17.00
CA LYS A 1001 -5.72 -40.51 -18.35
C LYS A 1001 -7.20 -40.52 -18.77
N THR A 1002 -8.03 -39.70 -18.11
CA THR A 1002 -9.47 -39.58 -18.42
C THR A 1002 -9.72 -38.32 -19.26
N ARG A 1003 -10.89 -38.22 -19.90
CA ARG A 1003 -11.31 -36.97 -20.57
C ARG A 1003 -11.66 -35.88 -19.55
N GLU A 1004 -12.09 -36.30 -18.36
CA GLU A 1004 -12.34 -35.39 -17.21
C GLU A 1004 -11.14 -34.48 -16.97
N PHE A 1005 -9.94 -35.07 -17.08
CA PHE A 1005 -8.64 -34.40 -16.91
C PHE A 1005 -8.12 -33.73 -18.19
N GLU A 1006 -8.41 -34.31 -19.35
CA GLU A 1006 -8.09 -33.65 -20.63
C GLU A 1006 -8.68 -32.26 -20.65
N ARG A 1007 -9.97 -32.17 -20.30
CA ARG A 1007 -10.67 -30.89 -20.12
C ARG A 1007 -9.90 -29.97 -19.18
N PHE A 1008 -9.65 -30.46 -17.97
CA PHE A 1008 -8.95 -29.70 -16.92
C PHE A 1008 -7.67 -29.06 -17.43
N GLN A 1009 -6.87 -29.84 -18.16
CA GLN A 1009 -5.65 -29.32 -18.77
C GLN A 1009 -5.94 -28.18 -19.71
N GLU A 1010 -6.90 -28.37 -20.62
CA GLU A 1010 -7.24 -27.33 -21.60
C GLU A 1010 -7.89 -26.09 -20.97
N MET A 1011 -8.42 -26.21 -19.75
CA MET A 1011 -8.80 -25.02 -18.98
C MET A 1011 -7.53 -24.25 -18.60
N CYS A 1012 -6.54 -24.97 -18.07
CA CYS A 1012 -5.28 -24.38 -17.63
C CYS A 1012 -4.50 -23.70 -18.76
N TYR A 1013 -4.49 -24.30 -19.96
CA TYR A 1013 -3.75 -23.72 -21.11
C TYR A 1013 -4.42 -22.46 -21.67
N LYS A 1014 -5.74 -22.51 -21.78
CA LYS A 1014 -6.52 -21.34 -22.19
C LYS A 1014 -6.45 -20.21 -21.15
N ALA A 1015 -6.38 -20.59 -19.87
CA ALA A 1015 -6.23 -19.63 -18.77
C ALA A 1015 -4.87 -18.95 -18.78
N TYR A 1016 -3.82 -19.76 -18.89
CA TYR A 1016 -2.43 -19.28 -18.95
C TYR A 1016 -2.15 -18.32 -20.12
N LEU A 1017 -2.68 -18.65 -21.29
CA LEU A 1017 -2.57 -17.77 -22.46
C LEU A 1017 -3.35 -16.46 -22.35
N ALA A 1018 -4.44 -16.44 -21.59
CA ALA A 1018 -5.22 -15.20 -21.36
C ALA A 1018 -4.43 -14.18 -20.52
N ILE A 1019 -3.84 -14.66 -19.43
CA ILE A 1019 -3.01 -13.83 -18.55
C ILE A 1019 -1.69 -13.42 -19.25
N ARG A 1020 -1.25 -14.22 -20.22
CA ARG A 1020 -0.08 -13.89 -21.05
C ARG A 1020 -0.35 -12.75 -22.03
N GLN A 1021 -1.59 -12.61 -22.51
CA GLN A 1021 -1.94 -11.51 -23.40
C GLN A 1021 -2.35 -10.23 -22.65
N HIS A 1022 -2.52 -10.32 -21.33
CA HIS A 1022 -2.72 -9.14 -20.49
C HIS A 1022 -1.52 -8.87 -19.55
N ALA A 1023 -0.32 -9.28 -19.96
CA ALA A 1023 0.87 -9.20 -19.11
C ALA A 1023 1.30 -7.75 -18.83
N ASN A 1024 1.02 -6.86 -19.76
CA ASN A 1024 1.41 -5.47 -19.59
C ASN A 1024 0.81 -4.90 -18.32
N LEU A 1025 -0.49 -5.13 -18.15
CA LEU A 1025 -1.23 -4.72 -16.97
C LEU A 1025 -0.58 -5.18 -15.68
N PHE A 1026 -0.42 -6.49 -15.55
CA PHE A 1026 0.08 -7.07 -14.30
C PHE A 1026 1.50 -6.60 -13.94
N ILE A 1027 2.37 -6.45 -14.95
CA ILE A 1027 3.67 -5.79 -14.77
C ILE A 1027 3.43 -4.43 -14.09
N ASN A 1028 2.61 -3.59 -14.73
CA ASN A 1028 2.37 -2.22 -14.28
C ASN A 1028 1.74 -2.11 -12.92
N LEU A 1029 0.86 -3.05 -12.58
CA LEU A 1029 0.26 -3.10 -11.25
C LEU A 1029 1.37 -3.28 -10.22
N PHE A 1030 2.21 -4.28 -10.42
CA PHE A 1030 3.36 -4.50 -9.56
C PHE A 1030 4.35 -3.31 -9.60
N SER A 1031 4.55 -2.70 -10.76
CA SER A 1031 5.41 -1.52 -10.90
C SER A 1031 4.95 -0.34 -10.02
N MET A 1032 3.64 -0.13 -10.01
CA MET A 1032 3.03 0.93 -9.21
C MET A 1032 3.08 0.65 -7.71
N MET A 1033 3.23 -0.62 -7.31
CA MET A 1033 3.26 -1.02 -5.90
C MET A 1033 4.65 -0.99 -5.28
N LEU A 1034 5.66 -0.61 -6.06
CA LEU A 1034 7.01 -0.43 -5.54
C LEU A 1034 7.06 0.62 -4.40
N GLY A 1035 6.25 1.68 -4.55
CA GLY A 1035 6.07 2.73 -3.55
C GLY A 1035 5.93 2.21 -2.12
N SER A 1036 4.89 1.41 -1.87
CA SER A 1036 4.72 0.72 -0.59
C SER A 1036 5.97 -0.08 -0.28
N GLY A 1037 6.52 0.11 0.92
CA GLY A 1037 7.72 -0.59 1.32
C GLY A 1037 7.46 -2.05 1.63
N MET A 1038 7.02 -2.79 0.62
CA MET A 1038 6.84 -4.23 0.74
C MET A 1038 8.20 -4.87 0.44
N PRO A 1039 8.68 -5.76 1.34
CA PRO A 1039 9.97 -6.37 1.06
C PRO A 1039 9.98 -7.21 -0.21
N GLU A 1040 8.80 -7.68 -0.63
CA GLU A 1040 8.68 -8.48 -1.85
C GLU A 1040 8.75 -7.62 -3.13
N LEU A 1041 8.43 -6.32 -3.03
CA LEU A 1041 8.58 -5.33 -4.12
C LEU A 1041 9.56 -4.23 -3.71
N GLN A 1042 10.83 -4.47 -3.94
CA GLN A 1042 11.90 -3.50 -3.67
C GLN A 1042 12.37 -2.79 -4.93
N SER A 1043 12.49 -3.53 -6.04
CA SER A 1043 12.80 -2.92 -7.34
C SER A 1043 12.46 -3.87 -8.50
N PHE A 1044 12.33 -3.28 -9.68
CA PHE A 1044 11.77 -3.90 -10.90
C PHE A 1044 12.12 -5.35 -11.21
N ASP A 1045 13.35 -5.77 -10.91
CA ASP A 1045 13.72 -7.17 -11.16
C ASP A 1045 13.11 -8.15 -10.14
N ASP A 1046 12.49 -7.66 -9.07
CA ASP A 1046 11.52 -8.47 -8.30
C ASP A 1046 10.34 -8.86 -9.19
N ILE A 1047 9.85 -7.87 -9.93
CA ILE A 1047 8.69 -7.99 -10.81
C ILE A 1047 9.07 -8.74 -12.08
N ALA A 1048 10.38 -8.81 -12.38
CA ALA A 1048 10.86 -9.59 -13.51
C ALA A 1048 10.52 -11.09 -13.45
N TYR A 1049 10.31 -11.64 -12.24
CA TYR A 1049 9.84 -13.04 -12.07
C TYR A 1049 8.63 -13.34 -12.93
N ILE A 1050 7.67 -12.41 -12.97
CA ILE A 1050 6.44 -12.57 -13.75
C ILE A 1050 6.69 -12.67 -15.27
N ARG A 1051 7.89 -12.34 -15.75
CA ARG A 1051 8.25 -12.48 -17.16
C ARG A 1051 8.58 -13.93 -17.48
N LYS A 1052 9.44 -14.52 -16.66
CA LYS A 1052 9.85 -15.91 -16.85
C LYS A 1052 8.64 -16.81 -16.79
N THR A 1053 7.90 -16.71 -15.69
CA THR A 1053 6.70 -17.51 -15.43
C THR A 1053 5.65 -17.40 -16.56
N LEU A 1054 5.50 -16.22 -17.15
CA LEU A 1054 4.61 -16.03 -18.29
C LEU A 1054 5.27 -16.35 -19.64
N ALA A 1055 6.62 -16.31 -19.68
CA ALA A 1055 7.41 -16.55 -20.89
C ALA A 1055 7.03 -15.54 -21.99
N LEU A 1056 7.50 -14.30 -21.80
CA LEU A 1056 7.15 -13.17 -22.65
C LEU A 1056 8.20 -12.90 -23.74
N ASP A 1057 9.44 -13.33 -23.51
CA ASP A 1057 10.50 -13.30 -24.53
C ASP A 1057 10.31 -14.36 -25.63
N LYS A 1058 9.54 -15.41 -25.35
CA LYS A 1058 9.24 -16.49 -26.31
C LYS A 1058 7.96 -16.22 -27.12
N THR A 1059 7.66 -17.11 -28.07
CA THR A 1059 6.37 -17.10 -28.78
C THR A 1059 5.41 -17.98 -28.01
N GLU A 1060 4.12 -17.64 -28.12
CA GLU A 1060 3.09 -18.31 -27.32
C GLU A 1060 3.07 -19.84 -27.41
N GLN A 1061 3.41 -20.36 -28.60
CA GLN A 1061 3.50 -21.81 -28.79
C GLN A 1061 4.60 -22.43 -27.93
N GLU A 1062 5.73 -21.73 -27.80
CA GLU A 1062 6.79 -22.13 -26.86
C GLU A 1062 6.33 -21.89 -25.43
N ALA A 1063 5.67 -20.76 -25.20
CA ALA A 1063 5.14 -20.41 -23.88
C ALA A 1063 4.25 -21.52 -23.33
N LEU A 1064 3.30 -21.97 -24.15
CA LEU A 1064 2.42 -23.09 -23.78
C LEU A 1064 3.21 -24.32 -23.41
N GLU A 1065 4.17 -24.66 -24.26
CA GLU A 1065 5.05 -25.81 -24.05
C GLU A 1065 5.91 -25.61 -22.81
N TYR A 1066 6.36 -24.38 -22.58
CA TYR A 1066 7.07 -24.01 -21.34
C TYR A 1066 6.22 -24.31 -20.11
N PHE A 1067 4.97 -23.90 -20.16
CA PHE A 1067 4.03 -24.11 -19.05
C PHE A 1067 3.74 -25.60 -18.86
N MET A 1068 3.48 -26.28 -19.97
CA MET A 1068 3.32 -27.74 -19.96
C MET A 1068 4.53 -28.41 -19.37
N LYS A 1069 5.72 -28.05 -19.86
CA LYS A 1069 7.00 -28.49 -19.27
C LYS A 1069 7.02 -28.23 -17.76
N GLN A 1070 6.84 -26.96 -17.40
CA GLN A 1070 6.89 -26.53 -16.00
C GLN A 1070 5.93 -27.33 -15.14
N MET A 1071 4.73 -27.57 -15.68
CA MET A 1071 3.73 -28.39 -15.01
C MET A 1071 4.06 -29.90 -15.02
N ASN A 1072 4.61 -30.41 -16.10
CA ASN A 1072 4.92 -31.84 -16.19
C ASN A 1072 5.86 -32.29 -15.05
N ASP A 1073 7.00 -31.60 -14.91
CA ASP A 1073 8.05 -31.97 -13.95
C ASP A 1073 7.65 -31.87 -12.49
N ALA A 1074 6.73 -30.97 -12.16
CA ALA A 1074 6.23 -30.83 -10.79
C ALA A 1074 5.30 -32.00 -10.42
N HIS A 1075 4.45 -32.39 -11.37
CA HIS A 1075 3.50 -33.49 -11.20
C HIS A 1075 4.09 -34.88 -11.56
N HIS A 1076 5.29 -34.89 -12.18
CA HIS A 1076 6.00 -36.12 -12.61
C HIS A 1076 5.17 -36.98 -13.57
N GLY A 1077 4.91 -36.42 -14.75
CA GLY A 1077 4.15 -37.10 -15.80
C GLY A 1077 2.71 -36.60 -15.88
N GLY A 1078 2.17 -36.57 -17.10
CA GLY A 1078 0.75 -36.26 -17.32
C GLY A 1078 0.40 -35.06 -18.20
N TRP A 1079 1.38 -34.41 -18.83
CA TRP A 1079 1.11 -33.19 -19.63
C TRP A 1079 1.54 -33.30 -21.12
N THR A 1080 0.55 -33.60 -21.97
CA THR A 1080 0.71 -34.05 -23.36
C THR A 1080 0.70 -32.88 -24.36
N THR A 1081 1.15 -33.16 -25.59
CA THR A 1081 1.16 -32.21 -26.72
C THR A 1081 -0.12 -31.40 -27.02
N LYS A 1082 -1.29 -32.06 -27.09
CA LYS A 1082 -2.56 -31.41 -27.45
C LYS A 1082 -2.50 -30.63 -28.77
N SER B 6 36.46 -20.54 -28.99
CA SER B 6 36.84 -19.12 -28.63
C SER B 6 35.67 -18.13 -28.71
N LEU B 7 34.94 -18.13 -29.82
CA LEU B 7 33.73 -17.29 -29.98
C LEU B 7 32.58 -17.76 -29.08
N GLN B 8 32.54 -19.07 -28.79
CA GLN B 8 31.59 -19.65 -27.82
C GLN B 8 32.08 -19.49 -26.38
N ASP B 9 33.40 -19.54 -26.16
CA ASP B 9 33.98 -19.33 -24.83
C ASP B 9 34.01 -17.81 -24.52
N ALA B 10 34.95 -17.08 -25.14
CA ALA B 10 34.99 -15.60 -25.12
C ALA B 10 34.93 -14.84 -23.76
N GLU B 11 35.07 -15.54 -22.62
CA GLU B 11 35.08 -14.92 -21.26
C GLU B 11 33.80 -14.14 -20.89
N TRP B 12 33.62 -12.97 -21.52
CA TRP B 12 32.41 -12.15 -21.33
C TRP B 12 31.17 -12.72 -22.03
N TYR B 13 31.36 -13.54 -23.06
CA TYR B 13 30.23 -14.10 -23.81
C TYR B 13 29.60 -15.22 -22.98
N TRP B 14 28.38 -14.97 -22.50
CA TRP B 14 27.62 -15.95 -21.73
C TRP B 14 26.67 -16.76 -22.61
N GLY B 15 26.02 -16.09 -23.58
CA GLY B 15 25.05 -16.74 -24.45
C GLY B 15 23.76 -17.08 -23.72
N ARG B 19 18.08 -11.79 -19.92
CA ARG B 19 17.75 -10.42 -19.54
C ARG B 19 17.75 -10.24 -18.03
N GLU B 20 17.05 -11.14 -17.34
CA GLU B 20 16.85 -11.03 -15.90
C GLU B 20 18.15 -11.39 -15.18
N GLU B 21 18.69 -12.55 -15.52
CA GLU B 21 19.95 -13.03 -14.94
C GLU B 21 21.20 -12.25 -15.41
N VAL B 22 21.06 -11.44 -16.47
CA VAL B 22 22.10 -10.48 -16.87
C VAL B 22 22.18 -9.32 -15.88
N ASN B 23 21.02 -8.77 -15.51
CA ASN B 23 20.93 -7.68 -14.52
C ASN B 23 21.57 -8.03 -13.17
N GLU B 24 21.38 -9.27 -12.73
CA GLU B 24 21.91 -9.73 -11.44
C GLU B 24 23.43 -9.94 -11.46
N LYS B 25 24.00 -10.10 -12.66
CA LYS B 25 25.46 -10.11 -12.84
C LYS B 25 26.02 -8.68 -12.99
N LEU B 26 25.26 -7.80 -13.63
CA LEU B 26 25.60 -6.36 -13.69
C LEU B 26 25.25 -5.58 -12.41
N ARG B 27 24.46 -6.18 -11.51
CA ARG B 27 24.09 -5.56 -10.23
C ARG B 27 25.33 -5.26 -9.36
N ASP B 28 25.49 -3.99 -9.00
CA ASP B 28 26.58 -3.52 -8.12
C ASP B 28 28.00 -3.68 -8.68
N THR B 29 28.15 -3.57 -10.00
CA THR B 29 29.47 -3.35 -10.62
C THR B 29 29.61 -1.85 -10.92
N ALA B 30 30.84 -1.42 -11.17
CA ALA B 30 31.16 0.00 -11.39
C ALA B 30 30.78 0.45 -12.80
N ASP B 31 31.00 1.73 -13.07
CA ASP B 31 30.70 2.34 -14.37
C ASP B 31 31.72 1.86 -15.43
N GLY B 32 31.23 1.20 -16.49
CA GLY B 32 32.09 0.63 -17.54
C GLY B 32 32.03 -0.89 -17.69
N THR B 33 31.46 -1.58 -16.70
CA THR B 33 31.37 -3.05 -16.71
C THR B 33 30.35 -3.56 -17.75
N PHE B 34 30.65 -4.70 -18.39
CA PHE B 34 29.87 -5.19 -19.55
C PHE B 34 29.85 -6.72 -19.74
N LEU B 35 29.00 -7.13 -20.69
CA LEU B 35 28.93 -8.51 -21.18
C LEU B 35 28.08 -8.57 -22.48
N VAL B 36 28.11 -9.73 -23.17
CA VAL B 36 27.36 -9.94 -24.43
C VAL B 36 26.32 -11.07 -24.30
N ARG B 37 25.11 -10.80 -24.80
CA ARG B 37 23.97 -11.75 -24.79
C ARG B 37 23.66 -12.27 -26.19
N ASP B 38 22.70 -13.19 -26.27
CA ASP B 38 22.10 -13.64 -27.53
C ASP B 38 20.73 -13.01 -27.72
N THR B 41 14.04 -13.43 -29.17
CA THR B 41 13.64 -13.50 -30.58
C THR B 41 14.88 -13.30 -31.48
N LYS B 42 15.13 -14.29 -32.35
CA LYS B 42 16.16 -14.16 -33.39
C LYS B 42 15.67 -13.23 -34.51
N MET B 43 14.39 -13.36 -34.87
CA MET B 43 13.73 -12.46 -35.84
C MET B 43 13.43 -11.11 -35.16
N HIS B 44 14.50 -10.34 -34.95
CA HIS B 44 14.53 -9.20 -34.01
C HIS B 44 15.94 -8.59 -34.14
N GLY B 45 16.95 -9.40 -33.83
CA GLY B 45 18.37 -9.06 -33.93
C GLY B 45 19.17 -10.29 -33.53
N ASP B 46 20.48 -10.14 -33.35
CA ASP B 46 21.34 -11.27 -32.94
C ASP B 46 21.85 -11.17 -31.49
N TYR B 47 22.98 -10.48 -31.28
CA TYR B 47 23.64 -10.40 -29.96
C TYR B 47 23.47 -9.02 -29.34
N THR B 48 23.60 -8.93 -28.00
CA THR B 48 23.27 -7.70 -27.24
C THR B 48 24.32 -7.33 -26.17
N LEU B 49 25.10 -6.29 -26.46
CA LEU B 49 26.09 -5.75 -25.51
C LEU B 49 25.37 -5.00 -24.38
N THR B 50 25.49 -5.49 -23.16
CA THR B 50 24.84 -4.90 -21.97
C THR B 50 25.87 -4.16 -21.08
N LEU B 51 26.26 -2.95 -21.52
CA LEU B 51 27.21 -2.09 -20.82
C LEU B 51 26.51 -1.34 -19.68
N ARG B 52 27.07 -1.39 -18.47
CA ARG B 52 26.53 -0.67 -17.31
C ARG B 52 27.16 0.72 -17.15
N LYS B 53 26.32 1.74 -16.91
CA LYS B 53 26.79 3.12 -16.71
C LYS B 53 26.17 3.80 -15.49
N ASN B 57 21.84 0.34 -16.95
CA ASN B 57 22.18 -0.73 -17.87
C ASN B 57 21.85 -0.36 -19.31
N LYS B 58 22.90 -0.11 -20.10
CA LYS B 58 22.79 0.30 -21.52
C LYS B 58 22.91 -0.90 -22.47
N LEU B 59 21.83 -1.19 -23.20
CA LEU B 59 21.79 -2.30 -24.17
C LEU B 59 22.11 -1.80 -25.58
N ILE B 60 23.08 -2.45 -26.23
CA ILE B 60 23.52 -2.08 -27.58
C ILE B 60 23.46 -3.31 -28.50
N LYS B 61 22.65 -3.23 -29.55
CA LYS B 61 22.49 -4.31 -30.54
C LYS B 61 23.73 -4.61 -31.38
N ILE B 62 23.86 -5.88 -31.78
CA ILE B 62 24.88 -6.35 -32.73
C ILE B 62 24.14 -7.05 -33.87
N PHE B 63 24.09 -6.41 -35.04
CA PHE B 63 23.39 -6.95 -36.21
C PHE B 63 24.36 -7.74 -37.10
N HIS B 64 23.89 -8.87 -37.62
CA HIS B 64 24.71 -9.78 -38.46
C HIS B 64 23.98 -10.13 -39.76
N ARG B 65 24.65 -9.95 -40.90
CA ARG B 65 24.08 -10.19 -42.23
C ARG B 65 25.11 -10.77 -43.21
N LYS B 68 29.51 -9.23 -41.58
CA LYS B 68 29.94 -8.33 -40.52
C LYS B 68 29.06 -8.52 -39.29
N TYR B 69 29.48 -7.91 -38.18
CA TYR B 69 28.76 -7.98 -36.90
C TYR B 69 28.67 -6.60 -36.24
N SER B 78 33.88 -8.20 -38.45
CA SER B 78 33.86 -9.52 -39.08
C SER B 78 33.29 -10.62 -38.16
N SER B 79 33.51 -10.49 -36.85
CA SER B 79 32.98 -11.44 -35.86
C SER B 79 32.58 -10.73 -34.55
N VAL B 80 31.90 -11.48 -33.68
CA VAL B 80 31.43 -10.95 -32.39
C VAL B 80 32.60 -10.53 -31.48
N VAL B 81 33.69 -11.31 -31.49
CA VAL B 81 34.89 -11.00 -30.69
C VAL B 81 35.68 -9.81 -31.30
N GLU B 82 35.61 -9.66 -32.62
CA GLU B 82 36.29 -8.55 -33.32
C GLU B 82 35.80 -7.20 -32.83
N LEU B 83 34.48 -7.03 -32.76
CA LEU B 83 33.87 -5.73 -32.44
C LEU B 83 34.08 -5.28 -30.98
N ILE B 84 34.17 -6.23 -30.04
CA ILE B 84 34.23 -5.90 -28.61
C ILE B 84 35.65 -5.53 -28.13
N ASN B 85 36.69 -6.18 -28.68
CA ASN B 85 38.10 -5.87 -28.32
C ASN B 85 38.55 -4.46 -28.74
N HIS B 86 38.01 -3.95 -29.86
CA HIS B 86 38.23 -2.56 -30.30
C HIS B 86 37.75 -1.57 -29.23
N TYR B 87 36.52 -1.76 -28.76
CA TYR B 87 35.89 -0.88 -27.78
C TYR B 87 36.28 -1.13 -26.31
N ARG B 88 37.15 -2.12 -26.05
CA ARG B 88 37.77 -2.27 -24.73
C ARG B 88 38.88 -1.23 -24.54
N ASN B 89 39.62 -0.96 -25.62
CA ASN B 89 40.57 0.17 -25.68
C ASN B 89 39.88 1.54 -25.67
N GLU B 90 38.82 1.65 -26.47
CA GLU B 90 38.27 2.94 -26.89
C GLU B 90 36.80 3.14 -26.48
N SER B 91 36.42 4.40 -26.23
CA SER B 91 35.08 4.75 -25.75
C SER B 91 34.00 4.57 -26.82
N LEU B 92 32.75 4.82 -26.45
CA LEU B 92 31.60 4.71 -27.36
C LEU B 92 30.97 6.08 -27.71
N ALA B 93 31.73 7.16 -27.56
CA ALA B 93 31.22 8.52 -27.81
C ALA B 93 31.12 8.82 -29.32
N GLN B 94 32.18 8.49 -30.06
CA GLN B 94 32.20 8.65 -31.54
C GLN B 94 31.16 7.81 -32.32
N TYR B 95 30.70 6.71 -31.73
CA TYR B 95 29.67 5.86 -32.34
C TYR B 95 28.29 6.52 -32.19
N ASN B 96 27.91 6.79 -30.93
CA ASN B 96 26.64 7.45 -30.59
C ASN B 96 26.96 8.54 -29.55
N PRO B 97 26.52 9.80 -29.80
CA PRO B 97 26.92 10.93 -28.96
C PRO B 97 27.07 10.67 -27.45
N LYS B 98 25.98 10.37 -26.73
CA LYS B 98 26.00 10.32 -25.25
C LYS B 98 26.32 8.91 -24.70
N LEU B 99 27.53 8.44 -24.99
CA LEU B 99 28.07 7.20 -24.40
C LEU B 99 29.58 7.38 -24.18
N ASP B 100 29.97 8.43 -23.46
CA ASP B 100 31.39 8.73 -23.16
C ASP B 100 31.94 7.82 -22.04
N VAL B 101 31.97 6.52 -22.32
CA VAL B 101 32.36 5.49 -21.37
C VAL B 101 32.87 4.27 -22.17
N LYS B 102 33.93 3.64 -21.67
CA LYS B 102 34.57 2.50 -22.34
C LYS B 102 34.01 1.16 -21.85
N LEU B 103 34.36 0.09 -22.57
CA LEU B 103 34.09 -1.29 -22.13
C LEU B 103 35.25 -1.75 -21.23
N LEU B 104 35.34 -1.17 -20.04
CA LEU B 104 36.56 -1.26 -19.21
C LEU B 104 36.68 -2.58 -18.45
N TYR B 105 35.58 -3.02 -17.84
CA TYR B 105 35.55 -4.22 -16.97
C TYR B 105 34.85 -5.40 -17.66
N PRO B 106 35.62 -6.36 -18.23
CA PRO B 106 35.00 -7.47 -18.97
C PRO B 106 34.61 -8.66 -18.10
N VAL B 107 33.72 -8.42 -17.13
CA VAL B 107 33.38 -9.44 -16.12
C VAL B 107 32.17 -10.24 -16.58
N GLN B 112 35.10 -17.58 -11.51
CA GLN B 112 35.84 -18.81 -11.22
C GLN B 112 37.27 -18.53 -10.74
N ASP B 113 37.52 -17.31 -10.26
CA ASP B 113 38.89 -16.85 -9.95
C ASP B 113 39.44 -17.43 -8.63
N GLN B 114 38.78 -17.13 -7.52
CA GLN B 114 39.23 -17.58 -6.20
C GLN B 114 38.64 -18.95 -5.88
N VAL B 115 37.47 -18.99 -5.24
CA VAL B 115 36.79 -20.25 -4.80
C VAL B 115 37.68 -21.40 -4.27
N VAL B 116 38.81 -21.04 -3.64
CA VAL B 116 39.90 -21.97 -3.23
C VAL B 116 40.36 -22.92 -4.37
N LYS B 117 40.23 -22.47 -5.62
CA LYS B 117 40.55 -23.25 -6.85
C LYS B 117 40.16 -24.76 -6.86
N GLU B 118 39.15 -25.12 -6.07
CA GLU B 118 38.83 -26.53 -5.79
C GLU B 118 38.25 -27.19 -7.03
N ASP B 119 39.03 -28.04 -7.70
CA ASP B 119 38.55 -28.83 -8.83
C ASP B 119 37.98 -30.17 -8.34
N ASN B 120 37.07 -30.06 -7.37
CA ASN B 120 36.49 -31.19 -6.67
C ASN B 120 35.07 -31.50 -7.13
N ILE B 121 34.28 -30.45 -7.37
CA ILE B 121 32.87 -30.53 -7.78
C ILE B 121 31.95 -30.78 -6.56
N GLU B 122 32.20 -31.88 -5.83
CA GLU B 122 31.45 -32.16 -4.60
C GLU B 122 31.80 -31.19 -3.47
N ALA B 123 33.10 -30.95 -3.27
CA ALA B 123 33.58 -30.08 -2.19
C ALA B 123 33.34 -28.58 -2.44
N VAL B 124 33.23 -28.19 -3.71
CA VAL B 124 32.75 -26.84 -4.06
C VAL B 124 31.26 -26.74 -3.70
N GLY B 125 30.52 -27.82 -3.95
CA GLY B 125 29.11 -27.94 -3.55
C GLY B 125 28.82 -27.88 -2.06
N LYS B 126 29.71 -28.45 -1.24
CA LYS B 126 29.60 -28.36 0.22
C LYS B 126 29.86 -26.95 0.72
N LYS B 127 30.87 -26.29 0.16
CA LYS B 127 31.18 -24.89 0.46
C LYS B 127 30.03 -23.94 0.15
N LEU B 128 29.27 -24.25 -0.91
CA LEU B 128 28.08 -23.49 -1.26
C LEU B 128 27.00 -23.60 -0.18
N HIS B 129 26.85 -24.76 0.45
CA HIS B 129 25.98 -24.91 1.64
C HIS B 129 26.56 -24.14 2.84
N GLU B 130 27.86 -24.26 3.07
CA GLU B 130 28.53 -23.59 4.20
C GLU B 130 28.33 -22.09 4.16
N TYR B 131 28.64 -21.46 3.02
CA TYR B 131 28.47 -20.02 2.84
C TYR B 131 27.02 -19.59 2.82
N ASN B 132 26.15 -20.41 2.23
CA ASN B 132 24.71 -20.12 2.21
C ASN B 132 24.04 -20.25 3.58
N THR B 133 24.53 -21.15 4.44
CA THR B 133 24.10 -21.20 5.86
C THR B 133 24.58 -19.94 6.61
N GLN B 134 25.80 -19.50 6.31
CA GLN B 134 26.37 -18.29 6.91
C GLN B 134 25.69 -17.02 6.42
N PHE B 135 25.40 -16.94 5.13
CA PHE B 135 24.64 -15.84 4.58
C PHE B 135 23.24 -15.76 5.21
N GLN B 136 22.50 -16.87 5.13
CA GLN B 136 21.14 -16.97 5.70
C GLN B 136 21.10 -16.70 7.21
N GLU B 137 22.15 -17.11 7.92
CA GLU B 137 22.35 -16.76 9.33
C GLU B 137 22.48 -15.25 9.50
N LYS B 138 23.29 -14.64 8.64
CA LYS B 138 23.59 -13.20 8.66
C LYS B 138 22.39 -12.32 8.30
N SER B 139 21.55 -12.78 7.36
CA SER B 139 20.34 -12.05 6.95
C SER B 139 19.27 -11.97 8.04
N ARG B 140 19.20 -12.98 8.91
CA ARG B 140 18.30 -12.93 10.09
C ARG B 140 18.77 -11.88 11.09
N GLU B 141 20.06 -11.89 11.40
CA GLU B 141 20.66 -10.89 12.28
C GLU B 141 20.43 -9.48 11.73
N TYR B 142 20.60 -9.30 10.41
CA TYR B 142 20.28 -8.01 9.77
C TYR B 142 18.78 -7.68 9.85
N ASP B 143 17.93 -8.67 9.63
CA ASP B 143 16.47 -8.46 9.72
C ASP B 143 15.99 -8.18 11.14
N ARG B 144 16.56 -8.87 12.12
CA ARG B 144 16.29 -8.63 13.56
C ARG B 144 16.53 -7.18 13.95
N LEU B 145 17.69 -6.67 13.54
CA LEU B 145 18.16 -5.35 13.96
C LEU B 145 17.46 -4.20 13.23
N TYR B 146 17.01 -4.44 12.00
CA TYR B 146 16.19 -3.45 11.28
C TYR B 146 14.80 -3.28 11.95
N GLU B 147 14.30 -4.34 12.59
CA GLU B 147 13.08 -4.25 13.43
C GLU B 147 13.33 -3.51 14.75
N GLU B 148 14.40 -3.88 15.46
CA GLU B 148 14.80 -3.18 16.70
C GLU B 148 14.99 -1.67 16.47
N TYR B 149 15.72 -1.35 15.40
CA TYR B 149 15.92 0.04 14.94
C TYR B 149 14.59 0.81 14.83
N THR B 150 13.64 0.26 14.06
CA THR B 150 12.37 0.93 13.75
C THR B 150 11.39 0.92 14.94
N ARG B 151 11.42 -0.12 15.76
CA ARG B 151 10.72 -0.11 17.05
C ARG B 151 11.31 0.97 17.94
N THR B 152 12.63 1.10 17.93
CA THR B 152 13.31 2.09 18.76
C THR B 152 13.10 3.52 18.28
N SER B 153 13.09 3.72 16.96
CA SER B 153 12.69 5.01 16.39
C SER B 153 11.25 5.38 16.77
N GLN B 154 10.37 4.38 16.86
CA GLN B 154 9.00 4.58 17.31
C GLN B 154 8.93 4.88 18.81
N GLU B 155 9.52 3.99 19.60
CA GLU B 155 9.55 4.12 21.06
C GLU B 155 10.16 5.44 21.52
N ILE B 156 11.23 5.87 20.85
CA ILE B 156 11.87 7.19 21.11
C ILE B 156 10.88 8.32 20.92
N GLN B 157 10.32 8.45 19.72
CA GLN B 157 9.42 9.57 19.42
C GLN B 157 8.11 9.53 20.22
N MET B 158 7.67 8.33 20.63
CA MET B 158 6.58 8.18 21.62
C MET B 158 6.93 8.83 22.97
N LYS B 159 8.19 8.65 23.38
CA LYS B 159 8.72 9.31 24.58
C LYS B 159 8.81 10.83 24.38
N ARG B 160 9.29 11.27 23.21
CA ARG B 160 9.42 12.70 22.93
C ARG B 160 8.08 13.42 23.04
N THR B 161 7.04 12.82 22.43
CA THR B 161 5.70 13.40 22.49
C THR B 161 5.17 13.39 23.92
N ALA B 162 5.44 12.32 24.67
CA ALA B 162 5.06 12.21 26.08
C ALA B 162 5.67 13.33 26.92
N ILE B 163 6.92 13.67 26.63
CA ILE B 163 7.62 14.77 27.31
C ILE B 163 6.96 16.13 27.04
N GLU B 164 6.57 16.38 25.78
CA GLU B 164 5.75 17.57 25.45
C GLU B 164 4.39 17.51 26.16
N ALA B 165 3.85 16.31 26.36
CA ALA B 165 2.60 16.11 27.11
C ALA B 165 2.78 16.39 28.59
N PHE B 166 3.85 15.84 29.17
CA PHE B 166 4.22 16.15 30.55
C PHE B 166 4.41 17.65 30.72
N ASN B 167 5.31 18.22 29.91
CA ASN B 167 5.61 19.65 29.93
C ASN B 167 4.35 20.51 29.80
N GLU B 168 3.38 20.03 29.01
CA GLU B 168 2.10 20.72 28.88
C GLU B 168 1.23 20.48 30.12
N THR B 169 1.20 19.23 30.60
CA THR B 169 0.52 18.86 31.86
C THR B 169 0.98 19.77 32.97
N ILE B 170 2.29 19.95 33.06
CA ILE B 170 2.93 20.76 34.11
C ILE B 170 2.54 22.24 34.02
N LYS B 171 2.50 22.80 32.81
CA LYS B 171 1.99 24.17 32.63
C LYS B 171 0.62 24.34 33.28
N ILE B 172 -0.25 23.34 33.11
CA ILE B 172 -1.63 23.42 33.63
C ILE B 172 -1.68 23.29 35.14
N PHE B 173 -0.71 22.58 35.71
CA PHE B 173 -0.58 22.52 37.17
C PHE B 173 0.17 23.74 37.73
N GLU B 174 1.20 24.21 37.03
CA GLU B 174 1.91 25.46 37.40
C GLU B 174 0.96 26.66 37.32
N GLU B 175 0.09 26.67 36.31
CA GLU B 175 -0.98 27.65 36.19
C GLU B 175 -1.99 27.55 37.33
N GLN B 176 -2.26 26.34 37.80
CA GLN B 176 -3.25 26.10 38.86
C GLN B 176 -2.81 26.64 40.22
N CYS B 177 -1.57 26.30 40.63
CA CYS B 177 -1.02 26.84 41.88
C CYS B 177 -0.90 28.36 41.82
N GLN B 178 -0.66 28.90 40.63
CA GLN B 178 -0.74 30.35 40.39
C GLN B 178 -2.18 30.83 40.47
N THR B 179 -3.08 30.16 39.75
CA THR B 179 -4.50 30.52 39.69
C THR B 179 -5.15 30.57 41.08
N GLN B 180 -4.76 29.67 41.98
CA GLN B 180 -5.36 29.65 43.33
C GLN B 180 -4.86 30.78 44.22
N GLU B 181 -3.58 31.12 44.13
CA GLU B 181 -3.01 32.24 44.90
C GLU B 181 -3.75 33.57 44.70
N ARG B 182 -4.13 33.86 43.45
CA ARG B 182 -4.88 35.09 43.16
C ARG B 182 -6.19 35.13 43.94
N TYR B 183 -6.96 34.03 43.88
CA TYR B 183 -8.27 33.96 44.54
C TYR B 183 -8.23 33.68 46.05
N SER B 184 -7.29 32.83 46.48
CA SER B 184 -7.16 32.43 47.89
C SER B 184 -6.65 33.58 48.78
N LYS B 185 -5.64 34.30 48.30
CA LYS B 185 -5.10 35.46 49.04
C LYS B 185 -5.97 36.72 48.92
N GLU B 186 -7.05 36.67 48.13
CA GLU B 186 -8.17 37.61 48.26
C GLU B 186 -9.09 37.18 49.43
N TYR B 187 -9.32 35.86 49.54
CA TYR B 187 -10.17 35.27 50.59
C TYR B 187 -9.49 34.99 51.95
N ILE B 188 -8.22 35.39 52.09
CA ILE B 188 -7.57 35.52 53.41
C ILE B 188 -7.80 36.94 53.95
N GLU B 189 -7.45 37.96 53.17
CA GLU B 189 -7.40 39.35 53.64
C GLU B 189 -8.78 39.90 53.93
N LYS B 190 -9.68 39.80 52.93
CA LYS B 190 -11.09 40.07 53.17
C LYS B 190 -11.56 39.09 54.23
N PHE B 191 -12.21 39.62 55.27
CA PHE B 191 -12.69 38.87 56.44
C PHE B 191 -11.58 38.54 57.45
N LYS B 192 -10.65 37.65 57.10
CA LYS B 192 -9.60 37.12 58.01
C LYS B 192 -10.14 36.48 59.30
N ARG B 193 -10.62 37.31 60.25
CA ARG B 193 -11.14 36.83 61.55
C ARG B 193 -12.17 35.69 61.49
N GLU B 194 -12.94 35.62 60.41
CA GLU B 194 -13.93 34.54 60.19
C GLU B 194 -13.25 33.19 59.88
N GLY B 195 -13.03 32.39 60.92
CA GLY B 195 -12.32 31.11 60.79
C GLY B 195 -10.91 31.31 60.25
N ASN B 196 -10.13 32.14 60.95
CA ASN B 196 -8.83 32.62 60.45
C ASN B 196 -7.85 31.49 60.09
N GLU B 197 -7.84 30.42 60.89
CA GLU B 197 -7.10 29.19 60.55
C GLU B 197 -8.02 28.07 60.05
N LYS B 198 -9.25 27.99 60.58
CA LYS B 198 -10.26 27.02 60.09
C LYS B 198 -10.49 27.08 58.58
N GLU B 199 -10.42 28.28 58.01
CA GLU B 199 -10.49 28.50 56.57
C GLU B 199 -9.14 28.17 55.95
N ILE B 200 -8.11 28.86 56.42
CA ILE B 200 -6.83 28.98 55.70
C ILE B 200 -5.94 27.73 55.82
N GLN B 201 -6.16 26.92 56.86
CA GLN B 201 -5.55 25.58 56.93
C GLN B 201 -5.94 24.79 55.68
N ARG B 202 -7.25 24.57 55.52
CA ARG B 202 -7.78 23.73 54.44
C ARG B 202 -7.64 24.37 53.04
N ILE B 203 -7.34 25.67 52.98
CA ILE B 203 -6.86 26.32 51.75
C ILE B 203 -5.36 26.05 51.52
N MET B 204 -4.57 26.11 52.58
CA MET B 204 -3.13 25.81 52.48
C MET B 204 -2.88 24.30 52.23
N HIS B 205 -3.75 23.44 52.75
CA HIS B 205 -3.63 21.97 52.57
C HIS B 205 -3.76 21.58 51.10
N ASN B 206 -4.83 22.07 50.48
CA ASN B 206 -5.04 21.97 49.05
C ASN B 206 -3.84 22.53 48.25
N TYR B 207 -3.33 23.68 48.65
CA TYR B 207 -2.15 24.29 48.01
C TYR B 207 -0.89 23.46 48.21
N ASP B 208 -0.75 22.84 49.39
CA ASP B 208 0.40 21.94 49.63
C ASP B 208 0.29 20.68 48.76
N LYS B 209 -0.88 20.05 48.73
CA LYS B 209 -1.11 18.89 47.83
C LYS B 209 -0.84 19.23 46.35
N LEU B 210 -1.28 20.43 45.94
CA LEU B 210 -1.08 20.92 44.57
C LEU B 210 0.39 20.99 44.16
N LYS B 211 1.24 21.56 45.02
CA LYS B 211 2.65 21.78 44.64
C LYS B 211 3.54 20.54 44.71
N SER B 212 3.34 19.65 45.69
CA SER B 212 4.12 18.40 45.75
C SER B 212 3.63 17.40 44.69
N ARG B 213 2.39 17.59 44.20
CA ARG B 213 1.90 16.89 43.01
C ARG B 213 2.70 17.35 41.79
N ILE B 214 2.93 18.66 41.65
CA ILE B 214 3.82 19.20 40.62
C ILE B 214 5.22 18.60 40.75
N SER B 215 5.74 18.54 41.97
CA SER B 215 7.05 17.92 42.25
C SER B 215 7.13 16.49 41.74
N GLU B 216 6.05 15.72 41.91
CA GLU B 216 5.96 14.35 41.36
C GLU B 216 5.94 14.32 39.83
N ILE B 217 5.11 15.16 39.21
CA ILE B 217 4.99 15.20 37.74
C ILE B 217 6.33 15.51 37.07
N ILE B 218 7.07 16.46 37.66
CA ILE B 218 8.36 16.89 37.13
C ILE B 218 9.37 15.75 37.24
N ASP B 219 9.40 15.10 38.40
CA ASP B 219 10.26 13.91 38.61
C ASP B 219 9.84 12.69 37.78
N SER B 220 8.56 12.64 37.39
CA SER B 220 8.13 11.70 36.36
C SER B 220 8.77 12.04 35.01
N ARG B 221 8.73 13.32 34.63
CA ARG B 221 9.27 13.77 33.33
C ARG B 221 10.78 13.61 33.22
N ARG B 222 11.49 14.09 34.23
CA ARG B 222 12.95 13.95 34.31
C ARG B 222 13.37 12.50 34.04
N ARG B 223 12.69 11.57 34.71
CA ARG B 223 12.97 10.14 34.61
C ARG B 223 12.70 9.56 33.21
N LEU B 224 11.81 10.20 32.45
CA LEU B 224 11.59 9.81 31.06
C LEU B 224 12.81 10.19 30.23
N GLU B 225 13.24 11.44 30.36
CA GLU B 225 14.38 11.96 29.61
C GLU B 225 15.68 11.17 29.81
N GLU B 226 15.90 10.64 31.01
CA GLU B 226 17.06 9.77 31.26
C GLU B 226 16.94 8.48 30.44
N ASP B 227 15.72 7.94 30.31
CA ASP B 227 15.44 6.74 29.49
C ASP B 227 15.60 7.04 28.00
N LEU B 228 15.18 8.24 27.58
CA LEU B 228 15.29 8.69 26.19
C LEU B 228 16.73 8.65 25.67
N LYS B 229 17.66 9.14 26.49
CA LYS B 229 19.09 9.10 26.13
C LYS B 229 19.63 7.68 26.17
N LYS B 230 19.16 6.87 27.12
CA LYS B 230 19.50 5.42 27.17
C LYS B 230 18.91 4.63 26.00
N GLN B 231 17.76 5.06 25.50
CA GLN B 231 17.15 4.51 24.29
C GLN B 231 17.95 4.93 23.05
N ALA B 232 18.14 6.24 22.88
CA ALA B 232 18.91 6.76 21.73
C ALA B 232 20.35 6.24 21.71
N ALA B 233 20.88 5.91 22.90
CA ALA B 233 22.17 5.23 22.99
C ALA B 233 22.11 3.87 22.30
N GLU B 234 21.16 3.02 22.73
CA GLU B 234 20.91 1.71 22.10
C GLU B 234 20.59 1.86 20.60
N TYR B 235 19.84 2.91 20.26
CA TYR B 235 19.47 3.23 18.86
C TYR B 235 20.72 3.38 17.99
N ARG B 236 21.69 4.14 18.48
CA ARG B 236 22.99 4.27 17.82
C ARG B 236 23.72 2.92 17.74
N GLU B 237 23.71 2.16 18.83
CA GLU B 237 24.37 0.85 18.88
C GLU B 237 23.78 -0.21 17.94
N ILE B 238 22.49 -0.09 17.61
CA ILE B 238 21.85 -0.94 16.60
C ILE B 238 22.39 -0.58 15.21
N ASP B 239 22.23 0.69 14.84
CA ASP B 239 22.69 1.24 13.57
C ASP B 239 24.18 0.95 13.34
N LYS B 240 24.97 1.17 14.39
CA LYS B 240 26.40 0.88 14.41
C LYS B 240 26.74 -0.54 13.97
N ARG B 241 25.96 -1.51 14.46
CA ARG B 241 26.15 -2.93 14.12
C ARG B 241 25.43 -3.37 12.84
N MET B 242 24.41 -2.63 12.42
CA MET B 242 23.85 -2.80 11.08
C MET B 242 24.91 -2.52 10.01
N ASN B 243 25.60 -1.39 10.17
CA ASN B 243 26.65 -0.95 9.24
C ASN B 243 27.91 -1.81 9.23
N SER B 244 28.09 -2.62 10.27
CA SER B 244 29.16 -3.62 10.33
C SER B 244 28.71 -5.01 9.88
N ILE B 245 27.41 -5.28 9.89
CA ILE B 245 26.84 -6.50 9.31
C ILE B 245 26.65 -6.38 7.78
N LYS B 246 26.35 -5.18 7.29
CA LYS B 246 26.13 -4.95 5.85
C LYS B 246 27.29 -5.35 4.90
N PRO B 247 28.52 -4.83 5.11
CA PRO B 247 29.61 -5.05 4.14
C PRO B 247 30.02 -6.53 4.01
N ASP B 248 29.94 -7.25 5.13
CA ASP B 248 30.17 -8.70 5.15
C ASP B 248 29.05 -9.43 4.42
N LEU B 249 27.80 -9.01 4.66
CA LEU B 249 26.63 -9.58 3.97
C LEU B 249 26.69 -9.43 2.44
N ILE B 250 27.28 -8.34 1.95
CA ILE B 250 27.43 -8.13 0.49
C ILE B 250 28.47 -9.11 -0.09
N GLN B 251 29.63 -9.22 0.56
CA GLN B 251 30.71 -10.09 0.07
C GLN B 251 30.44 -11.57 0.29
N LEU B 252 29.76 -11.91 1.40
CA LEU B 252 29.27 -13.28 1.66
C LEU B 252 28.29 -13.74 0.59
N ARG B 253 27.45 -12.81 0.14
CA ARG B 253 26.54 -13.07 -0.96
C ARG B 253 27.34 -13.19 -2.26
N LYS B 254 28.25 -12.26 -2.50
CA LYS B 254 29.02 -12.24 -3.75
C LYS B 254 29.93 -13.46 -3.94
N THR B 255 30.56 -13.91 -2.84
CA THR B 255 31.37 -15.14 -2.87
C THR B 255 30.49 -16.37 -3.14
N ARG B 256 29.34 -16.43 -2.46
CA ARG B 256 28.34 -17.50 -2.64
C ARG B 256 27.77 -17.58 -4.07
N ASP B 257 27.74 -16.45 -4.79
CA ASP B 257 27.27 -16.44 -6.18
C ASP B 257 28.32 -16.98 -7.16
N GLN B 258 29.59 -16.64 -6.96
CA GLN B 258 30.68 -17.18 -7.79
C GLN B 258 30.94 -18.67 -7.55
N TYR B 259 30.75 -19.12 -6.31
CA TYR B 259 30.72 -20.56 -5.96
C TYR B 259 29.61 -21.35 -6.65
N LEU B 260 28.49 -20.66 -6.91
CA LEU B 260 27.37 -21.23 -7.66
C LEU B 260 27.55 -21.07 -9.19
N MET B 261 28.27 -20.02 -9.61
CA MET B 261 28.70 -19.88 -11.02
C MET B 261 29.67 -20.99 -11.40
N TRP B 262 30.74 -21.15 -10.61
CA TRP B 262 31.77 -22.18 -10.85
C TRP B 262 31.21 -23.59 -11.08
N LEU B 263 30.16 -23.96 -10.33
CA LEU B 263 29.51 -25.26 -10.45
C LEU B 263 28.78 -25.42 -11.78
N THR B 264 27.89 -24.45 -12.06
CA THR B 264 27.07 -24.46 -13.27
C THR B 264 27.90 -24.43 -14.57
N GLN B 265 29.14 -23.97 -14.49
CA GLN B 265 30.12 -24.18 -15.57
C GLN B 265 30.56 -25.66 -15.59
N GLY B 267 29.32 -29.16 -14.72
CA GLY B 267 28.11 -29.96 -14.95
C GLY B 267 26.87 -29.15 -14.62
N VAL B 268 25.80 -29.38 -15.39
CA VAL B 268 24.57 -28.56 -15.31
C VAL B 268 23.99 -28.62 -13.90
N ARG B 269 23.40 -29.76 -13.54
CA ARG B 269 22.94 -30.04 -12.16
C ARG B 269 22.18 -28.89 -11.50
N GLN B 270 21.23 -28.31 -12.24
CA GLN B 270 20.35 -27.24 -11.73
C GLN B 270 19.52 -27.72 -10.54
N LYS B 271 19.11 -28.99 -10.61
CA LYS B 271 18.21 -29.61 -9.63
C LYS B 271 18.92 -30.17 -8.39
N LYS B 272 20.16 -30.61 -8.55
CA LYS B 272 20.98 -31.13 -7.44
C LYS B 272 21.31 -30.08 -6.37
N LEU B 273 21.45 -28.83 -6.82
CA LEU B 273 21.79 -27.68 -5.97
C LEU B 273 20.96 -27.52 -4.68
N ASN B 274 19.65 -27.76 -4.79
CA ASN B 274 18.67 -27.35 -3.76
C ASN B 274 18.86 -27.91 -2.33
N GLU B 275 19.48 -29.08 -2.19
CA GLU B 275 19.70 -29.66 -0.84
C GLU B 275 20.79 -28.90 -0.06
N TRP B 276 21.87 -28.53 -0.77
CA TRP B 276 22.91 -27.64 -0.22
C TRP B 276 22.35 -26.27 0.16
N LEU B 277 21.47 -25.76 -0.69
CA LEU B 277 20.89 -24.42 -0.54
C LEU B 277 19.56 -24.48 0.21
C5 71A C . 14.56 1.10 -15.44
C4 71A C . 15.10 0.15 -14.55
C6 71A C . 15.42 1.93 -16.16
C2 71A C . 17.29 0.82 -15.09
N3 71A C . 16.44 0.05 -14.41
O1 71A C . 17.68 2.57 -16.67
C1 71A C . 16.80 1.78 -15.99
C1 71B D . -23.29 9.94 17.55
O1 71B D . -22.94 8.73 18.21
C2 71B D . -21.65 8.59 18.66
C3 71B D . -21.12 9.54 19.51
C4 71B D . -19.82 9.42 19.96
C5 71B D . -19.05 8.32 19.57
C6 71B D . -19.58 7.36 18.71
C7 71B D . -20.89 7.49 18.27
F8 71B D . -21.87 10.59 19.89
N9 71B D . -17.65 8.20 20.07
#